data_3P0J
#
_entry.id   3P0J
#
_cell.length_a   57.519
_cell.length_b   111.934
_cell.length_c   141.043
_cell.angle_alpha   74.47
_cell.angle_beta   80.83
_cell.angle_gamma   77.13
#
_symmetry.space_group_name_H-M   'P 1'
#
loop_
_entity.id
_entity.type
_entity.pdbx_description
1 polymer 'Tyrosyl-tRNA synthetase'
2 non-polymer 4-[(2S)-2-amino-3-hydroxypropyl]phenol
3 non-polymer 'SODIUM ION'
#
_entity_poly.entity_id   1
_entity_poly.type   'polypeptide(L)'
_entity_poly.pdbx_seq_one_letter_code
;MAHHHHHHMNTDERYKLLRSVGEECIQESELRNLIEKKPLIRCYDGFEPSGRMHIAQGIFKAVNVNKCTAAGCEFVFWVA
DWFALMNDKVGGELEKIRIVGRYLIEVWKAAGMDMDKVLFLWSSEEITSHADTYWRMVLDIGRQNTIARIKKCCTIMGKT
EGTLTAAQVLYPLMQCCDIFFLKADICQLGLDQRKVNMLAREYCDLIGRKLKPVILSHHMLAGLKQGQAKMSKSDPDSAI
FMEDTEEDVARKIRQAYCPRVKQSASAITDDGAPVATDDRNPVLDYFQCVVYARPGAAATIDGTTYATYEDLEQAFVSDE
VSEDALKSCLIDEVNALLEPVRQHFASNEEAHELLEAVKSYRKDGATLPLAETALPAAPAKPHACMWMPALLKVPLDVAE
GMIKVTKDFIAAHPEGTVTLVLPDWSAVASDEITGVEKDISAALQVNCALLKAYGLPSSVKIVTENEVILGNCDDFWVSV
IGIARKNLLSHVEELYGGEVRNAGQVIAALMRVATALMLSVSHVISTSLDGHINAFAREYTKERIDCVQTLEGRIPALHR
PGAAPAVLGADDVLYLDDNDMDIRRKIKKAYSAPNEEANPVISVAQHLLAQHGALSIERGEANGGNVSYNTPEALVADCG
SGALHPADLKAAVLQLLLDRSAQARALLNGELKKNMTVLRNAEKKMAKKR
;
_entity_poly.pdbx_strand_id   A,B,C,D
#
# COMPACT_ATOMS: atom_id res chain seq x y z
N HIS A 7 30.47 0.20 -51.67
CA HIS A 7 29.63 -1.00 -51.33
C HIS A 7 29.27 -1.05 -49.84
N HIS A 8 27.99 -0.86 -49.55
CA HIS A 8 27.49 -1.06 -48.19
C HIS A 8 27.12 -2.53 -47.97
N MET A 9 27.75 -3.15 -46.97
CA MET A 9 27.41 -4.53 -46.58
C MET A 9 26.03 -4.59 -45.95
N ASN A 10 25.24 -5.57 -46.36
CA ASN A 10 23.97 -5.84 -45.68
C ASN A 10 24.28 -6.36 -44.28
N THR A 11 23.26 -6.41 -43.44
CA THR A 11 23.43 -6.77 -42.05
C THR A 11 23.96 -8.19 -41.85
N ASP A 12 23.64 -9.11 -42.76
CA ASP A 12 24.23 -10.45 -42.69
C ASP A 12 25.72 -10.43 -43.01
N GLU A 13 26.11 -9.63 -44.00
CA GLU A 13 27.51 -9.57 -44.41
C GLU A 13 28.37 -8.88 -43.36
N ARG A 14 27.78 -7.96 -42.59
CA ARG A 14 28.49 -7.26 -41.53
C ARG A 14 28.79 -8.28 -40.43
N TYR A 15 27.76 -9.03 -40.05
CA TYR A 15 27.89 -10.06 -39.04
C TYR A 15 29.01 -11.01 -39.45
N LYS A 16 28.83 -11.65 -40.60
CA LYS A 16 29.83 -12.61 -41.11
C LYS A 16 31.25 -12.08 -41.01
N LEU A 17 31.45 -10.80 -41.35
CA LEU A 17 32.81 -10.25 -41.41
C LEU A 17 33.40 -10.07 -40.04
N LEU A 18 32.58 -9.58 -39.10
CA LEU A 18 33.03 -9.38 -37.74
C LEU A 18 33.29 -10.71 -37.07
N ARG A 19 32.43 -11.69 -37.35
CA ARG A 19 32.56 -13.03 -36.76
C ARG A 19 33.84 -13.69 -37.18
N SER A 20 34.23 -13.47 -38.44
CA SER A 20 35.41 -14.10 -39.00
C SER A 20 36.66 -13.77 -38.20
N VAL A 21 36.65 -12.59 -37.55
CA VAL A 21 37.76 -12.17 -36.67
C VAL A 21 38.09 -13.19 -35.59
N GLY A 22 37.06 -13.80 -35.02
CA GLY A 22 37.23 -14.65 -33.83
C GLY A 22 37.38 -16.14 -34.08
N GLU A 23 38.41 -16.73 -33.47
CA GLU A 23 38.55 -18.18 -33.39
C GLU A 23 37.49 -18.77 -32.49
N GLU A 24 36.88 -17.94 -31.66
CA GLU A 24 35.70 -18.33 -30.90
C GLU A 24 34.87 -17.10 -30.67
N CYS A 25 33.57 -17.28 -30.46
CA CYS A 25 32.70 -16.16 -30.16
C CYS A 25 31.77 -16.54 -29.02
N ILE A 26 31.89 -15.85 -27.88
CA ILE A 26 31.01 -16.11 -26.76
C ILE A 26 29.70 -15.35 -26.90
N GLN A 27 28.67 -16.11 -27.28
CA GLN A 27 27.37 -15.62 -27.66
C GLN A 27 27.47 -14.93 -29.01
N GLU A 28 27.10 -15.69 -30.03
CA GLU A 28 26.96 -15.18 -31.39
C GLU A 28 25.66 -14.40 -31.41
N SER A 29 24.67 -14.87 -30.67
CA SER A 29 23.42 -14.14 -30.51
C SER A 29 23.71 -12.72 -30.08
N GLU A 30 24.57 -12.58 -29.08
CA GLU A 30 24.92 -11.25 -28.58
C GLU A 30 25.61 -10.45 -29.67
N LEU A 31 26.46 -11.11 -30.46
CA LEU A 31 27.17 -10.45 -31.55
C LEU A 31 26.18 -9.95 -32.58
N ARG A 32 25.24 -10.80 -32.99
CA ARG A 32 24.21 -10.35 -33.92
C ARG A 32 23.46 -9.13 -33.43
N ASN A 33 22.80 -9.29 -32.30
CA ASN A 33 22.01 -8.20 -31.74
C ASN A 33 22.80 -6.88 -31.64
N LEU A 34 24.12 -6.99 -31.59
CA LEU A 34 24.99 -5.81 -31.55
C LEU A 34 25.01 -5.22 -32.96
N ILE A 35 25.32 -6.08 -33.93
CA ILE A 35 25.30 -5.74 -35.35
C ILE A 35 23.97 -5.17 -35.81
N GLU A 36 22.88 -5.69 -35.27
CA GLU A 36 21.56 -5.30 -35.72
C GLU A 36 21.06 -4.00 -35.11
N LYS A 37 21.37 -3.77 -33.84
CA LYS A 37 20.85 -2.61 -33.14
C LYS A 37 21.85 -1.48 -33.00
N LYS A 38 23.10 -1.80 -32.69
CA LYS A 38 24.04 -0.77 -32.18
C LYS A 38 24.93 -0.14 -33.26
N PRO A 39 24.90 1.20 -33.37
CA PRO A 39 25.66 1.92 -34.38
C PRO A 39 27.17 1.87 -34.24
N LEU A 40 27.70 2.23 -33.08
CA LEU A 40 29.15 2.32 -32.94
C LEU A 40 29.60 1.31 -31.91
N ILE A 41 29.43 0.04 -32.26
CA ILE A 41 29.83 -1.06 -31.41
C ILE A 41 31.28 -0.84 -30.97
N ARG A 42 31.55 -0.96 -29.68
CA ARG A 42 32.91 -0.84 -29.16
C ARG A 42 33.67 -2.16 -29.15
N CYS A 43 34.68 -2.29 -29.99
CA CYS A 43 35.68 -3.32 -29.77
C CYS A 43 36.82 -2.71 -29.01
N TYR A 44 37.31 -3.39 -27.99
CA TYR A 44 38.56 -2.97 -27.40
C TYR A 44 39.56 -4.11 -27.47
N ASP A 45 40.83 -3.75 -27.35
CA ASP A 45 41.90 -4.70 -27.19
C ASP A 45 43.00 -3.92 -26.51
N GLY A 46 43.92 -4.58 -25.81
CA GLY A 46 44.93 -3.85 -25.06
C GLY A 46 46.32 -4.43 -25.12
N PHE A 47 47.31 -3.62 -24.76
CA PHE A 47 48.68 -4.09 -24.76
C PHE A 47 49.66 -3.24 -23.94
N GLU A 48 50.70 -3.86 -23.38
CA GLU A 48 51.82 -3.11 -22.81
C GLU A 48 52.87 -2.95 -23.89
N PRO A 49 53.21 -1.72 -24.28
CA PRO A 49 54.25 -1.50 -25.27
C PRO A 49 55.60 -2.21 -25.00
N SER A 50 55.83 -3.33 -25.69
CA SER A 50 57.08 -4.08 -25.59
C SER A 50 58.18 -3.32 -26.30
N GLY A 51 57.90 -2.92 -27.54
CA GLY A 51 58.88 -2.20 -28.35
C GLY A 51 59.52 -3.03 -29.43
N ARG A 52 59.25 -4.34 -29.41
CA ARG A 52 59.66 -5.23 -30.47
C ARG A 52 58.41 -5.92 -30.93
N MET A 53 57.93 -5.50 -32.10
CA MET A 53 56.60 -5.86 -32.62
C MET A 53 56.73 -7.05 -33.54
N HIS A 54 55.97 -8.10 -33.26
CA HIS A 54 56.00 -9.29 -34.10
C HIS A 54 54.88 -9.21 -35.15
N ILE A 55 54.96 -10.08 -36.14
CA ILE A 55 54.11 -9.98 -37.31
C ILE A 55 52.62 -10.08 -36.97
N ALA A 56 52.28 -10.82 -35.93
CA ALA A 56 50.90 -10.89 -35.45
C ALA A 56 50.40 -9.56 -34.88
N GLN A 57 51.27 -8.78 -34.25
CA GLN A 57 50.87 -7.50 -33.66
C GLN A 57 50.76 -6.47 -34.77
N GLY A 58 51.69 -6.55 -35.73
CA GLY A 58 51.71 -5.65 -36.87
C GLY A 58 50.64 -5.97 -37.89
N ILE A 59 50.85 -7.01 -38.68
CA ILE A 59 49.97 -7.32 -39.81
C ILE A 59 48.62 -7.92 -39.36
N PHE A 60 48.65 -8.95 -38.54
CA PHE A 60 47.42 -9.67 -38.28
C PHE A 60 46.38 -8.86 -37.48
N LYS A 61 46.83 -8.03 -36.55
CA LYS A 61 45.93 -7.24 -35.71
C LYS A 61 45.21 -6.24 -36.58
N ALA A 62 45.99 -5.60 -37.45
CA ALA A 62 45.52 -4.68 -38.47
C ALA A 62 44.42 -5.27 -39.36
N VAL A 63 44.64 -6.50 -39.83
CA VAL A 63 43.62 -7.24 -40.58
C VAL A 63 42.32 -7.35 -39.77
N ASN A 64 42.46 -7.68 -38.49
CA ASN A 64 41.28 -7.81 -37.63
C ASN A 64 40.67 -6.49 -37.18
N VAL A 65 41.49 -5.47 -36.95
CA VAL A 65 40.97 -4.13 -36.66
C VAL A 65 40.16 -3.65 -37.87
N ASN A 66 40.75 -3.78 -39.05
CA ASN A 66 40.10 -3.35 -40.28
C ASN A 66 38.75 -4.04 -40.48
N LYS A 67 38.65 -5.33 -40.16
CA LYS A 67 37.40 -6.08 -40.29
C LYS A 67 36.33 -5.55 -39.36
N CYS A 68 36.75 -5.07 -38.19
CA CYS A 68 35.81 -4.56 -37.19
C CYS A 68 35.27 -3.19 -37.57
N THR A 69 36.17 -2.31 -37.99
CA THR A 69 35.80 -1.01 -38.48
C THR A 69 34.92 -1.17 -39.70
N ALA A 70 35.29 -2.11 -40.58
CA ALA A 70 34.46 -2.41 -41.76
C ALA A 70 33.06 -2.80 -41.33
N ALA A 71 32.97 -3.78 -40.44
CA ALA A 71 31.67 -4.24 -39.93
C ALA A 71 30.98 -3.21 -39.03
N GLY A 72 31.61 -2.04 -38.88
CA GLY A 72 30.94 -0.87 -38.35
C GLY A 72 31.16 -0.66 -36.88
N CYS A 73 32.31 -1.11 -36.40
CA CYS A 73 32.74 -0.88 -35.03
C CYS A 73 33.63 0.34 -34.91
N GLU A 74 33.67 0.88 -33.70
CA GLU A 74 34.69 1.81 -33.29
C GLU A 74 35.64 0.90 -32.52
N PHE A 75 36.93 0.99 -32.79
CA PHE A 75 37.90 0.10 -32.15
C PHE A 75 38.83 0.84 -31.20
N VAL A 76 38.69 0.56 -29.90
CA VAL A 76 39.48 1.21 -28.88
C VAL A 76 40.65 0.35 -28.48
N PHE A 77 41.84 0.90 -28.56
CA PHE A 77 43.02 0.26 -28.02
C PHE A 77 43.27 0.84 -26.66
N TRP A 78 43.38 -0.05 -25.67
CA TRP A 78 43.72 0.33 -24.30
C TRP A 78 45.19 0.10 -24.17
N VAL A 79 45.95 1.16 -24.04
CA VAL A 79 47.39 1.02 -23.92
C VAL A 79 47.72 0.89 -22.45
N ALA A 80 48.10 -0.29 -22.00
CA ALA A 80 48.39 -0.49 -20.58
C ALA A 80 49.73 0.10 -20.25
N ASP A 81 49.83 1.43 -20.21
CA ASP A 81 51.10 2.09 -19.91
C ASP A 81 51.22 2.44 -18.43
N TRP A 82 50.16 2.20 -17.67
CA TRP A 82 50.09 2.66 -16.28
C TRP A 82 51.24 2.11 -15.44
N PHE A 83 51.62 0.87 -15.73
CA PHE A 83 52.71 0.20 -15.01
C PHE A 83 54.07 0.85 -15.16
N ALA A 84 54.22 1.74 -16.14
CA ALA A 84 55.45 2.49 -16.34
C ALA A 84 55.73 3.44 -15.16
N LEU A 85 54.68 3.85 -14.47
CA LEU A 85 54.82 4.72 -13.29
C LEU A 85 55.64 4.13 -12.15
N MET A 86 55.80 2.81 -12.13
CA MET A 86 56.56 2.12 -11.09
C MET A 86 58.01 2.61 -11.09
N ASN A 87 58.61 2.63 -12.28
CA ASN A 87 60.00 3.00 -12.48
C ASN A 87 60.15 4.44 -12.97
N ASP A 88 59.26 5.34 -12.54
CA ASP A 88 59.19 6.68 -13.15
C ASP A 88 60.00 7.77 -12.41
N LYS A 89 59.99 7.77 -11.09
CA LYS A 89 60.69 8.80 -10.32
C LYS A 89 62.17 8.80 -10.74
N VAL A 90 62.79 7.61 -10.73
CA VAL A 90 64.09 7.40 -11.38
C VAL A 90 63.78 7.02 -12.79
N GLY A 91 64.60 7.43 -13.75
CA GLY A 91 64.43 6.99 -15.15
C GLY A 91 63.29 7.55 -16.01
N GLY A 92 62.15 7.89 -15.42
CA GLY A 92 61.05 8.51 -16.16
C GLY A 92 60.53 7.63 -17.28
N GLU A 93 60.25 6.37 -16.97
CA GLU A 93 59.88 5.38 -17.98
C GLU A 93 58.49 5.55 -18.59
N LEU A 94 57.70 6.47 -18.07
CA LEU A 94 56.39 6.72 -18.63
C LEU A 94 56.52 7.33 -20.02
N GLU A 95 57.32 8.38 -20.16
CA GLU A 95 57.52 9.05 -21.45
C GLU A 95 58.21 8.13 -22.44
N LYS A 96 59.08 7.27 -21.93
CA LYS A 96 59.76 6.30 -22.78
C LYS A 96 58.78 5.27 -23.33
N ILE A 97 57.94 4.72 -22.48
CA ILE A 97 56.93 3.75 -22.95
C ILE A 97 55.84 4.37 -23.82
N ARG A 98 55.62 5.66 -23.70
CA ARG A 98 54.66 6.34 -24.57
C ARG A 98 55.22 6.38 -26.00
N ILE A 99 56.53 6.57 -26.11
CA ILE A 99 57.20 6.59 -27.41
C ILE A 99 57.21 5.21 -28.01
N VAL A 100 57.58 4.20 -27.25
CA VAL A 100 57.49 2.83 -27.74
C VAL A 100 56.07 2.60 -28.27
N GLY A 101 55.08 3.10 -27.55
CA GLY A 101 53.70 2.98 -27.95
C GLY A 101 53.46 3.77 -29.21
N ARG A 102 53.87 5.02 -29.20
CA ARG A 102 53.72 5.84 -30.39
C ARG A 102 54.33 5.22 -31.64
N TYR A 103 55.50 4.61 -31.48
CA TYR A 103 56.10 3.82 -32.54
C TYR A 103 55.16 2.67 -32.97
N LEU A 104 54.59 1.93 -32.04
CA LEU A 104 53.70 0.81 -32.40
C LEU A 104 52.52 1.27 -33.25
N ILE A 105 51.88 2.37 -32.81
CA ILE A 105 50.79 3.00 -33.56
C ILE A 105 51.26 3.35 -34.97
N GLU A 106 52.51 3.78 -35.08
CA GLU A 106 53.05 4.21 -36.37
C GLU A 106 53.42 3.04 -37.28
N VAL A 107 53.87 1.92 -36.71
CA VAL A 107 53.96 0.69 -37.50
C VAL A 107 52.58 0.36 -37.99
N TRP A 108 51.58 0.53 -37.12
CA TRP A 108 50.19 0.26 -37.48
C TRP A 108 49.64 1.11 -38.62
N LYS A 109 49.84 2.42 -38.58
CA LYS A 109 49.44 3.28 -39.69
C LYS A 109 50.00 2.73 -40.99
N ALA A 110 51.30 2.45 -41.01
CA ALA A 110 51.98 2.09 -42.26
C ALA A 110 51.64 0.69 -42.73
N ALA A 111 51.15 -0.16 -41.83
CA ALA A 111 50.73 -1.53 -42.19
C ALA A 111 49.34 -1.54 -42.79
N GLY A 112 48.70 -0.37 -42.75
CA GLY A 112 47.39 -0.18 -43.36
C GLY A 112 46.19 -0.28 -42.44
N MET A 113 46.35 0.09 -41.16
CA MET A 113 45.19 0.15 -40.27
C MET A 113 44.38 1.36 -40.68
N ASP A 114 43.11 1.18 -40.98
CA ASP A 114 42.26 2.33 -41.21
C ASP A 114 41.92 2.92 -39.86
N MET A 115 42.51 4.08 -39.57
CA MET A 115 42.38 4.74 -38.28
C MET A 115 41.12 5.64 -38.15
N ASP A 116 40.35 5.79 -39.22
CA ASP A 116 39.08 6.53 -39.17
C ASP A 116 38.23 6.17 -37.94
N LYS A 117 38.09 4.90 -37.64
CA LYS A 117 37.24 4.46 -36.56
C LYS A 117 38.02 3.81 -35.41
N VAL A 118 39.32 4.13 -35.30
CA VAL A 118 40.19 3.50 -34.30
C VAL A 118 40.70 4.51 -33.30
N LEU A 119 40.53 4.19 -32.02
CA LEU A 119 40.98 5.05 -30.92
C LEU A 119 42.14 4.45 -30.16
N PHE A 120 42.97 5.30 -29.58
CA PHE A 120 43.98 4.87 -28.62
C PHE A 120 43.79 5.59 -27.28
N LEU A 121 43.67 4.80 -26.23
CA LEU A 121 43.55 5.34 -24.89
C LEU A 121 44.75 4.96 -24.03
N TRP A 122 45.19 5.90 -23.20
CA TRP A 122 46.33 5.68 -22.35
C TRP A 122 45.90 5.49 -20.90
N SER A 123 46.16 4.28 -20.43
CA SER A 123 45.80 3.84 -19.10
C SER A 123 46.27 4.85 -18.07
N SER A 124 47.52 5.28 -18.19
CA SER A 124 48.08 6.33 -17.34
C SER A 124 47.21 7.59 -17.28
N GLU A 125 46.78 8.08 -18.44
CA GLU A 125 45.93 9.26 -18.54
C GLU A 125 44.53 8.99 -17.98
N GLU A 126 43.88 7.95 -18.51
CA GLU A 126 42.48 7.68 -18.23
C GLU A 126 42.24 7.27 -16.77
N ILE A 127 42.97 6.27 -16.29
CA ILE A 127 42.80 5.78 -14.92
C ILE A 127 42.93 6.92 -13.92
N THR A 128 44.01 7.68 -14.01
CA THR A 128 44.28 8.76 -13.06
C THR A 128 43.29 9.92 -13.16
N SER A 129 42.44 9.92 -14.17
CA SER A 129 41.39 10.94 -14.30
C SER A 129 40.06 10.52 -13.69
N HIS A 130 39.87 9.21 -13.49
CA HIS A 130 38.73 8.69 -12.72
C HIS A 130 39.18 7.62 -11.71
N ALA A 131 40.19 7.96 -10.91
CA ALA A 131 40.80 7.03 -9.95
C ALA A 131 39.76 6.39 -9.07
N ASP A 132 38.85 7.20 -8.55
CA ASP A 132 37.68 6.75 -7.80
C ASP A 132 36.93 5.61 -8.51
N THR A 133 36.29 5.91 -9.64
CA THR A 133 35.42 4.93 -10.31
C THR A 133 36.20 3.66 -10.70
N TYR A 134 37.45 3.83 -11.13
CA TYR A 134 38.27 2.71 -11.53
C TYR A 134 38.65 1.82 -10.34
N TRP A 135 39.48 2.33 -9.44
CA TRP A 135 40.04 1.53 -8.37
C TRP A 135 38.99 0.95 -7.44
N ARG A 136 37.84 1.59 -7.29
CA ARG A 136 36.78 1.01 -6.48
C ARG A 136 36.25 -0.24 -7.14
N MET A 137 36.07 -0.19 -8.45
CA MET A 137 35.64 -1.37 -9.18
C MET A 137 36.70 -2.46 -9.10
N VAL A 138 37.96 -2.09 -9.13
CA VAL A 138 39.01 -3.09 -9.06
C VAL A 138 38.85 -3.91 -7.79
N LEU A 139 38.63 -3.20 -6.68
CA LEU A 139 38.56 -3.84 -5.37
C LEU A 139 37.26 -4.64 -5.23
N ASP A 140 36.21 -4.19 -5.91
CA ASP A 140 34.92 -4.87 -5.84
C ASP A 140 34.97 -6.20 -6.56
N ILE A 141 35.68 -6.21 -7.68
CA ILE A 141 35.84 -7.42 -8.48
C ILE A 141 36.57 -8.46 -7.64
N GLY A 142 37.57 -8.01 -6.89
CA GLY A 142 38.23 -8.87 -5.91
C GLY A 142 37.32 -9.27 -4.77
N ARG A 143 36.58 -8.31 -4.22
CA ARG A 143 35.64 -8.54 -3.13
C ARG A 143 34.67 -9.68 -3.41
N GLN A 144 34.12 -9.70 -4.63
CA GLN A 144 33.06 -10.65 -4.96
C GLN A 144 33.54 -11.98 -5.51
N ASN A 145 34.86 -12.22 -5.51
CA ASN A 145 35.43 -13.40 -6.16
C ASN A 145 36.38 -14.18 -5.30
N THR A 146 36.28 -15.50 -5.41
CA THR A 146 37.11 -16.43 -4.68
C THR A 146 38.51 -16.39 -5.25
N ILE A 147 39.51 -16.24 -4.40
CA ILE A 147 40.90 -16.18 -4.85
C ILE A 147 41.28 -17.29 -5.86
N ALA A 148 40.76 -18.50 -5.67
CA ALA A 148 41.01 -19.59 -6.61
C ALA A 148 40.69 -19.17 -8.03
N ARG A 149 39.59 -18.42 -8.17
CA ARG A 149 39.06 -17.99 -9.46
C ARG A 149 39.90 -16.86 -10.05
N ILE A 150 40.63 -16.14 -9.22
CA ILE A 150 41.51 -15.09 -9.73
C ILE A 150 42.87 -15.69 -10.11
N LYS A 151 43.23 -16.79 -9.48
CA LYS A 151 44.43 -17.53 -9.86
C LYS A 151 44.32 -18.12 -11.27
N LYS A 152 43.09 -18.48 -11.67
CA LYS A 152 42.83 -19.08 -12.99
C LYS A 152 42.99 -18.07 -14.12
N CYS A 153 42.94 -16.80 -13.79
CA CYS A 153 43.24 -15.75 -14.74
C CYS A 153 44.75 -15.56 -14.98
N CYS A 154 45.59 -16.12 -14.13
CA CYS A 154 47.05 -16.06 -14.28
C CYS A 154 47.61 -17.31 -14.95
N GLY A 162 55.96 -24.56 -9.13
CA GLY A 162 55.58 -24.99 -7.77
C GLY A 162 54.34 -24.26 -7.36
N THR A 163 54.50 -23.15 -6.62
CA THR A 163 53.50 -22.06 -6.63
C THR A 163 54.18 -20.69 -6.46
N LEU A 164 54.45 -20.07 -7.61
CA LEU A 164 55.34 -18.93 -7.72
C LEU A 164 54.63 -17.60 -7.57
N THR A 165 53.32 -17.63 -7.73
CA THR A 165 52.49 -16.43 -7.90
C THR A 165 52.71 -15.31 -6.89
N ALA A 166 53.19 -14.17 -7.38
CA ALA A 166 53.27 -12.96 -6.58
C ALA A 166 51.86 -12.36 -6.48
N ALA A 167 51.75 -11.04 -6.23
CA ALA A 167 50.48 -10.30 -6.42
C ALA A 167 50.27 -9.89 -7.89
N GLN A 168 50.19 -10.93 -8.74
CA GLN A 168 49.73 -10.91 -10.12
C GLN A 168 48.27 -11.34 -10.07
N VAL A 169 47.75 -11.39 -8.84
CA VAL A 169 46.36 -11.63 -8.54
C VAL A 169 45.58 -10.35 -8.78
N LEU A 170 46.34 -9.27 -8.88
CA LEU A 170 45.83 -7.92 -9.02
C LEU A 170 45.70 -7.56 -10.50
N TYR A 171 46.67 -7.97 -11.30
CA TYR A 171 46.66 -7.65 -12.73
C TYR A 171 45.34 -8.01 -13.39
N PRO A 172 44.81 -9.23 -13.17
CA PRO A 172 43.52 -9.62 -13.71
C PRO A 172 42.37 -8.72 -13.29
N LEU A 173 42.38 -8.27 -12.04
CA LEU A 173 41.29 -7.42 -11.55
C LEU A 173 41.32 -6.09 -12.27
N MET A 174 42.50 -5.48 -12.35
CA MET A 174 42.67 -4.26 -13.12
C MET A 174 42.20 -4.46 -14.56
N GLN A 175 42.67 -5.53 -15.21
CA GLN A 175 42.24 -5.82 -16.58
C GLN A 175 40.75 -5.96 -16.68
N CYS A 176 40.17 -6.79 -15.83
CA CYS A 176 38.73 -7.02 -15.80
C CYS A 176 37.97 -5.71 -15.58
N CYS A 177 38.58 -4.77 -14.86
CA CYS A 177 37.95 -3.45 -14.66
C CYS A 177 37.92 -2.64 -15.95
N ASP A 178 39.09 -2.51 -16.58
CA ASP A 178 39.22 -1.85 -17.90
C ASP A 178 38.03 -2.11 -18.78
N ILE A 179 37.65 -3.38 -18.86
CA ILE A 179 36.56 -3.79 -19.74
C ILE A 179 35.31 -2.97 -19.49
N PHE A 180 34.98 -2.75 -18.23
CA PHE A 180 33.79 -1.99 -17.88
C PHE A 180 34.02 -0.49 -17.92
N PHE A 181 35.23 -0.09 -17.55
CA PHE A 181 35.65 1.31 -17.54
C PHE A 181 35.50 1.97 -18.92
N LEU A 182 35.96 1.26 -19.95
CA LEU A 182 35.83 1.70 -21.35
C LEU A 182 34.46 1.48 -21.94
N LYS A 183 33.61 0.71 -21.27
CA LYS A 183 32.29 0.40 -21.81
C LYS A 183 32.42 -0.41 -23.11
N ALA A 184 33.30 -1.39 -23.11
CA ALA A 184 33.49 -2.27 -24.26
C ALA A 184 32.24 -3.12 -24.49
N ASP A 185 31.82 -3.23 -25.74
CA ASP A 185 30.70 -4.10 -26.12
C ASP A 185 31.22 -5.43 -26.61
N ILE A 186 32.39 -5.39 -27.23
CA ILE A 186 33.12 -6.58 -27.63
C ILE A 186 34.55 -6.50 -27.10
N CYS A 187 35.00 -7.60 -26.50
CA CYS A 187 36.39 -7.84 -26.18
C CYS A 187 37.04 -8.61 -27.31
N GLN A 188 37.81 -7.92 -28.14
CA GLN A 188 38.50 -8.52 -29.27
C GLN A 188 39.99 -8.63 -28.93
N LEU A 189 40.30 -9.58 -28.04
CA LEU A 189 41.67 -9.86 -27.65
C LEU A 189 42.06 -11.29 -28.01
N GLY A 190 43.31 -11.62 -27.75
CA GLY A 190 43.82 -12.95 -27.99
C GLY A 190 43.09 -14.01 -27.21
N LEU A 191 43.15 -15.23 -27.72
CA LEU A 191 42.45 -16.34 -27.09
C LEU A 191 43.04 -16.60 -25.70
N ASP A 192 44.31 -16.26 -25.49
CA ASP A 192 44.92 -16.48 -24.20
C ASP A 192 44.44 -15.50 -23.15
N GLN A 193 43.77 -14.41 -23.52
CA GLN A 193 43.16 -13.51 -22.52
C GLN A 193 41.75 -13.99 -22.09
N ARG A 194 41.38 -15.16 -22.57
CA ARG A 194 40.06 -15.73 -22.40
C ARG A 194 39.52 -15.62 -20.98
N LYS A 195 40.30 -16.04 -19.99
CA LYS A 195 39.74 -16.20 -18.64
C LYS A 195 39.45 -14.88 -17.91
N VAL A 196 40.26 -13.85 -18.20
CA VAL A 196 39.98 -12.51 -17.70
C VAL A 196 38.70 -11.98 -18.31
N ASN A 197 38.55 -12.11 -19.62
CA ASN A 197 37.33 -11.69 -20.31
C ASN A 197 36.11 -12.41 -19.78
N MET A 198 36.23 -13.73 -19.64
CA MET A 198 35.16 -14.53 -19.05
C MET A 198 34.81 -14.06 -17.65
N LEU A 199 35.82 -13.59 -16.90
CA LEU A 199 35.57 -13.03 -15.56
C LEU A 199 34.59 -11.88 -15.65
N ALA A 200 34.77 -11.03 -16.67
CA ALA A 200 33.92 -9.86 -16.85
C ALA A 200 32.45 -10.26 -17.04
N ARG A 201 32.22 -11.30 -17.81
CA ARG A 201 30.87 -11.79 -18.05
C ARG A 201 30.26 -12.28 -16.75
N GLU A 202 31.05 -12.98 -15.96
CA GLU A 202 30.63 -13.46 -14.66
C GLU A 202 30.29 -12.31 -13.71
N TYR A 203 30.99 -11.18 -13.91
CA TYR A 203 30.89 -10.04 -13.00
C TYR A 203 29.63 -9.25 -13.26
N CYS A 204 29.22 -9.20 -14.52
CA CYS A 204 27.94 -8.58 -14.90
C CYS A 204 26.80 -9.17 -14.08
N ASP A 205 26.76 -10.50 -14.03
CA ASP A 205 25.79 -11.21 -13.22
C ASP A 205 25.82 -10.70 -11.78
N LEU A 206 27.03 -10.55 -11.23
CA LEU A 206 27.23 -10.11 -9.85
C LEU A 206 26.76 -8.68 -9.61
N ILE A 207 26.53 -7.91 -10.66
CA ILE A 207 26.01 -6.55 -10.53
C ILE A 207 24.69 -6.36 -11.29
N GLY A 208 23.85 -7.41 -11.32
CA GLY A 208 22.50 -7.38 -11.92
C GLY A 208 22.39 -6.83 -13.35
N ARG A 209 23.47 -6.92 -14.11
CA ARG A 209 23.56 -6.23 -15.39
C ARG A 209 23.39 -7.16 -16.59
N LYS A 210 22.20 -7.12 -17.19
CA LYS A 210 21.82 -8.05 -18.25
C LYS A 210 22.80 -8.02 -19.40
N LEU A 211 23.12 -6.84 -19.91
CA LEU A 211 24.00 -6.76 -21.08
C LEU A 211 25.42 -7.16 -20.71
N LYS A 212 25.97 -8.14 -21.43
CA LYS A 212 27.29 -8.69 -21.14
C LYS A 212 28.23 -8.43 -22.31
N PRO A 213 29.53 -8.27 -22.03
CA PRO A 213 30.49 -8.15 -23.13
C PRO A 213 30.68 -9.45 -23.94
N VAL A 214 30.51 -9.38 -25.27
CA VAL A 214 30.81 -10.52 -26.15
C VAL A 214 32.31 -10.73 -26.22
N ILE A 215 32.78 -11.97 -26.14
CA ILE A 215 34.22 -12.25 -26.20
C ILE A 215 34.55 -12.76 -27.59
N LEU A 216 35.26 -11.96 -28.38
CA LEU A 216 35.56 -12.35 -29.74
C LEU A 216 37.03 -12.63 -29.88
N SER A 217 37.45 -13.78 -29.36
CA SER A 217 38.88 -14.10 -29.23
C SER A 217 39.52 -14.44 -30.58
N HIS A 218 40.63 -13.78 -30.89
CA HIS A 218 41.35 -14.01 -32.15
C HIS A 218 42.45 -15.06 -31.99
N HIS A 219 42.84 -15.64 -33.12
CA HIS A 219 43.82 -16.74 -33.16
C HIS A 219 45.20 -16.32 -32.65
N MET A 220 45.86 -17.24 -31.95
CA MET A 220 47.25 -17.02 -31.59
C MET A 220 48.14 -17.68 -32.68
N LEU A 221 48.93 -16.86 -33.37
CA LEU A 221 49.82 -17.33 -34.44
C LEU A 221 50.84 -18.34 -33.90
N ALA A 222 51.15 -19.37 -34.67
CA ALA A 222 52.03 -20.44 -34.20
C ALA A 222 53.49 -20.02 -34.27
N GLY A 223 54.30 -20.51 -33.33
CA GLY A 223 55.74 -20.29 -33.38
C GLY A 223 56.37 -21.04 -34.54
N LEU A 224 57.43 -20.46 -35.09
CA LEU A 224 58.08 -21.00 -36.29
C LEU A 224 58.81 -22.33 -36.08
N LYS A 225 59.40 -22.52 -34.91
CA LYS A 225 60.16 -23.73 -34.63
C LYS A 225 59.29 -24.81 -34.01
N GLN A 226 59.67 -26.05 -34.21
CA GLN A 226 58.84 -27.16 -33.76
C GLN A 226 58.67 -27.11 -32.27
N GLY A 227 57.45 -27.34 -31.81
CA GLY A 227 57.16 -27.41 -30.39
C GLY A 227 56.92 -26.07 -29.71
N GLN A 228 56.82 -24.99 -30.48
CA GLN A 228 56.44 -23.69 -29.89
C GLN A 228 55.05 -23.23 -30.33
N ALA A 229 54.11 -23.40 -29.42
CA ALA A 229 52.70 -23.19 -29.68
C ALA A 229 52.42 -21.76 -30.19
N LYS A 230 53.14 -20.79 -29.64
CA LYS A 230 53.03 -19.40 -30.09
C LYS A 230 54.44 -18.82 -30.16
N MET A 231 54.55 -17.51 -30.40
CA MET A 231 55.87 -16.88 -30.47
C MET A 231 56.51 -16.86 -29.09
N SER A 232 57.84 -16.81 -29.06
CA SER A 232 58.61 -16.78 -27.83
C SER A 232 59.37 -15.46 -27.65
N LYS A 233 59.12 -14.81 -26.52
CA LYS A 233 59.85 -13.59 -26.14
C LYS A 233 61.36 -13.86 -26.07
N SER A 234 61.76 -15.04 -25.57
CA SER A 234 63.17 -15.42 -25.46
C SER A 234 63.75 -16.17 -26.68
N ASP A 235 63.07 -16.14 -27.83
CA ASP A 235 63.62 -16.70 -29.08
C ASP A 235 63.19 -15.89 -30.31
N PRO A 236 64.05 -14.98 -30.79
CA PRO A 236 63.75 -14.09 -31.91
C PRO A 236 63.37 -14.81 -33.21
N ASP A 237 63.88 -16.02 -33.41
CA ASP A 237 63.58 -16.82 -34.60
C ASP A 237 62.24 -17.57 -34.52
N SER A 238 61.49 -17.37 -33.45
CA SER A 238 60.18 -17.99 -33.29
C SER A 238 59.10 -17.21 -34.00
N ALA A 239 59.42 -16.00 -34.44
CA ALA A 239 58.43 -15.15 -35.07
C ALA A 239 59.11 -14.23 -36.05
N ILE A 240 58.32 -13.71 -36.99
CA ILE A 240 58.74 -12.60 -37.81
C ILE A 240 58.45 -11.31 -37.04
N PHE A 241 59.43 -10.42 -37.03
CA PHE A 241 59.30 -9.09 -36.42
C PHE A 241 59.35 -8.03 -37.52
N MET A 242 58.81 -6.85 -37.22
CA MET A 242 58.56 -5.85 -38.25
C MET A 242 59.81 -5.07 -38.64
N GLU A 243 60.80 -5.03 -37.77
CA GLU A 243 62.08 -4.41 -38.12
C GLU A 243 63.07 -5.44 -38.73
N ASP A 244 62.60 -6.66 -39.02
CA ASP A 244 63.42 -7.68 -39.65
C ASP A 244 63.64 -7.37 -41.12
N THR A 245 64.86 -7.01 -41.50
CA THR A 245 65.22 -6.86 -42.93
C THR A 245 65.00 -8.16 -43.70
N GLU A 246 64.90 -8.06 -45.02
CA GLU A 246 64.38 -9.17 -45.80
C GLU A 246 65.21 -10.45 -45.76
N GLU A 247 66.52 -10.32 -45.50
CA GLU A 247 67.36 -11.50 -45.31
C GLU A 247 66.94 -12.27 -44.05
N ASP A 248 66.58 -11.54 -42.98
CA ASP A 248 66.14 -12.17 -41.74
C ASP A 248 64.87 -12.98 -41.95
N VAL A 249 63.91 -12.39 -42.67
CA VAL A 249 62.64 -13.06 -42.99
C VAL A 249 62.91 -14.36 -43.73
N ALA A 250 63.78 -14.29 -44.72
CA ALA A 250 64.11 -15.47 -45.52
C ALA A 250 64.67 -16.57 -44.62
N ARG A 251 65.64 -16.20 -43.77
CA ARG A 251 66.34 -17.16 -42.90
C ARG A 251 65.43 -17.80 -41.88
N LYS A 252 64.54 -16.99 -41.30
CA LYS A 252 63.62 -17.48 -40.28
C LYS A 252 62.59 -18.45 -40.87
N ILE A 253 62.06 -18.12 -42.04
CA ILE A 253 61.04 -18.96 -42.67
C ILE A 253 61.68 -20.28 -43.08
N ARG A 254 62.72 -20.20 -43.90
CA ARG A 254 63.42 -21.36 -44.44
C ARG A 254 63.51 -22.49 -43.42
N GLN A 255 64.05 -22.18 -42.24
CA GLN A 255 64.23 -23.19 -41.19
C GLN A 255 62.94 -23.63 -40.48
N ALA A 256 61.83 -22.94 -40.75
CA ALA A 256 60.57 -23.15 -40.04
C ALA A 256 60.03 -24.57 -40.15
N TYR A 257 59.38 -25.01 -39.09
CA TYR A 257 58.68 -26.29 -39.04
C TYR A 257 57.57 -26.29 -40.08
N CYS A 258 57.41 -27.40 -40.79
CA CYS A 258 56.46 -27.43 -41.89
C CYS A 258 55.97 -28.83 -42.20
N PRO A 259 55.14 -29.39 -41.30
CA PRO A 259 54.50 -30.68 -41.53
C PRO A 259 53.62 -30.72 -42.78
N ARG A 260 53.66 -31.86 -43.46
CA ARG A 260 52.83 -32.12 -44.62
C ARG A 260 51.52 -32.72 -44.12
N VAL A 261 50.69 -31.87 -43.52
CA VAL A 261 49.43 -32.28 -42.93
C VAL A 261 48.44 -31.13 -43.03
N LYS A 262 47.19 -31.44 -43.38
CA LYS A 262 46.13 -30.43 -43.37
C LYS A 262 45.88 -29.92 -41.96
N GLN A 263 45.37 -28.71 -41.86
CA GLN A 263 45.37 -27.97 -40.59
C GLN A 263 43.97 -27.73 -40.08
N SER A 264 43.49 -28.66 -39.28
CA SER A 264 42.21 -28.50 -38.60
C SER A 264 42.30 -27.53 -37.41
N ALA A 265 41.15 -27.04 -36.99
CA ALA A 265 41.02 -26.18 -35.80
C ALA A 265 41.63 -26.81 -34.57
N SER A 266 42.12 -25.96 -33.67
CA SER A 266 42.74 -26.40 -32.44
C SER A 266 41.71 -26.30 -31.30
N ALA A 267 41.17 -27.46 -30.87
CA ALA A 267 40.10 -27.48 -29.85
C ALA A 267 40.49 -26.68 -28.59
N ILE A 268 39.59 -25.83 -28.12
CA ILE A 268 39.98 -24.80 -27.13
C ILE A 268 40.01 -25.33 -25.71
N THR A 269 41.10 -24.98 -25.03
CA THR A 269 41.28 -25.22 -23.60
C THR A 269 40.79 -24.01 -22.79
N ASP A 270 40.08 -24.25 -21.69
CA ASP A 270 39.69 -23.20 -20.72
C ASP A 270 40.74 -22.09 -20.58
N ASP A 271 42.00 -22.50 -20.67
CA ASP A 271 43.15 -21.65 -20.45
C ASP A 271 43.32 -20.53 -21.47
N GLY A 272 42.88 -20.81 -22.71
CA GLY A 272 43.17 -19.95 -23.86
C GLY A 272 44.57 -20.20 -24.40
N ALA A 273 45.24 -21.21 -23.88
CA ALA A 273 46.67 -21.34 -24.02
C ALA A 273 47.00 -22.23 -25.20
N PRO A 274 47.68 -21.70 -26.25
CA PRO A 274 48.06 -22.57 -27.36
C PRO A 274 48.99 -23.71 -26.91
N VAL A 275 48.79 -24.88 -27.54
CA VAL A 275 49.56 -26.08 -27.25
C VAL A 275 50.21 -26.54 -28.56
N ALA A 276 51.53 -26.71 -28.52
CA ALA A 276 52.29 -27.15 -29.68
C ALA A 276 52.03 -28.62 -29.95
N THR A 277 51.91 -28.93 -31.22
CA THR A 277 51.66 -30.29 -31.69
C THR A 277 52.49 -30.53 -32.93
N ASP A 278 52.74 -31.81 -33.21
CA ASP A 278 53.44 -32.20 -34.43
C ASP A 278 52.63 -31.93 -35.70
N ASP A 279 51.31 -31.73 -35.56
CA ASP A 279 50.44 -31.52 -36.72
C ASP A 279 50.41 -30.09 -37.17
N ARG A 280 50.56 -29.16 -36.24
CA ARG A 280 50.47 -27.74 -36.61
C ARG A 280 51.64 -27.19 -37.41
N ASN A 281 51.30 -26.48 -38.47
CA ASN A 281 52.26 -26.03 -39.46
C ASN A 281 52.31 -24.51 -39.49
N PRO A 282 53.32 -23.91 -38.85
CA PRO A 282 53.37 -22.46 -38.80
C PRO A 282 53.48 -21.78 -40.17
N VAL A 283 54.04 -22.46 -41.16
CA VAL A 283 54.11 -21.86 -42.48
C VAL A 283 52.68 -21.72 -43.01
N LEU A 284 51.88 -22.77 -42.82
CA LEU A 284 50.46 -22.76 -43.21
C LEU A 284 49.60 -21.89 -42.28
N ASP A 285 50.10 -21.52 -41.12
CA ASP A 285 49.35 -20.67 -40.19
C ASP A 285 49.50 -19.23 -40.61
N TYR A 286 50.73 -18.83 -40.95
CA TYR A 286 51.01 -17.51 -41.50
C TYR A 286 50.26 -17.31 -42.80
N PHE A 287 50.14 -18.36 -43.60
CA PHE A 287 49.41 -18.28 -44.84
C PHE A 287 47.92 -18.05 -44.61
N GLN A 288 47.38 -18.58 -43.53
CA GLN A 288 45.96 -18.42 -43.21
C GLN A 288 45.75 -17.05 -42.59
N CYS A 289 46.62 -16.70 -41.65
CA CYS A 289 46.44 -15.50 -40.83
C CYS A 289 46.97 -14.22 -41.46
N VAL A 290 48.15 -14.28 -42.05
CA VAL A 290 48.81 -13.09 -42.56
C VAL A 290 48.50 -12.83 -44.01
N VAL A 291 48.13 -13.88 -44.78
CA VAL A 291 47.83 -13.71 -46.21
C VAL A 291 46.34 -13.74 -46.53
N TYR A 292 45.74 -14.93 -46.43
CA TYR A 292 44.35 -15.12 -46.81
C TYR A 292 43.36 -14.35 -45.95
N ALA A 293 43.68 -14.10 -44.69
CA ALA A 293 42.81 -13.27 -43.87
C ALA A 293 42.63 -11.85 -44.46
N ARG A 294 43.56 -11.41 -45.30
CA ARG A 294 43.41 -10.14 -46.02
C ARG A 294 42.30 -10.26 -47.03
N PRO A 295 41.41 -9.26 -47.07
CA PRO A 295 40.17 -9.35 -47.83
C PRO A 295 40.29 -10.00 -49.19
N GLY A 296 41.19 -9.49 -50.02
CA GLY A 296 41.22 -9.96 -51.43
C GLY A 296 42.43 -10.79 -51.79
N ALA A 297 43.27 -11.09 -50.81
CA ALA A 297 44.60 -11.60 -51.08
C ALA A 297 44.57 -13.08 -51.41
N ALA A 298 45.45 -13.47 -52.32
CA ALA A 298 45.72 -14.89 -52.55
C ALA A 298 47.21 -15.09 -52.80
N ALA A 299 47.66 -16.33 -52.69
CA ALA A 299 49.06 -16.68 -52.95
C ALA A 299 49.24 -17.31 -54.33
N THR A 300 50.33 -16.94 -55.00
CA THR A 300 50.65 -17.46 -56.34
C THR A 300 51.98 -18.21 -56.32
N ILE A 301 52.03 -19.44 -56.84
CA ILE A 301 53.28 -20.21 -56.90
C ILE A 301 53.46 -20.83 -58.28
N ASP A 302 54.50 -20.40 -58.97
CA ASP A 302 54.86 -20.88 -60.31
C ASP A 302 53.71 -20.79 -61.29
N GLY A 303 53.15 -19.59 -61.41
CA GLY A 303 52.13 -19.31 -62.43
C GLY A 303 50.69 -19.70 -62.11
N THR A 304 50.49 -20.52 -61.08
CA THR A 304 49.14 -20.83 -60.64
C THR A 304 48.84 -19.99 -59.38
N THR A 305 47.61 -19.52 -59.29
CA THR A 305 47.16 -18.68 -58.18
C THR A 305 46.09 -19.44 -57.43
N TYR A 306 46.28 -19.60 -56.13
CA TYR A 306 45.36 -20.33 -55.29
C TYR A 306 44.41 -19.33 -54.63
N ALA A 307 43.11 -19.49 -54.90
CA ALA A 307 42.10 -18.51 -54.46
C ALA A 307 41.82 -18.53 -52.96
N THR A 308 41.75 -19.74 -52.39
CA THR A 308 41.54 -19.90 -50.95
C THR A 308 42.77 -20.51 -50.30
N TYR A 309 42.87 -20.34 -48.98
CA TYR A 309 43.91 -20.99 -48.20
C TYR A 309 43.85 -22.50 -48.44
N GLU A 310 42.62 -23.03 -48.45
CA GLU A 310 42.40 -24.44 -48.71
C GLU A 310 43.10 -24.90 -49.97
N ASP A 311 42.92 -24.16 -51.06
CA ASP A 311 43.56 -24.54 -52.32
C ASP A 311 45.08 -24.72 -52.16
N LEU A 312 45.73 -23.77 -51.49
CA LEU A 312 47.16 -23.87 -51.26
C LEU A 312 47.50 -25.11 -50.42
N GLU A 313 46.78 -25.29 -49.33
CA GLU A 313 46.96 -26.46 -48.47
C GLU A 313 46.86 -27.75 -49.27
N GLN A 314 45.77 -27.88 -50.04
CA GLN A 314 45.57 -29.03 -50.93
C GLN A 314 46.79 -29.24 -51.80
N ALA A 315 47.34 -28.14 -52.31
CA ALA A 315 48.50 -28.21 -53.18
C ALA A 315 49.67 -28.83 -52.42
N PHE A 316 50.03 -28.19 -51.32
CA PHE A 316 51.18 -28.62 -50.54
C PHE A 316 51.14 -30.09 -50.18
N VAL A 317 49.98 -30.56 -49.74
CA VAL A 317 49.84 -31.93 -49.26
C VAL A 317 49.87 -32.91 -50.43
N SER A 318 49.18 -32.57 -51.51
CA SER A 318 49.21 -33.37 -52.75
C SER A 318 50.61 -33.49 -53.33
N ASP A 319 51.42 -32.47 -53.09
CA ASP A 319 52.84 -32.44 -53.47
C ASP A 319 53.06 -31.59 -54.72
N GLU A 320 52.03 -30.87 -55.15
CA GLU A 320 52.15 -29.92 -56.27
C GLU A 320 53.10 -28.78 -55.92
N VAL A 321 52.91 -28.17 -54.75
CA VAL A 321 53.86 -27.19 -54.25
C VAL A 321 54.87 -27.89 -53.33
N SER A 322 56.14 -27.67 -53.65
CA SER A 322 57.25 -28.28 -52.92
C SER A 322 57.50 -27.45 -51.68
N GLU A 323 57.86 -28.12 -50.58
CA GLU A 323 58.10 -27.41 -49.32
C GLU A 323 58.93 -26.15 -49.55
N ASP A 324 60.01 -26.29 -50.31
CA ASP A 324 60.87 -25.14 -50.57
C ASP A 324 60.05 -24.04 -51.21
N ALA A 325 59.24 -24.40 -52.20
CA ALA A 325 58.42 -23.45 -52.95
C ALA A 325 57.38 -22.76 -52.08
N LEU A 326 56.75 -23.50 -51.18
CA LEU A 326 55.77 -22.92 -50.26
C LEU A 326 56.43 -21.88 -49.39
N LYS A 327 57.57 -22.23 -48.83
CA LYS A 327 58.35 -21.30 -47.99
C LYS A 327 58.90 -20.12 -48.79
N SER A 328 59.32 -20.37 -50.03
CA SER A 328 59.67 -19.28 -50.96
C SER A 328 58.48 -18.33 -51.15
N CYS A 329 57.29 -18.90 -51.35
CA CYS A 329 56.09 -18.09 -51.54
C CYS A 329 55.85 -17.18 -50.35
N LEU A 330 55.89 -17.76 -49.15
CA LEU A 330 55.61 -17.02 -47.93
C LEU A 330 56.63 -15.89 -47.68
N ILE A 331 57.90 -16.18 -47.94
CA ILE A 331 58.96 -15.19 -47.78
C ILE A 331 58.71 -13.98 -48.66
N ASP A 332 58.43 -14.22 -49.96
CA ASP A 332 58.07 -13.14 -50.89
C ASP A 332 56.87 -12.40 -50.36
N GLU A 333 55.91 -13.17 -49.87
CA GLU A 333 54.67 -12.63 -49.37
C GLU A 333 54.89 -11.69 -48.18
N VAL A 334 55.69 -12.14 -47.21
CA VAL A 334 55.92 -11.41 -45.96
C VAL A 334 56.84 -10.21 -46.16
N ASN A 335 57.79 -10.31 -47.07
CA ASN A 335 58.64 -9.15 -47.33
C ASN A 335 57.83 -8.08 -48.04
N ALA A 336 56.82 -8.55 -48.77
CA ALA A 336 55.87 -7.69 -49.45
C ALA A 336 55.03 -6.89 -48.46
N LEU A 337 54.58 -7.53 -47.38
CA LEU A 337 53.80 -6.83 -46.36
C LEU A 337 54.67 -5.87 -45.55
N LEU A 338 55.92 -6.26 -45.32
CA LEU A 338 56.83 -5.47 -44.49
C LEU A 338 57.52 -4.30 -45.20
N GLU A 339 57.74 -4.43 -46.51
CA GLU A 339 58.47 -3.39 -47.26
C GLU A 339 57.88 -1.98 -47.16
N PRO A 340 56.56 -1.85 -47.26
CA PRO A 340 56.00 -0.52 -47.08
C PRO A 340 56.49 0.05 -45.77
N VAL A 341 56.40 -0.77 -44.72
CA VAL A 341 56.68 -0.34 -43.34
C VAL A 341 58.16 -0.01 -43.11
N ARG A 342 59.05 -0.64 -43.87
CA ARG A 342 60.47 -0.38 -43.78
C ARG A 342 60.82 0.95 -44.43
N GLN A 343 60.19 1.23 -45.57
CA GLN A 343 60.48 2.45 -46.31
C GLN A 343 60.01 3.61 -45.48
N HIS A 344 58.80 3.48 -44.95
CA HIS A 344 58.24 4.54 -44.15
C HIS A 344 59.19 4.94 -43.02
N PHE A 345 59.70 3.95 -42.28
CA PHE A 345 60.69 4.23 -41.24
C PHE A 345 62.04 4.67 -41.80
N ALA A 346 62.30 4.33 -43.06
CA ALA A 346 63.49 4.79 -43.76
C ALA A 346 63.38 6.27 -44.18
N SER A 347 62.19 6.71 -44.58
CA SER A 347 62.01 8.02 -45.18
C SER A 347 61.35 9.05 -44.27
N ASN A 348 60.38 8.61 -43.47
CA ASN A 348 59.70 9.50 -42.54
C ASN A 348 60.55 9.73 -41.29
N GLU A 349 61.29 10.82 -41.28
CA GLU A 349 62.26 11.08 -40.21
C GLU A 349 61.61 10.88 -38.84
N GLU A 350 60.51 11.59 -38.67
CA GLU A 350 59.75 11.56 -37.44
C GLU A 350 59.42 10.12 -37.04
N ALA A 351 59.17 9.28 -38.04
CA ALA A 351 58.98 7.85 -37.82
C ALA A 351 60.30 7.20 -37.44
N HIS A 352 61.31 7.39 -38.28
CA HIS A 352 62.67 6.89 -38.04
C HIS A 352 63.17 7.18 -36.63
N GLU A 353 62.96 8.41 -36.15
CA GLU A 353 63.43 8.79 -34.83
C GLU A 353 62.84 7.97 -33.70
N LEU A 354 61.54 7.69 -33.80
CA LEU A 354 60.90 6.81 -32.84
C LEU A 354 61.60 5.46 -32.82
N LEU A 355 61.93 4.94 -34.00
CA LEU A 355 62.59 3.64 -34.07
C LEU A 355 63.93 3.66 -33.35
N GLU A 356 64.79 4.62 -33.69
CA GLU A 356 66.11 4.75 -33.07
C GLU A 356 66.01 5.05 -31.57
N ALA A 357 64.87 5.63 -31.18
CA ALA A 357 64.51 5.74 -29.77
C ALA A 357 64.17 4.37 -29.19
N VAL A 358 63.33 3.61 -29.91
CA VAL A 358 62.97 2.26 -29.50
C VAL A 358 64.24 1.43 -29.38
N LYS A 359 65.17 1.63 -30.29
CA LYS A 359 66.41 0.87 -30.28
C LYS A 359 67.17 1.19 -29.02
N SER A 360 67.50 2.46 -28.83
CA SER A 360 68.32 2.90 -27.70
C SER A 360 67.86 2.37 -26.33
N TYR A 361 66.55 2.17 -26.18
CA TYR A 361 66.01 1.66 -24.93
C TYR A 361 66.51 0.25 -24.61
N ARG A 362 66.98 -0.46 -25.63
CA ARG A 362 67.61 -1.75 -25.46
C ARG A 362 69.05 -1.57 -24.94
N LYS A 363 69.20 -0.87 -23.82
CA LYS A 363 70.52 -0.61 -23.20
C LYS A 363 70.80 -1.59 -22.04
N ASP A 364 69.89 -2.57 -21.87
CA ASP A 364 70.05 -3.62 -20.84
C ASP A 364 69.72 -5.03 -21.38
N PRO A 376 61.04 4.00 0.47
CA PRO A 376 60.62 4.26 1.85
C PRO A 376 61.45 5.35 2.52
N ALA A 377 61.04 5.78 3.72
CA ALA A 377 61.81 6.77 4.50
C ALA A 377 61.37 6.84 5.96
N ALA A 378 62.34 6.81 6.88
CA ALA A 378 62.06 6.66 8.30
C ALA A 378 61.75 8.01 8.98
N PRO A 379 60.63 8.07 9.74
CA PRO A 379 60.21 9.31 10.41
C PRO A 379 61.11 9.63 11.57
N ALA A 380 61.49 10.91 11.70
CA ALA A 380 62.41 11.35 12.78
C ALA A 380 61.78 11.13 14.14
N LYS A 381 60.51 11.52 14.25
CA LYS A 381 59.74 11.41 15.49
C LYS A 381 58.79 10.21 15.39
N PRO A 382 58.68 9.41 16.46
CA PRO A 382 57.90 8.19 16.42
C PRO A 382 56.41 8.45 16.17
N HIS A 383 55.78 7.50 15.51
CA HIS A 383 54.42 7.67 15.03
C HIS A 383 53.77 6.30 14.89
N ALA A 384 52.67 6.10 15.60
CA ALA A 384 51.99 4.83 15.61
C ALA A 384 50.79 4.90 14.72
N CYS A 385 50.25 3.72 14.38
CA CYS A 385 49.21 3.56 13.40
C CYS A 385 48.25 2.48 13.88
N MET A 386 46.95 2.78 13.91
CA MET A 386 45.94 1.84 14.39
C MET A 386 44.80 1.81 13.40
N TRP A 387 44.18 0.65 13.21
CA TRP A 387 43.09 0.50 12.27
C TRP A 387 41.80 0.19 12.99
N MET A 388 40.85 1.11 12.84
CA MET A 388 39.50 0.98 13.38
C MET A 388 38.80 -0.26 12.86
N PRO A 389 38.19 -1.03 13.77
CA PRO A 389 37.54 -2.27 13.33
C PRO A 389 36.30 -2.04 12.49
N ALA A 390 36.28 -2.61 11.29
CA ALA A 390 35.12 -2.46 10.40
C ALA A 390 34.04 -3.40 10.89
N LEU A 391 33.35 -2.96 11.93
CA LEU A 391 32.31 -3.76 12.53
C LEU A 391 31.09 -2.90 12.80
N LEU A 392 29.95 -3.56 12.85
CA LEU A 392 28.67 -2.91 13.05
C LEU A 392 28.56 -2.57 14.54
N LYS A 393 28.80 -3.57 15.37
CA LYS A 393 28.84 -3.44 16.83
C LYS A 393 30.24 -3.78 17.35
N VAL A 394 30.89 -2.81 17.98
CA VAL A 394 32.28 -3.00 18.45
C VAL A 394 32.27 -3.41 19.93
N PRO A 395 32.95 -4.50 20.28
CA PRO A 395 32.94 -4.89 21.68
C PRO A 395 33.67 -3.87 22.54
N LEU A 396 33.23 -3.76 23.79
CA LEU A 396 33.80 -2.79 24.72
C LEU A 396 35.22 -3.18 25.00
N ASP A 397 35.49 -4.48 24.94
CA ASP A 397 36.81 -4.99 25.28
C ASP A 397 37.85 -4.63 24.25
N VAL A 398 37.41 -4.51 23.01
CA VAL A 398 38.28 -4.12 21.93
C VAL A 398 38.49 -2.63 21.97
N ALA A 399 37.39 -1.91 22.20
CA ALA A 399 37.45 -0.46 22.34
C ALA A 399 38.42 -0.05 23.43
N GLU A 400 38.25 -0.61 24.62
CA GLU A 400 39.09 -0.24 25.74
C GLU A 400 40.53 -0.60 25.42
N GLY A 401 40.71 -1.69 24.70
CA GLY A 401 42.04 -2.09 24.28
C GLY A 401 42.72 -0.99 23.49
N MET A 402 41.99 -0.47 22.51
CA MET A 402 42.48 0.60 21.64
C MET A 402 42.85 1.84 22.45
N ILE A 403 41.98 2.24 23.37
CA ILE A 403 42.23 3.43 24.19
C ILE A 403 43.49 3.28 25.05
N LYS A 404 43.70 2.08 25.59
CA LYS A 404 44.87 1.81 26.42
C LYS A 404 46.19 1.89 25.65
N VAL A 405 46.26 1.23 24.50
CA VAL A 405 47.50 1.24 23.68
C VAL A 405 47.86 2.65 23.27
N THR A 406 46.83 3.44 23.00
CA THR A 406 47.02 4.82 22.63
C THR A 406 47.66 5.57 23.80
N LYS A 407 47.06 5.46 24.98
CA LYS A 407 47.54 6.16 26.17
C LYS A 407 48.93 5.69 26.56
N ASP A 408 49.14 4.37 26.50
CA ASP A 408 50.46 3.77 26.71
C ASP A 408 51.50 4.29 25.71
N PHE A 409 51.12 4.38 24.45
CA PHE A 409 52.05 4.81 23.42
C PHE A 409 52.51 6.25 23.63
N ILE A 410 51.56 7.10 24.00
CA ILE A 410 51.82 8.53 24.11
C ILE A 410 52.71 8.77 25.31
N ALA A 411 52.46 8.03 26.39
CA ALA A 411 53.26 8.14 27.62
C ALA A 411 54.72 7.72 27.37
N ALA A 412 54.87 6.62 26.64
CA ALA A 412 56.17 6.11 26.22
C ALA A 412 56.88 7.05 25.25
N HIS A 413 56.09 7.76 24.44
CA HIS A 413 56.63 8.72 23.48
C HIS A 413 55.77 9.98 23.48
N PRO A 414 56.06 10.91 24.42
CA PRO A 414 55.25 12.14 24.52
C PRO A 414 55.43 13.06 23.32
N GLU A 415 56.66 13.17 22.81
CA GLU A 415 56.91 13.88 21.55
C GLU A 415 56.08 13.31 20.39
N GLY A 416 55.85 12.00 20.39
CA GLY A 416 55.31 11.28 19.23
C GLY A 416 53.83 11.47 18.93
N THR A 417 53.31 10.62 18.05
CA THR A 417 51.93 10.75 17.55
C THR A 417 51.27 9.41 17.32
N VAL A 418 49.94 9.39 17.44
CA VAL A 418 49.14 8.22 17.10
C VAL A 418 48.10 8.61 16.06
N THR A 419 47.80 7.68 15.15
CA THR A 419 46.84 7.87 14.07
C THR A 419 45.88 6.68 14.01
N LEU A 420 44.59 6.97 13.93
CA LEU A 420 43.59 5.94 13.72
C LEU A 420 43.15 6.00 12.25
N VAL A 421 43.26 4.89 11.54
CA VAL A 421 42.80 4.85 10.15
C VAL A 421 41.44 4.18 10.08
N LEU A 422 40.50 4.83 9.39
CA LEU A 422 39.23 4.21 9.12
C LEU A 422 39.32 3.64 7.71
N PRO A 423 39.28 2.31 7.59
CA PRO A 423 39.55 1.67 6.31
C PRO A 423 38.34 1.61 5.39
N ASP A 424 37.89 2.78 4.92
CA ASP A 424 36.67 2.88 4.10
C ASP A 424 36.83 2.37 2.67
N TRP A 425 38.05 1.99 2.30
CA TRP A 425 38.26 1.24 1.04
C TRP A 425 38.55 -0.23 1.34
N SER A 426 39.65 -0.49 2.02
CA SER A 426 40.08 -1.87 2.25
C SER A 426 38.98 -2.75 2.84
N ALA A 427 38.20 -2.19 3.76
CA ALA A 427 37.08 -2.90 4.35
C ALA A 427 35.97 -3.24 3.35
N VAL A 428 35.75 -2.40 2.33
CA VAL A 428 34.85 -2.78 1.24
C VAL A 428 35.48 -3.95 0.47
N ALA A 429 36.78 -3.88 0.20
CA ALA A 429 37.47 -4.94 -0.50
C ALA A 429 37.25 -6.32 0.13
N SER A 430 37.37 -6.39 1.45
CA SER A 430 37.34 -7.67 2.15
C SER A 430 35.93 -8.24 2.36
N ASP A 431 34.91 -7.47 2.01
CA ASP A 431 33.51 -7.88 2.20
C ASP A 431 33.24 -7.91 3.69
N GLU A 432 33.53 -6.78 4.34
CA GLU A 432 33.26 -6.60 5.77
C GLU A 432 31.85 -6.07 5.95
N ILE A 433 31.17 -6.56 6.97
CA ILE A 433 29.78 -6.22 7.18
C ILE A 433 29.07 -6.58 5.87
N THR A 434 28.20 -5.71 5.40
CA THR A 434 27.44 -5.95 4.18
C THR A 434 28.32 -5.90 2.94
N GLY A 435 29.48 -5.26 3.06
CA GLY A 435 30.41 -5.11 1.93
C GLY A 435 30.05 -3.98 1.00
N VAL A 436 29.15 -3.11 1.46
CA VAL A 436 28.70 -1.93 0.72
C VAL A 436 29.36 -0.70 1.29
N GLU A 437 29.82 0.19 0.42
CA GLU A 437 30.60 1.36 0.86
C GLU A 437 29.88 2.26 1.87
N LYS A 438 28.60 2.57 1.63
CA LYS A 438 27.86 3.47 2.53
C LYS A 438 27.64 2.88 3.91
N ASP A 439 27.31 1.59 3.97
CA ASP A 439 27.13 0.90 5.23
C ASP A 439 28.43 0.93 5.99
N ILE A 440 29.53 0.59 5.34
CA ILE A 440 30.80 0.47 6.06
C ILE A 440 31.30 1.82 6.54
N SER A 441 31.11 2.87 5.74
CA SER A 441 31.57 4.20 6.15
C SER A 441 30.82 4.67 7.36
N ALA A 442 29.52 4.43 7.36
CA ALA A 442 28.67 4.71 8.51
C ALA A 442 29.11 3.93 9.75
N ALA A 443 29.21 2.61 9.63
CA ALA A 443 29.68 1.78 10.76
C ALA A 443 30.96 2.33 11.37
N LEU A 444 31.91 2.75 10.54
CA LEU A 444 33.16 3.32 11.05
C LEU A 444 32.96 4.68 11.73
N GLN A 445 32.26 5.62 11.09
CA GLN A 445 32.18 6.96 11.69
C GLN A 445 31.50 6.93 13.06
N VAL A 446 30.46 6.11 13.17
CA VAL A 446 29.69 5.96 14.42
C VAL A 446 30.58 5.41 15.52
N ASN A 447 31.03 4.19 15.33
CA ASN A 447 31.88 3.52 16.30
C ASN A 447 33.15 4.29 16.65
N CYS A 448 33.71 5.03 15.71
CA CYS A 448 34.87 5.88 16.01
C CYS A 448 34.48 7.08 16.87
N ALA A 449 33.30 7.62 16.60
CA ALA A 449 32.80 8.74 17.37
C ALA A 449 32.61 8.27 18.81
N LEU A 450 32.07 7.08 18.95
CA LEU A 450 31.81 6.52 20.26
C LEU A 450 33.12 6.26 20.99
N LEU A 451 34.12 5.79 20.26
CA LEU A 451 35.43 5.48 20.84
C LEU A 451 36.12 6.71 21.42
N LYS A 452 36.04 7.84 20.71
CA LYS A 452 36.55 9.13 21.21
C LYS A 452 35.83 9.57 22.47
N ALA A 453 34.51 9.35 22.50
CA ALA A 453 33.69 9.69 23.65
C ALA A 453 33.96 8.78 24.83
N TYR A 454 34.32 7.54 24.54
CA TYR A 454 34.59 6.55 25.58
C TYR A 454 35.95 6.79 26.23
N GLY A 455 36.79 7.62 25.61
CA GLY A 455 38.09 7.99 26.19
C GLY A 455 39.33 7.96 25.31
N LEU A 456 39.20 7.68 24.01
CA LEU A 456 40.34 7.82 23.10
C LEU A 456 40.85 9.27 23.12
N PRO A 457 42.16 9.47 23.32
CA PRO A 457 42.72 10.82 23.38
C PRO A 457 42.42 11.73 22.18
N SER A 458 42.22 13.02 22.46
CA SER A 458 42.04 14.03 21.42
C SER A 458 43.27 14.10 20.53
N SER A 459 44.44 14.04 21.17
CA SER A 459 45.75 14.04 20.50
C SER A 459 45.88 13.06 19.32
N VAL A 460 45.01 12.07 19.26
CA VAL A 460 45.02 11.07 18.18
C VAL A 460 44.30 11.58 16.96
N LYS A 461 45.01 11.58 15.83
CA LYS A 461 44.47 12.04 14.56
C LYS A 461 43.64 10.94 13.91
N ILE A 462 42.50 11.33 13.32
CA ILE A 462 41.61 10.39 12.67
C ILE A 462 41.57 10.68 11.18
N VAL A 463 42.01 9.70 10.40
CA VAL A 463 42.11 9.83 8.96
C VAL A 463 41.44 8.63 8.30
N THR A 464 40.78 8.86 7.18
CA THR A 464 40.16 7.80 6.42
C THR A 464 41.08 7.45 5.29
N GLU A 465 41.00 6.19 4.84
CA GLU A 465 41.78 5.70 3.68
C GLU A 465 41.52 6.52 2.42
N ASN A 466 40.26 6.92 2.24
CA ASN A 466 39.85 7.81 1.18
C ASN A 466 40.67 9.10 1.21
N GLU A 467 40.85 9.63 2.41
CA GLU A 467 41.64 10.84 2.62
C GLU A 467 43.10 10.62 2.26
N VAL A 468 43.59 9.40 2.47
CA VAL A 468 44.98 9.07 2.19
C VAL A 468 45.20 8.81 0.71
N ILE A 469 44.21 8.17 0.08
CA ILE A 469 44.29 7.87 -1.35
C ILE A 469 44.20 9.15 -2.16
N LEU A 470 43.12 9.91 -2.00
CA LEU A 470 43.00 11.21 -2.68
C LEU A 470 44.31 11.99 -2.49
N GLY A 471 44.70 12.17 -1.23
CA GLY A 471 45.97 12.81 -0.87
C GLY A 471 47.10 12.51 -1.83
N ASN A 472 47.22 11.25 -2.27
CA ASN A 472 48.32 10.84 -3.15
C ASN A 472 47.99 9.63 -4.01
N CYS A 473 46.92 9.69 -4.80
CA CYS A 473 46.37 8.48 -5.46
C CYS A 473 47.41 7.73 -6.32
N ASP A 474 47.95 8.49 -7.28
CA ASP A 474 49.08 8.06 -8.11
C ASP A 474 50.08 7.19 -7.32
N ASP A 475 50.73 7.79 -6.32
CA ASP A 475 51.74 7.13 -5.50
C ASP A 475 51.19 5.96 -4.66
N PHE A 476 49.94 6.08 -4.22
CA PHE A 476 49.37 5.08 -3.33
C PHE A 476 49.31 3.72 -4.03
N TRP A 477 48.57 3.68 -5.13
CA TRP A 477 48.36 2.44 -5.87
C TRP A 477 49.65 1.92 -6.50
N VAL A 478 50.55 2.84 -6.86
CA VAL A 478 51.91 2.45 -7.25
C VAL A 478 52.59 1.67 -6.11
N SER A 479 52.57 2.25 -4.91
CA SER A 479 53.12 1.55 -3.75
C SER A 479 52.45 0.20 -3.56
N VAL A 480 51.13 0.17 -3.69
CA VAL A 480 50.39 -1.07 -3.50
C VAL A 480 50.93 -2.17 -4.38
N ILE A 481 51.17 -1.88 -5.65
CA ILE A 481 51.73 -2.91 -6.53
C ILE A 481 53.22 -3.18 -6.23
N GLY A 482 54.00 -2.13 -6.06
CA GLY A 482 55.41 -2.29 -5.71
C GLY A 482 55.61 -3.33 -4.63
N ILE A 483 54.86 -3.16 -3.54
CA ILE A 483 54.82 -4.11 -2.41
C ILE A 483 54.32 -5.48 -2.89
N ALA A 484 53.29 -5.46 -3.73
CA ALA A 484 52.63 -6.63 -4.24
C ALA A 484 53.58 -7.51 -5.02
N ARG A 485 54.40 -6.88 -5.86
CA ARG A 485 55.35 -7.58 -6.71
C ARG A 485 56.53 -8.19 -5.98
N LYS A 486 56.71 -7.85 -4.71
CA LYS A 486 57.83 -8.35 -3.94
C LYS A 486 57.39 -9.41 -2.94
N ASN A 487 56.11 -9.77 -2.95
CA ASN A 487 55.59 -10.76 -2.00
C ASN A 487 54.75 -11.82 -2.69
N LEU A 488 54.85 -13.04 -2.19
CA LEU A 488 54.12 -14.18 -2.72
C LEU A 488 52.68 -14.20 -2.25
N LEU A 489 51.77 -14.58 -3.13
CA LEU A 489 50.36 -14.74 -2.80
C LEU A 489 50.20 -15.65 -1.61
N SER A 490 50.93 -16.76 -1.61
CA SER A 490 50.89 -17.75 -0.52
C SER A 490 51.19 -17.14 0.85
N HIS A 491 52.07 -16.14 0.85
CA HIS A 491 52.47 -15.46 2.07
C HIS A 491 51.34 -14.58 2.59
N VAL A 492 50.61 -13.95 1.68
CA VAL A 492 49.49 -13.13 2.11
C VAL A 492 48.37 -14.03 2.60
N GLU A 493 48.22 -15.20 1.99
CA GLU A 493 47.29 -16.20 2.50
C GLU A 493 47.68 -16.67 3.93
N GLU A 494 48.97 -16.92 4.16
CA GLU A 494 49.48 -17.20 5.51
C GLU A 494 49.04 -16.12 6.48
N LEU A 495 49.35 -14.86 6.15
CA LEU A 495 49.03 -13.74 7.05
C LEU A 495 47.58 -13.79 7.55
N TYR A 496 46.67 -14.23 6.68
CA TYR A 496 45.26 -14.33 7.02
C TYR A 496 44.89 -15.65 7.70
N GLY A 497 45.89 -16.52 7.94
CA GLY A 497 45.67 -17.80 8.59
C GLY A 497 45.88 -18.96 7.63
N GLY A 498 46.11 -18.67 6.35
CA GLY A 498 46.38 -19.72 5.34
C GLY A 498 45.30 -19.76 4.27
N GLU A 499 44.06 -19.50 4.68
CA GLU A 499 42.93 -19.34 3.77
C GLU A 499 42.51 -17.87 3.75
N VAL A 500 42.14 -17.40 2.57
CA VAL A 500 41.46 -16.11 2.43
C VAL A 500 40.02 -16.29 1.96
N ARG A 501 39.17 -15.39 2.43
CA ARG A 501 37.74 -15.40 2.15
C ARG A 501 37.45 -15.09 0.67
N ASN A 502 38.08 -14.04 0.17
CA ASN A 502 37.91 -13.54 -1.20
C ASN A 502 39.19 -12.85 -1.64
N ALA A 503 39.34 -12.58 -2.93
CA ALA A 503 40.56 -11.96 -3.42
C ALA A 503 40.74 -10.53 -2.91
N GLY A 504 39.68 -9.97 -2.35
CA GLY A 504 39.75 -8.63 -1.78
C GLY A 504 40.57 -8.52 -0.51
N GLN A 505 40.61 -9.60 0.27
CA GLN A 505 41.43 -9.63 1.48
C GLN A 505 42.90 -9.45 1.12
N VAL A 506 43.33 -10.08 0.02
CA VAL A 506 44.68 -9.89 -0.54
C VAL A 506 45.01 -8.43 -0.84
N ILE A 507 44.04 -7.69 -1.36
CA ILE A 507 44.24 -6.28 -1.66
C ILE A 507 44.29 -5.47 -0.36
N ALA A 508 43.51 -5.90 0.64
CA ALA A 508 43.43 -5.19 1.90
C ALA A 508 44.80 -5.19 2.58
N ALA A 509 45.41 -6.35 2.67
CA ALA A 509 46.71 -6.50 3.28
C ALA A 509 47.74 -5.55 2.66
N LEU A 510 47.77 -5.50 1.34
CA LEU A 510 48.74 -4.70 0.63
C LEU A 510 48.50 -3.23 0.95
N MET A 511 47.23 -2.83 0.84
CA MET A 511 46.81 -1.48 1.14
C MET A 511 47.29 -1.06 2.51
N ARG A 512 47.17 -1.95 3.49
CA ARG A 512 47.58 -1.59 4.83
C ARG A 512 49.04 -1.18 4.84
N VAL A 513 49.91 -2.03 4.31
CA VAL A 513 51.32 -1.69 4.28
C VAL A 513 51.53 -0.35 3.56
N ALA A 514 50.79 -0.17 2.47
CA ALA A 514 50.84 1.07 1.69
C ALA A 514 50.51 2.29 2.53
N THR A 515 49.38 2.21 3.23
CA THR A 515 48.93 3.27 4.14
C THR A 515 49.98 3.62 5.18
N ALA A 516 50.55 2.57 5.78
CA ALA A 516 51.61 2.69 6.74
C ALA A 516 52.76 3.52 6.20
N LEU A 517 53.27 3.16 5.03
CA LEU A 517 54.41 3.84 4.44
C LEU A 517 54.12 5.29 4.07
N MET A 518 52.89 5.57 3.65
CA MET A 518 52.51 6.93 3.27
C MET A 518 52.28 7.78 4.49
N LEU A 519 51.66 7.20 5.51
CA LEU A 519 51.53 7.85 6.82
C LEU A 519 52.87 7.99 7.56
N SER A 520 53.94 7.44 6.99
CA SER A 520 55.26 7.51 7.59
C SER A 520 55.22 7.05 9.04
N VAL A 521 55.06 5.76 9.22
CA VAL A 521 54.69 5.17 10.50
C VAL A 521 55.88 4.40 11.07
N SER A 522 56.11 4.52 12.38
CA SER A 522 57.19 3.76 13.04
C SER A 522 56.66 2.54 13.77
N HIS A 523 55.37 2.56 14.10
CA HIS A 523 54.74 1.48 14.85
C HIS A 523 53.36 1.19 14.27
N VAL A 524 53.03 -0.09 14.15
CA VAL A 524 51.68 -0.49 13.78
C VAL A 524 51.03 -1.18 14.97
N ILE A 525 49.91 -0.63 15.43
CA ILE A 525 49.16 -1.19 16.55
C ILE A 525 48.15 -2.16 16.01
N SER A 526 47.91 -3.25 16.74
CA SER A 526 47.04 -4.31 16.24
C SER A 526 46.08 -4.83 17.29
N THR A 527 44.79 -4.81 16.96
CA THR A 527 43.75 -5.29 17.87
C THR A 527 43.67 -6.81 17.75
N SER A 528 42.73 -7.43 18.43
CA SER A 528 42.53 -8.87 18.27
C SER A 528 41.97 -9.16 16.89
N LEU A 529 41.24 -8.20 16.34
CA LEU A 529 40.55 -8.35 15.06
C LEU A 529 41.48 -8.22 13.86
N ASP A 530 42.65 -7.64 14.04
CA ASP A 530 43.58 -7.53 12.93
C ASP A 530 44.34 -8.85 12.70
N GLY A 531 44.34 -9.73 13.68
CA GLY A 531 45.15 -10.92 13.60
C GLY A 531 46.55 -10.55 13.13
N HIS A 532 47.10 -11.38 12.25
CA HIS A 532 48.46 -11.15 11.75
C HIS A 532 48.61 -10.21 10.56
N ILE A 533 47.52 -9.92 9.84
CA ILE A 533 47.60 -8.96 8.74
C ILE A 533 48.74 -7.94 8.92
N ASN A 534 48.73 -7.17 10.01
CA ASN A 534 49.60 -5.99 10.16
C ASN A 534 51.09 -6.27 10.23
N ALA A 535 51.48 -7.49 10.58
CA ALA A 535 52.89 -7.87 10.56
C ALA A 535 53.52 -7.63 9.19
N PHE A 536 52.72 -7.80 8.14
CA PHE A 536 53.16 -7.52 6.77
C PHE A 536 53.98 -6.23 6.68
N ALA A 537 53.48 -5.20 7.37
CA ALA A 537 54.12 -3.88 7.39
C ALA A 537 55.49 -3.99 7.97
N ARG A 538 55.58 -4.72 9.06
CA ARG A 538 56.85 -4.95 9.71
C ARG A 538 57.80 -5.70 8.78
N GLU A 539 57.36 -6.84 8.27
CA GLU A 539 58.22 -7.65 7.39
C GLU A 539 58.68 -6.84 6.22
N TYR A 540 57.75 -6.09 5.62
CA TYR A 540 58.05 -5.39 4.39
C TYR A 540 59.21 -4.43 4.56
N THR A 541 59.10 -3.55 5.54
CA THR A 541 60.15 -2.59 5.85
C THR A 541 61.33 -3.23 6.61
N LYS A 542 61.48 -4.55 6.51
CA LYS A 542 62.63 -5.25 7.09
C LYS A 542 62.80 -4.95 8.57
N GLU A 543 61.68 -5.00 9.29
CA GLU A 543 61.66 -4.89 10.74
C GLU A 543 62.01 -3.49 11.26
N ARG A 544 62.09 -2.50 10.38
CA ARG A 544 62.22 -1.10 10.80
C ARG A 544 60.96 -0.65 11.56
N ILE A 545 59.80 -1.12 11.12
CA ILE A 545 58.54 -0.80 11.79
C ILE A 545 58.26 -1.83 12.88
N ASP A 546 58.10 -1.38 14.12
CA ASP A 546 57.84 -2.28 15.23
C ASP A 546 56.35 -2.60 15.34
N CYS A 547 56.02 -3.77 15.88
CA CYS A 547 54.63 -4.16 16.14
C CYS A 547 54.25 -3.93 17.58
N VAL A 548 53.09 -3.30 17.80
CA VAL A 548 52.54 -3.14 19.14
C VAL A 548 51.20 -3.85 19.18
N GLN A 549 50.93 -4.55 20.27
CA GLN A 549 49.73 -5.38 20.36
C GLN A 549 48.79 -4.86 21.46
N THR A 550 47.51 -4.94 21.18
CA THR A 550 46.48 -4.40 22.05
C THR A 550 46.45 -5.33 23.23
N LEU A 551 45.96 -4.87 24.39
CA LEU A 551 45.76 -5.78 25.54
C LEU A 551 44.26 -5.92 25.83
N GLU A 552 43.71 -7.09 25.50
CA GLU A 552 42.25 -7.32 25.58
C GLU A 552 41.96 -8.42 26.60
N GLY A 553 40.73 -8.93 26.61
CA GLY A 553 40.33 -9.96 27.56
C GLY A 553 40.18 -9.47 29.00
N ARG A 554 39.92 -8.16 29.16
CA ARG A 554 39.64 -7.59 30.47
C ARG A 554 38.12 -7.43 30.68
N ILE A 555 37.34 -7.49 29.59
CA ILE A 555 35.88 -7.53 29.64
C ILE A 555 35.38 -8.71 28.81
N PRO A 556 35.01 -9.82 29.47
CA PRO A 556 34.55 -11.01 28.75
C PRO A 556 33.09 -10.97 28.42
N ALA A 557 32.66 -11.90 27.56
CA ALA A 557 31.24 -12.12 27.31
C ALA A 557 30.59 -12.51 28.62
N LEU A 558 29.32 -12.18 28.76
CA LEU A 558 28.63 -12.23 30.04
C LEU A 558 28.04 -13.59 30.44
N HIS A 559 27.93 -14.54 29.52
CA HIS A 559 27.28 -15.82 29.82
C HIS A 559 28.17 -16.74 30.63
N ARG A 560 27.56 -17.78 31.20
CA ARG A 560 28.30 -18.77 32.00
C ARG A 560 29.28 -19.55 31.12
N PRO A 561 30.57 -19.58 31.50
CA PRO A 561 31.61 -20.29 30.72
C PRO A 561 31.24 -21.69 30.23
N GLY A 562 31.33 -21.88 28.91
CA GLY A 562 30.88 -23.12 28.26
C GLY A 562 29.37 -23.23 28.24
N ALA A 570 26.05 -13.68 20.17
CA ALA A 570 24.76 -13.30 20.77
C ALA A 570 24.77 -11.85 21.31
N ASP A 571 23.70 -11.50 22.02
CA ASP A 571 23.62 -10.22 22.73
C ASP A 571 24.02 -10.42 24.23
N ASP A 572 25.17 -11.04 24.43
CA ASP A 572 25.79 -11.18 25.74
C ASP A 572 27.20 -10.62 25.72
N VAL A 573 27.39 -9.57 24.92
CA VAL A 573 28.66 -8.84 24.88
C VAL A 573 28.34 -7.36 24.95
N LEU A 574 29.16 -6.62 25.70
CA LEU A 574 28.97 -5.18 25.85
C LEU A 574 29.68 -4.50 24.69
N TYR A 575 28.93 -3.72 23.90
CA TYR A 575 29.46 -2.99 22.76
C TYR A 575 29.40 -1.47 23.01
N LEU A 576 30.11 -0.66 22.23
CA LEU A 576 30.13 0.78 22.47
C LEU A 576 28.74 1.37 22.30
N ASP A 577 28.04 0.95 21.25
CA ASP A 577 26.72 1.47 20.90
C ASP A 577 25.57 0.98 21.81
N ASP A 578 25.89 0.28 22.89
CA ASP A 578 24.89 -0.10 23.88
C ASP A 578 24.30 1.17 24.47
N ASN A 579 22.99 1.35 24.32
CA ASN A 579 22.26 2.41 25.01
C ASN A 579 22.08 1.96 26.45
N ASP A 580 21.50 2.80 27.31
CA ASP A 580 21.33 2.44 28.73
C ASP A 580 20.31 1.29 28.88
N MET A 581 19.31 1.25 27.99
CA MET A 581 18.33 0.17 28.01
C MET A 581 18.98 -1.19 27.71
N ASP A 582 19.97 -1.19 26.79
CA ASP A 582 20.74 -2.39 26.43
C ASP A 582 21.60 -2.93 27.58
N ILE A 583 22.34 -2.03 28.22
CA ILE A 583 23.30 -2.40 29.26
C ILE A 583 22.57 -3.17 30.35
N ARG A 584 21.55 -2.54 30.92
CA ARG A 584 20.72 -3.15 31.97
C ARG A 584 20.34 -4.58 31.62
N ARG A 585 19.87 -4.79 30.41
CA ARG A 585 19.43 -6.10 29.96
C ARG A 585 20.60 -7.07 30.02
N LYS A 586 21.72 -6.65 29.44
CA LYS A 586 22.90 -7.52 29.37
C LYS A 586 23.48 -7.81 30.74
N ILE A 587 23.56 -6.78 31.58
CA ILE A 587 24.05 -6.94 32.95
C ILE A 587 23.06 -7.71 33.81
N LYS A 588 21.80 -7.76 33.40
CA LYS A 588 20.82 -8.61 34.09
C LYS A 588 21.10 -10.06 33.72
N LYS A 589 21.12 -10.34 32.42
CA LYS A 589 21.39 -11.69 31.92
C LYS A 589 22.76 -12.20 32.33
N ALA A 590 23.69 -11.28 32.58
CA ALA A 590 25.08 -11.62 32.91
C ALA A 590 25.14 -12.70 33.97
N TYR A 591 26.00 -13.69 33.78
CA TYR A 591 26.07 -14.83 34.70
C TYR A 591 26.87 -14.51 35.95
N SER A 592 26.30 -14.89 37.08
CA SER A 592 26.96 -14.79 38.38
C SER A 592 26.18 -15.67 39.32
N ALA A 593 26.88 -16.36 40.21
CA ALA A 593 26.26 -17.17 41.25
C ALA A 593 26.93 -16.85 42.56
N PRO A 594 26.34 -17.29 43.68
CA PRO A 594 26.92 -16.93 44.95
C PRO A 594 28.10 -17.85 45.31
N ASN A 595 29.09 -17.27 45.99
CA ASN A 595 30.29 -17.99 46.43
C ASN A 595 31.21 -18.36 45.28
N GLU A 596 31.28 -17.46 44.30
CA GLU A 596 32.17 -17.64 43.16
C GLU A 596 33.30 -16.62 43.25
N GLU A 597 34.54 -17.11 43.16
CA GLU A 597 35.72 -16.26 43.10
C GLU A 597 35.97 -15.75 41.68
N ALA A 598 35.37 -16.41 40.69
CA ALA A 598 35.55 -16.04 39.30
C ALA A 598 34.29 -16.26 38.47
N ASN A 599 33.91 -15.21 37.73
CA ASN A 599 32.82 -15.23 36.76
C ASN A 599 32.94 -13.95 35.94
N PRO A 600 32.00 -13.69 35.00
CA PRO A 600 32.15 -12.49 34.16
C PRO A 600 31.86 -11.20 34.92
N VAL A 601 30.85 -11.22 35.78
CA VAL A 601 30.49 -10.02 36.53
C VAL A 601 31.63 -9.62 37.48
N ILE A 602 32.39 -10.60 37.98
CA ILE A 602 33.60 -10.28 38.74
C ILE A 602 34.67 -9.71 37.81
N SER A 603 34.89 -10.36 36.66
CA SER A 603 35.85 -9.85 35.67
C SER A 603 35.61 -8.39 35.35
N VAL A 604 34.38 -8.05 34.99
CA VAL A 604 34.04 -6.67 34.64
C VAL A 604 34.35 -5.78 35.83
N ALA A 605 33.90 -6.23 37.00
CA ALA A 605 34.12 -5.50 38.27
C ALA A 605 35.60 -5.30 38.51
N GLN A 606 36.37 -6.36 38.31
CA GLN A 606 37.82 -6.29 38.50
C GLN A 606 38.39 -5.27 37.53
N HIS A 607 37.84 -5.25 36.32
CA HIS A 607 38.32 -4.30 35.32
C HIS A 607 38.05 -2.88 35.78
N LEU A 608 36.78 -2.58 36.04
CA LEU A 608 36.39 -1.24 36.46
C LEU A 608 37.30 -0.76 37.58
N LEU A 609 37.50 -1.63 38.56
CA LEU A 609 38.27 -1.29 39.75
C LEU A 609 39.71 -0.84 39.45
N ALA A 610 40.32 -1.38 38.39
CA ALA A 610 41.72 -1.10 38.09
C ALA A 610 41.88 0.32 37.55
N GLN A 611 41.09 0.62 36.52
CA GLN A 611 41.09 1.93 35.91
C GLN A 611 40.77 3.03 36.91
N HIS A 612 39.60 2.94 37.54
CA HIS A 612 39.18 3.97 38.48
C HIS A 612 40.15 4.13 39.65
N GLY A 613 40.74 3.02 40.08
CA GLY A 613 41.61 2.98 41.28
C GLY A 613 40.94 2.39 42.52
N ALA A 614 39.62 2.20 42.43
CA ALA A 614 38.80 1.71 43.55
C ALA A 614 37.43 1.27 43.03
N LEU A 615 36.57 0.81 43.94
CA LEU A 615 35.23 0.33 43.60
C LEU A 615 34.40 0.23 44.87
N SER A 616 33.45 1.15 45.02
CA SER A 616 32.60 1.19 46.23
C SER A 616 31.21 0.68 45.92
N ILE A 617 30.56 0.11 46.92
CA ILE A 617 29.21 -0.42 46.74
C ILE A 617 28.33 -0.06 47.94
N GLU A 618 27.12 0.37 47.63
CA GLU A 618 26.17 0.79 48.66
C GLU A 618 25.36 -0.40 49.18
N ARG A 619 25.43 -0.65 50.48
CA ARG A 619 24.71 -1.76 51.11
C ARG A 619 24.07 -1.27 52.39
N GLY A 620 22.87 -1.74 52.66
CA GLY A 620 22.18 -1.42 53.91
C GLY A 620 22.82 -2.20 55.03
N GLU A 621 23.18 -1.53 56.12
CA GLU A 621 23.80 -2.21 57.26
C GLU A 621 22.88 -3.34 57.67
N ALA A 622 23.45 -4.48 58.03
CA ALA A 622 22.67 -5.71 58.26
C ALA A 622 22.61 -6.52 56.97
N ASN A 623 22.88 -5.87 55.84
CA ASN A 623 23.22 -6.58 54.61
C ASN A 623 24.75 -6.56 54.45
N GLY A 624 25.42 -5.87 55.37
CA GLY A 624 26.88 -5.76 55.37
C GLY A 624 27.43 -4.35 55.61
N GLY A 625 26.70 -3.34 55.15
CA GLY A 625 27.14 -1.94 55.25
C GLY A 625 27.95 -1.47 54.05
N ASN A 626 28.06 -0.16 53.86
CA ASN A 626 28.80 0.40 52.72
C ASN A 626 30.28 0.00 52.81
N VAL A 627 30.87 -0.38 51.68
CA VAL A 627 32.23 -0.92 51.68
C VAL A 627 32.98 -0.80 50.34
N SER A 628 34.13 -0.13 50.37
CA SER A 628 34.90 0.18 49.16
C SER A 628 36.13 -0.72 49.02
N TYR A 629 36.28 -1.34 47.85
CA TYR A 629 37.41 -2.22 47.58
C TYR A 629 38.47 -1.48 46.79
N ASN A 630 39.67 -1.39 47.37
CA ASN A 630 40.81 -0.74 46.72
C ASN A 630 41.84 -1.75 46.19
N THR A 631 41.42 -3.00 46.05
CA THR A 631 42.32 -4.12 45.72
C THR A 631 41.51 -5.34 45.27
N PRO A 632 41.89 -5.96 44.14
CA PRO A 632 41.03 -7.00 43.56
C PRO A 632 40.98 -8.29 44.38
N GLU A 633 42.06 -8.62 45.08
CA GLU A 633 42.09 -9.77 45.98
C GLU A 633 40.87 -9.67 46.90
N ALA A 634 40.88 -8.64 47.76
CA ALA A 634 39.79 -8.35 48.69
C ALA A 634 38.40 -8.59 48.09
N LEU A 635 38.22 -8.16 46.83
CA LEU A 635 36.95 -8.35 46.10
C LEU A 635 36.64 -9.85 45.98
N VAL A 636 37.61 -10.60 45.49
CA VAL A 636 37.50 -12.07 45.38
C VAL A 636 37.24 -12.65 46.76
N ALA A 637 38.03 -12.19 47.73
CA ALA A 637 37.90 -12.64 49.11
C ALA A 637 36.45 -12.61 49.53
N ASP A 638 35.84 -11.44 49.39
CA ASP A 638 34.43 -11.26 49.78
C ASP A 638 33.45 -12.04 48.89
N CYS A 639 33.73 -12.17 47.60
CA CYS A 639 32.79 -12.82 46.68
C CYS A 639 32.63 -14.31 46.91
N GLY A 640 33.75 -15.00 47.09
CA GLY A 640 33.74 -16.46 47.13
C GLY A 640 33.30 -16.99 48.48
N SER A 641 33.64 -16.25 49.51
CA SER A 641 33.37 -16.69 50.83
C SER A 641 33.05 -15.44 51.65
N GLY A 642 31.77 -15.19 51.85
CA GLY A 642 31.36 -13.92 52.41
C GLY A 642 30.13 -13.31 51.76
N ALA A 643 29.76 -12.15 52.30
CA ALA A 643 28.49 -11.53 52.02
C ALA A 643 28.71 -10.28 51.22
N LEU A 644 29.47 -10.42 50.14
CA LEU A 644 29.28 -9.55 48.99
C LEU A 644 28.38 -10.37 48.11
N HIS A 645 27.08 -10.09 48.19
CA HIS A 645 26.12 -10.78 47.38
C HIS A 645 26.38 -10.34 45.94
N PRO A 646 26.15 -11.26 44.99
CA PRO A 646 26.22 -10.89 43.58
C PRO A 646 25.30 -9.71 43.21
N ALA A 647 24.10 -9.68 43.77
CA ALA A 647 23.15 -8.62 43.44
C ALA A 647 23.74 -7.24 43.72
N ASP A 648 24.49 -7.13 44.81
CA ASP A 648 25.11 -5.86 45.20
C ASP A 648 26.30 -5.53 44.30
N LEU A 649 27.03 -6.55 43.91
CA LEU A 649 28.12 -6.39 42.95
C LEU A 649 27.60 -5.86 41.61
N LYS A 650 26.60 -6.53 41.05
CA LYS A 650 26.01 -6.13 39.77
C LYS A 650 25.47 -4.71 39.84
N ALA A 651 24.71 -4.40 40.88
CA ALA A 651 24.18 -3.06 41.07
C ALA A 651 25.28 -2.00 40.93
N ALA A 652 26.41 -2.24 41.58
CA ALA A 652 27.53 -1.31 41.55
C ALA A 652 28.24 -1.30 40.20
N VAL A 653 28.32 -2.46 39.56
CA VAL A 653 28.94 -2.57 38.21
C VAL A 653 28.08 -1.87 37.16
N LEU A 654 26.80 -2.26 37.07
CA LEU A 654 25.83 -1.64 36.14
C LEU A 654 25.84 -0.13 36.20
N GLN A 655 25.84 0.42 37.42
CA GLN A 655 25.84 1.87 37.57
C GLN A 655 27.14 2.48 37.03
N LEU A 656 28.25 1.76 37.24
CA LEU A 656 29.56 2.24 36.80
C LEU A 656 29.71 2.28 35.29
N LEU A 657 29.19 1.25 34.60
CA LEU A 657 29.17 1.25 33.13
C LEU A 657 28.32 2.43 32.65
N LEU A 658 27.18 2.67 33.30
CA LEU A 658 26.31 3.78 32.91
C LEU A 658 27.03 5.11 33.03
N ASP A 659 27.61 5.40 34.20
CA ASP A 659 28.36 6.64 34.40
C ASP A 659 29.46 6.77 33.35
N ARG A 660 30.17 5.67 33.11
CA ARG A 660 31.29 5.64 32.16
C ARG A 660 30.89 5.77 30.69
N SER A 661 29.62 5.53 30.37
CA SER A 661 29.17 5.52 28.96
C SER A 661 28.30 6.72 28.58
N ALA A 662 28.10 7.63 29.52
CA ALA A 662 27.17 8.77 29.36
C ALA A 662 27.34 9.53 28.04
N GLN A 663 28.46 10.22 27.87
CA GLN A 663 28.77 10.93 26.64
C GLN A 663 28.48 10.09 25.41
N ALA A 664 28.90 8.82 25.44
CA ALA A 664 28.74 7.94 24.28
C ALA A 664 27.26 7.74 23.93
N ARG A 665 26.44 7.45 24.94
CA ARG A 665 25.02 7.17 24.71
C ARG A 665 24.22 8.42 24.36
N ALA A 666 24.76 9.59 24.72
CA ALA A 666 24.17 10.88 24.37
C ALA A 666 24.29 11.17 22.88
N LEU A 667 25.34 10.61 22.28
CA LEU A 667 25.57 10.72 20.85
C LEU A 667 24.72 9.73 20.06
N LEU A 668 24.36 8.59 20.66
CA LEU A 668 23.47 7.64 19.98
C LEU A 668 22.17 8.33 19.64
N ASN A 669 21.54 8.89 20.67
CA ASN A 669 20.23 9.54 20.51
C ASN A 669 20.35 10.94 19.90
N GLY A 670 21.49 11.58 20.07
CA GLY A 670 21.71 12.93 19.53
C GLY A 670 22.34 12.98 18.14
N GLU A 671 23.61 13.34 18.09
CA GLU A 671 24.33 13.63 16.84
C GLU A 671 24.44 12.46 15.84
N LEU A 672 24.49 11.23 16.35
CA LEU A 672 24.64 10.05 15.48
C LEU A 672 23.31 9.39 15.12
N LYS A 673 22.20 10.03 15.50
CA LYS A 673 20.85 9.45 15.34
C LYS A 673 20.62 9.00 13.89
N LYS A 674 20.94 9.88 12.97
CA LYS A 674 20.65 9.64 11.56
C LYS A 674 21.55 8.52 11.07
N ASN A 675 22.85 8.62 11.39
CA ASN A 675 23.83 7.65 10.89
C ASN A 675 23.57 6.24 11.42
N MET A 676 23.02 6.13 12.64
CA MET A 676 22.63 4.85 13.24
C MET A 676 21.59 4.11 12.40
N THR A 677 20.71 4.87 11.73
CA THR A 677 19.64 4.30 10.93
C THR A 677 20.19 3.34 9.90
N VAL A 678 21.19 3.79 9.15
CA VAL A 678 21.84 2.96 8.13
C VAL A 678 22.32 1.63 8.71
N LEU A 679 22.78 1.67 9.96
CA LEU A 679 23.38 0.49 10.59
C LEU A 679 22.36 -0.60 10.91
N ARG A 680 21.18 -0.20 11.35
CA ARG A 680 20.14 -1.20 11.61
C ARG A 680 19.55 -1.69 10.29
N ASN A 681 19.49 -0.81 9.29
CA ASN A 681 19.12 -1.26 7.95
C ASN A 681 20.11 -2.31 7.45
N ALA A 682 21.39 -2.10 7.73
CA ALA A 682 22.43 -3.04 7.33
C ALA A 682 22.27 -4.37 8.05
N GLU A 683 22.14 -4.29 9.36
CA GLU A 683 21.92 -5.47 10.16
C GLU A 683 20.74 -6.26 9.58
N LYS A 684 19.67 -5.56 9.21
CA LYS A 684 18.49 -6.23 8.72
C LYS A 684 18.84 -7.07 7.50
N LYS A 685 19.53 -6.44 6.55
CA LYS A 685 19.98 -7.12 5.34
C LYS A 685 20.68 -8.42 5.71
N MET A 686 21.68 -8.33 6.56
CA MET A 686 22.57 -9.46 6.83
C MET A 686 21.88 -10.65 7.50
N ALA A 687 20.79 -10.40 8.21
CA ALA A 687 20.01 -11.47 8.83
C ALA A 687 19.37 -12.35 7.74
N LYS A 688 19.05 -11.75 6.59
CA LYS A 688 18.48 -12.45 5.42
C LYS A 688 17.76 -13.78 5.75
N HIS B 7 50.23 18.89 -19.91
CA HIS B 7 50.60 17.76 -18.99
C HIS B 7 49.32 16.99 -18.60
N HIS B 8 49.07 16.83 -17.28
CA HIS B 8 47.87 16.17 -16.80
C HIS B 8 47.06 17.05 -15.85
N MET B 9 45.81 17.33 -16.22
CA MET B 9 44.98 18.33 -15.55
C MET B 9 44.06 17.70 -14.51
N ASN B 10 43.72 18.47 -13.47
CA ASN B 10 42.80 17.98 -12.43
C ASN B 10 41.37 18.11 -12.95
N THR B 11 40.41 17.56 -12.19
CA THR B 11 39.02 17.50 -12.65
C THR B 11 38.42 18.89 -12.92
N ASP B 12 38.85 19.88 -12.15
CA ASP B 12 38.45 21.27 -12.40
C ASP B 12 39.06 21.77 -13.69
N GLU B 13 40.38 21.64 -13.80
CA GLU B 13 41.11 22.11 -14.97
C GLU B 13 40.60 21.46 -16.26
N ARG B 14 40.07 20.24 -16.16
CA ARG B 14 39.46 19.57 -17.30
C ARG B 14 38.16 20.24 -17.70
N TYR B 15 37.37 20.67 -16.72
CA TYR B 15 36.13 21.39 -16.99
C TYR B 15 36.39 22.81 -17.50
N LYS B 16 37.42 23.46 -16.97
CA LYS B 16 37.80 24.78 -17.46
C LYS B 16 38.12 24.71 -18.95
N LEU B 17 38.94 23.72 -19.32
CA LEU B 17 39.38 23.61 -20.70
C LEU B 17 38.20 23.35 -21.62
N LEU B 18 37.36 22.38 -21.27
CA LEU B 18 36.25 21.99 -22.13
C LEU B 18 35.21 23.11 -22.29
N ARG B 19 35.01 23.91 -21.24
CA ARG B 19 34.07 25.03 -21.29
C ARG B 19 34.64 26.19 -22.12
N SER B 20 35.96 26.33 -22.17
CA SER B 20 36.57 27.37 -23.01
C SER B 20 36.20 27.22 -24.49
N VAL B 21 35.94 25.99 -24.91
CA VAL B 21 35.59 25.68 -26.30
C VAL B 21 34.33 26.39 -26.77
N GLY B 22 33.36 26.53 -25.89
CA GLY B 22 32.08 27.15 -26.26
C GLY B 22 32.02 28.63 -25.93
N GLU B 23 31.45 29.40 -26.83
CA GLU B 23 31.05 30.78 -26.55
C GLU B 23 29.79 30.74 -25.68
N GLU B 24 29.06 29.64 -25.79
CA GLU B 24 27.88 29.32 -25.01
C GLU B 24 27.98 27.86 -24.62
N CYS B 25 27.37 27.51 -23.49
CA CYS B 25 27.34 26.13 -22.99
C CYS B 25 26.03 25.91 -22.24
N ILE B 26 25.13 25.14 -22.84
CA ILE B 26 23.82 24.93 -22.25
C ILE B 26 23.99 24.01 -21.06
N GLN B 27 23.60 24.51 -19.89
CA GLN B 27 23.68 23.72 -18.68
C GLN B 27 25.12 23.30 -18.39
N GLU B 28 25.85 24.27 -17.84
CA GLU B 28 27.18 24.06 -17.30
C GLU B 28 27.15 22.94 -16.27
N SER B 29 26.03 22.81 -15.55
CA SER B 29 25.89 21.72 -14.57
C SER B 29 25.91 20.36 -15.27
N GLU B 30 25.31 20.26 -16.45
CA GLU B 30 25.32 19.00 -17.20
C GLU B 30 26.73 18.63 -17.66
N LEU B 31 27.54 19.63 -17.99
CA LEU B 31 28.89 19.45 -18.48
C LEU B 31 29.84 18.98 -17.38
N ARG B 32 29.67 19.52 -16.18
CA ARG B 32 30.48 19.11 -15.02
C ARG B 32 30.20 17.66 -14.63
N ASN B 33 28.93 17.27 -14.65
CA ASN B 33 28.54 15.91 -14.30
C ASN B 33 29.11 14.88 -15.29
N LEU B 34 29.31 15.31 -16.53
CA LEU B 34 29.97 14.48 -17.53
C LEU B 34 31.47 14.39 -17.23
N ILE B 35 32.07 15.55 -16.97
CA ILE B 35 33.49 15.63 -16.66
C ILE B 35 33.82 14.77 -15.43
N GLU B 36 32.99 14.85 -14.40
CA GLU B 36 33.22 14.11 -13.15
C GLU B 36 32.87 12.62 -13.22
N LYS B 37 31.94 12.22 -14.09
CA LYS B 37 31.46 10.83 -14.12
C LYS B 37 31.83 10.05 -15.38
N LYS B 38 31.72 10.65 -16.55
CA LYS B 38 31.91 9.88 -17.79
C LYS B 38 33.34 9.91 -18.35
N PRO B 39 33.94 8.72 -18.58
CA PRO B 39 35.29 8.64 -19.11
C PRO B 39 35.45 8.93 -20.60
N LEU B 40 34.54 8.46 -21.45
CA LEU B 40 34.69 8.72 -22.89
C LEU B 40 33.55 9.55 -23.47
N ILE B 41 33.56 10.84 -23.14
CA ILE B 41 32.51 11.77 -23.55
C ILE B 41 32.50 11.92 -25.08
N ARG B 42 31.36 11.71 -25.74
CA ARG B 42 31.24 12.01 -27.18
C ARG B 42 30.95 13.48 -27.42
N CYS B 43 31.90 14.16 -28.03
CA CYS B 43 31.59 15.43 -28.67
C CYS B 43 31.45 15.05 -30.11
N TYR B 44 30.47 15.60 -30.81
CA TYR B 44 30.38 15.42 -32.25
C TYR B 44 30.17 16.77 -32.88
N ASP B 45 30.53 16.86 -34.17
CA ASP B 45 30.22 18.00 -35.04
C ASP B 45 30.00 17.45 -36.43
N GLY B 46 29.40 18.24 -37.29
CA GLY B 46 28.93 17.76 -38.60
C GLY B 46 29.12 18.77 -39.70
N PHE B 47 29.47 18.27 -40.89
CA PHE B 47 29.82 19.11 -42.03
C PHE B 47 29.20 18.60 -43.30
N GLU B 48 28.77 19.55 -44.13
CA GLU B 48 28.39 19.22 -45.50
C GLU B 48 29.58 19.56 -46.36
N PRO B 49 30.12 18.56 -47.07
CA PRO B 49 31.21 18.86 -47.99
C PRO B 49 30.77 19.77 -49.13
N SER B 50 30.89 21.08 -48.91
CA SER B 50 30.50 22.09 -49.92
C SER B 50 31.60 22.30 -50.94
N GLY B 51 32.85 22.22 -50.47
CA GLY B 51 34.02 22.24 -51.32
C GLY B 51 35.28 22.53 -50.54
N ARG B 52 35.73 23.78 -50.59
CA ARG B 52 37.03 24.13 -50.07
C ARG B 52 36.88 24.48 -48.61
N MET B 53 37.84 24.06 -47.79
CA MET B 53 37.75 24.29 -46.35
C MET B 53 38.30 25.68 -46.04
N HIS B 54 37.55 26.45 -45.27
CA HIS B 54 38.01 27.77 -44.83
C HIS B 54 38.62 27.63 -43.44
N ILE B 55 39.27 28.68 -42.95
CA ILE B 55 40.16 28.56 -41.81
C ILE B 55 39.44 28.13 -40.53
N ALA B 56 38.24 28.65 -40.30
CA ALA B 56 37.45 28.26 -39.12
C ALA B 56 37.11 26.78 -39.10
N GLN B 57 36.93 26.21 -40.28
CA GLN B 57 36.48 24.82 -40.42
C GLN B 57 37.61 23.82 -40.25
N GLY B 58 38.86 24.29 -40.32
CA GLY B 58 40.06 23.44 -40.22
C GLY B 58 40.90 23.69 -38.98
N ILE B 59 41.53 24.87 -38.91
CA ILE B 59 42.44 25.22 -37.81
C ILE B 59 41.72 25.50 -36.51
N PHE B 60 40.73 26.39 -36.56
CA PHE B 60 39.97 26.70 -35.35
C PHE B 60 39.19 25.47 -34.83
N LYS B 61 38.76 24.61 -35.75
CA LYS B 61 38.15 23.33 -35.37
C LYS B 61 39.20 22.42 -34.74
N ALA B 62 40.38 22.36 -35.36
CA ALA B 62 41.49 21.61 -34.81
C ALA B 62 41.75 22.01 -33.36
N VAL B 63 41.86 23.31 -33.10
CA VAL B 63 42.10 23.83 -31.76
C VAL B 63 41.07 23.32 -30.77
N ASN B 64 39.80 23.50 -31.09
CA ASN B 64 38.74 23.08 -30.18
C ASN B 64 38.62 21.57 -29.98
N VAL B 65 38.89 20.79 -31.02
CA VAL B 65 38.86 19.34 -30.85
C VAL B 65 39.98 18.93 -29.92
N ASN B 66 41.11 19.65 -29.99
CA ASN B 66 42.25 19.37 -29.12
C ASN B 66 42.04 19.81 -27.68
N LYS B 67 41.14 20.75 -27.48
CA LYS B 67 40.70 21.10 -26.14
C LYS B 67 39.74 20.04 -25.64
N CYS B 68 38.87 19.55 -26.52
CA CYS B 68 37.92 18.47 -26.17
C CYS B 68 38.63 17.18 -25.80
N THR B 69 39.51 16.70 -26.68
CA THR B 69 40.16 15.41 -26.44
C THR B 69 41.09 15.46 -25.23
N ALA B 70 41.72 16.60 -25.00
CA ALA B 70 42.55 16.81 -23.81
C ALA B 70 41.70 16.79 -22.53
N ALA B 71 40.53 17.42 -22.58
CA ALA B 71 39.55 17.35 -21.50
C ALA B 71 39.07 15.93 -21.27
N GLY B 72 39.32 15.04 -22.22
CA GLY B 72 39.03 13.62 -22.04
C GLY B 72 37.83 13.15 -22.84
N CYS B 73 37.56 13.82 -23.95
CA CYS B 73 36.49 13.43 -24.86
C CYS B 73 36.98 12.63 -26.05
N GLU B 74 36.03 12.05 -26.74
CA GLU B 74 36.18 11.39 -28.02
C GLU B 74 35.42 12.29 -28.97
N PHE B 75 35.99 12.60 -30.13
CA PHE B 75 35.38 13.56 -31.06
C PHE B 75 34.98 12.93 -32.39
N VAL B 76 33.69 12.73 -32.60
CA VAL B 76 33.18 12.24 -33.87
C VAL B 76 33.00 13.36 -34.90
N PHE B 77 33.68 13.26 -36.04
CA PHE B 77 33.44 14.12 -37.21
C PHE B 77 32.39 13.46 -38.08
N TRP B 78 31.20 14.02 -38.08
CA TRP B 78 30.05 13.50 -38.81
C TRP B 78 30.07 14.12 -40.19
N VAL B 79 30.69 13.43 -41.14
CA VAL B 79 30.77 13.94 -42.49
C VAL B 79 29.38 13.81 -43.14
N ALA B 80 28.71 14.95 -43.32
CA ALA B 80 27.28 14.99 -43.60
C ALA B 80 26.94 15.09 -45.09
N ASP B 81 27.25 14.06 -45.85
CA ASP B 81 27.17 14.13 -47.31
C ASP B 81 25.74 14.25 -47.88
N TRP B 82 24.81 13.46 -47.34
CA TRP B 82 23.39 13.56 -47.68
C TRP B 82 22.80 14.91 -47.32
N PHE B 83 23.30 15.52 -46.26
CA PHE B 83 22.81 16.84 -45.84
C PHE B 83 23.17 17.90 -46.90
N ALA B 84 24.42 17.90 -47.34
CA ALA B 84 24.86 18.70 -48.49
C ALA B 84 23.95 18.49 -49.72
N LEU B 85 23.55 17.25 -49.94
CA LEU B 85 22.65 16.91 -51.05
C LEU B 85 21.31 17.59 -50.84
N MET B 86 20.81 17.55 -49.61
CA MET B 86 19.53 18.18 -49.27
C MET B 86 19.58 19.71 -49.20
N ASN B 87 20.78 20.28 -49.03
CA ASN B 87 20.95 21.73 -49.09
C ASN B 87 21.55 22.21 -50.41
N ASP B 88 21.66 21.30 -51.39
CA ASP B 88 22.07 21.61 -52.78
C ASP B 88 23.47 22.21 -52.92
N LYS B 89 24.43 21.59 -52.24
CA LYS B 89 25.74 22.18 -52.02
C LYS B 89 26.72 22.05 -53.20
N VAL B 90 26.85 20.86 -53.77
CA VAL B 90 27.82 20.68 -54.87
C VAL B 90 27.08 20.22 -56.11
N GLY B 91 26.25 21.13 -56.63
CA GLY B 91 25.30 20.78 -57.68
C GLY B 91 24.55 19.51 -57.40
N GLY B 92 24.20 19.25 -56.14
CA GLY B 92 23.46 18.04 -55.78
C GLY B 92 23.89 16.77 -56.50
N GLU B 93 25.18 16.66 -56.78
CA GLU B 93 25.76 15.45 -57.33
C GLU B 93 26.42 14.72 -56.17
N LEU B 94 25.77 13.67 -55.70
CA LEU B 94 26.20 12.97 -54.51
C LEU B 94 27.61 12.37 -54.63
N GLU B 95 28.05 12.06 -55.85
CA GLU B 95 29.38 11.53 -56.03
C GLU B 95 30.46 12.59 -55.81
N LYS B 96 30.20 13.80 -56.28
CA LYS B 96 31.14 14.90 -56.13
C LYS B 96 31.19 15.39 -54.66
N ILE B 97 30.09 15.28 -53.95
CA ILE B 97 30.09 15.67 -52.54
C ILE B 97 31.05 14.78 -51.75
N ARG B 98 31.05 13.49 -52.08
CA ARG B 98 31.88 12.55 -51.37
C ARG B 98 33.34 12.73 -51.68
N ILE B 99 33.66 13.13 -52.90
CA ILE B 99 35.02 13.49 -53.23
C ILE B 99 35.44 14.67 -52.36
N VAL B 100 34.56 15.63 -52.14
CA VAL B 100 34.88 16.73 -51.24
C VAL B 100 35.12 16.28 -49.79
N GLY B 101 34.30 15.35 -49.32
CA GLY B 101 34.43 14.86 -47.93
C GLY B 101 35.76 14.18 -47.73
N ARG B 102 36.12 13.36 -48.71
CA ARG B 102 37.43 12.75 -48.77
C ARG B 102 38.47 13.84 -48.56
N TYR B 103 38.38 14.91 -49.36
CA TYR B 103 39.29 16.05 -49.25
C TYR B 103 39.35 16.62 -47.84
N LEU B 104 38.21 17.02 -47.31
CA LEU B 104 38.17 17.57 -45.96
C LEU B 104 38.93 16.68 -44.97
N ILE B 105 38.58 15.40 -44.93
CA ILE B 105 39.28 14.45 -44.07
C ILE B 105 40.79 14.56 -44.22
N GLU B 106 41.26 14.72 -45.45
CA GLU B 106 42.68 14.91 -45.69
C GLU B 106 43.18 16.21 -45.10
N VAL B 107 42.37 17.26 -45.17
CA VAL B 107 42.75 18.55 -44.58
C VAL B 107 42.92 18.34 -43.09
N TRP B 108 41.91 17.80 -42.45
CA TRP B 108 41.97 17.66 -41.00
C TRP B 108 43.17 16.88 -40.47
N LYS B 109 43.62 15.87 -41.20
CA LYS B 109 44.78 15.13 -40.73
C LYS B 109 46.02 16.03 -40.72
N ALA B 110 46.06 17.00 -41.65
CA ALA B 110 47.14 17.96 -41.71
C ALA B 110 47.07 19.08 -40.67
N ALA B 111 45.89 19.29 -40.09
CA ALA B 111 45.62 20.47 -39.26
C ALA B 111 46.07 20.39 -37.78
N GLY B 112 46.83 19.36 -37.41
CA GLY B 112 47.44 19.31 -36.09
C GLY B 112 46.62 18.69 -34.97
N MET B 113 45.49 18.08 -35.29
CA MET B 113 44.71 17.37 -34.27
C MET B 113 45.38 16.08 -33.78
N ASP B 114 45.06 15.72 -32.54
CA ASP B 114 45.47 14.44 -31.97
C ASP B 114 44.41 13.44 -32.37
N MET B 115 44.78 12.52 -33.27
CA MET B 115 43.81 11.60 -33.85
C MET B 115 43.52 10.39 -32.99
N ASP B 116 44.14 10.33 -31.82
CA ASP B 116 44.00 9.20 -30.89
C ASP B 116 42.58 9.02 -30.44
N LYS B 117 41.84 10.13 -30.36
CA LYS B 117 40.49 10.09 -29.84
C LYS B 117 39.50 10.80 -30.78
N VAL B 118 39.81 10.77 -32.08
CA VAL B 118 39.01 11.45 -33.11
C VAL B 118 38.59 10.44 -34.17
N LEU B 119 37.32 10.50 -34.57
CA LEU B 119 36.82 9.57 -35.59
C LEU B 119 36.16 10.31 -36.74
N PHE B 120 36.21 9.72 -37.92
CA PHE B 120 35.49 10.26 -39.08
C PHE B 120 34.40 9.28 -39.43
N LEU B 121 33.19 9.81 -39.61
CA LEU B 121 32.03 8.98 -39.95
C LEU B 121 31.31 9.51 -41.18
N TRP B 122 30.83 8.58 -41.99
CA TRP B 122 30.11 8.95 -43.19
C TRP B 122 28.63 8.77 -42.99
N SER B 123 27.97 9.91 -42.78
CA SER B 123 26.53 9.99 -42.60
C SER B 123 25.73 8.95 -43.39
N SER B 124 26.01 8.80 -44.69
CA SER B 124 25.33 7.81 -45.52
C SER B 124 25.52 6.38 -45.01
N GLU B 125 26.78 5.98 -44.82
CA GLU B 125 27.09 4.61 -44.40
C GLU B 125 26.46 4.24 -43.06
N GLU B 126 26.64 5.12 -42.07
CA GLU B 126 26.16 4.86 -40.73
C GLU B 126 24.65 4.80 -40.68
N ILE B 127 23.96 5.70 -41.37
CA ILE B 127 22.50 5.67 -41.40
C ILE B 127 21.94 4.42 -42.08
N THR B 128 22.47 4.06 -43.25
CA THR B 128 21.86 2.96 -44.02
C THR B 128 22.10 1.61 -43.33
N SER B 129 23.07 1.57 -42.43
CA SER B 129 23.31 0.37 -41.61
C SER B 129 22.15 0.13 -40.66
N HIS B 130 21.51 1.21 -40.23
CA HIS B 130 20.40 1.13 -39.28
C HIS B 130 19.26 2.04 -39.72
N ALA B 131 18.93 1.96 -41.01
CA ALA B 131 17.85 2.73 -41.61
C ALA B 131 16.67 2.79 -40.67
N ASP B 132 16.17 1.62 -40.29
CA ASP B 132 14.95 1.48 -39.47
C ASP B 132 15.01 2.24 -38.15
N THR B 133 16.08 2.06 -37.37
CA THR B 133 16.27 2.80 -36.12
C THR B 133 16.25 4.31 -36.37
N TYR B 134 16.82 4.72 -37.51
CA TYR B 134 17.10 6.12 -37.78
C TYR B 134 15.87 6.85 -38.26
N TRP B 135 15.31 6.34 -39.35
CA TRP B 135 14.20 7.00 -40.03
C TRP B 135 12.95 7.07 -39.19
N ARG B 136 12.67 6.00 -38.47
CA ARG B 136 11.55 5.99 -37.55
C ARG B 136 11.70 7.11 -36.53
N MET B 137 12.92 7.37 -36.08
CA MET B 137 13.15 8.46 -35.14
C MET B 137 12.97 9.81 -35.81
N VAL B 138 13.42 9.97 -37.06
CA VAL B 138 13.22 11.28 -37.71
C VAL B 138 11.74 11.51 -37.83
N LEU B 139 11.01 10.53 -38.37
CA LEU B 139 9.57 10.72 -38.60
C LEU B 139 8.89 11.19 -37.31
N ASP B 140 9.21 10.50 -36.22
CA ASP B 140 8.65 10.81 -34.92
C ASP B 140 8.97 12.24 -34.48
N ILE B 141 10.22 12.68 -34.65
CA ILE B 141 10.60 14.04 -34.29
C ILE B 141 9.64 15.03 -34.96
N GLY B 142 9.44 14.86 -36.25
CA GLY B 142 8.55 15.72 -37.02
C GLY B 142 7.13 15.61 -36.54
N ARG B 143 6.65 14.37 -36.41
CA ARG B 143 5.31 14.07 -35.90
C ARG B 143 4.93 14.92 -34.68
N GLN B 144 5.87 15.13 -33.78
CA GLN B 144 5.58 15.86 -32.54
C GLN B 144 5.61 17.36 -32.70
N ASN B 145 6.40 17.88 -33.62
CA ASN B 145 6.56 19.32 -33.74
C ASN B 145 5.61 19.94 -34.73
N THR B 146 5.14 21.14 -34.40
CA THR B 146 4.50 22.01 -35.38
C THR B 146 5.55 22.36 -36.44
N ILE B 147 5.13 22.47 -37.70
CA ILE B 147 6.06 22.83 -38.76
C ILE B 147 6.67 24.22 -38.48
N ALA B 148 5.86 25.11 -37.90
CA ALA B 148 6.36 26.41 -37.46
C ALA B 148 7.67 26.27 -36.68
N ARG B 149 7.75 25.24 -35.82
CA ARG B 149 8.95 25.01 -35.02
C ARG B 149 10.15 24.65 -35.89
N ILE B 150 9.92 23.88 -36.95
CA ILE B 150 11.01 23.42 -37.84
C ILE B 150 11.43 24.49 -38.85
N LYS B 151 10.47 25.30 -39.30
CA LYS B 151 10.77 26.47 -40.12
C LYS B 151 11.82 27.38 -39.46
N LYS B 152 11.87 27.34 -38.13
CA LYS B 152 12.82 28.16 -37.37
C LYS B 152 14.23 27.58 -37.41
N CYS B 153 14.34 26.27 -37.64
CA CYS B 153 15.64 25.62 -37.87
C CYS B 153 16.25 25.91 -39.25
N CYS B 154 15.65 26.83 -40.00
CA CYS B 154 16.18 27.25 -41.30
C CYS B 154 17.59 27.84 -41.25
N THR B 155 17.88 28.62 -40.21
CA THR B 155 19.18 29.28 -40.02
C THR B 155 20.43 28.36 -39.96
N ILE B 156 20.24 27.10 -39.63
CA ILE B 156 21.38 26.18 -39.59
C ILE B 156 21.89 25.93 -41.00
N MET B 157 20.97 25.91 -41.96
CA MET B 157 21.33 25.75 -43.39
C MET B 157 21.77 27.03 -44.10
N GLY B 158 21.76 28.14 -43.37
CA GLY B 158 22.06 29.44 -43.95
C GLY B 158 20.94 29.80 -44.88
N LYS B 159 19.78 29.20 -44.67
CA LYS B 159 18.62 29.44 -45.49
C LYS B 159 17.56 30.17 -44.65
N THR B 160 16.60 30.77 -45.35
CA THR B 160 15.60 31.67 -44.75
C THR B 160 14.22 31.03 -44.71
N GLU B 161 13.38 31.52 -43.82
CA GLU B 161 12.16 30.82 -43.41
C GLU B 161 11.08 30.58 -44.50
N GLY B 162 10.63 31.62 -45.20
CA GLY B 162 9.32 31.56 -45.87
C GLY B 162 9.09 30.71 -47.11
N THR B 163 9.10 29.37 -46.95
CA THR B 163 8.82 28.46 -48.06
C THR B 163 9.83 28.61 -49.18
N LEU B 164 10.52 29.75 -49.23
CA LEU B 164 11.71 29.86 -50.04
C LEU B 164 12.42 28.55 -49.71
N THR B 165 12.26 28.10 -48.45
CA THR B 165 12.71 26.79 -48.00
C THR B 165 12.02 25.67 -48.80
N ALA B 166 12.83 24.75 -49.33
CA ALA B 166 12.36 23.53 -49.99
C ALA B 166 12.03 22.49 -48.92
N ALA B 167 11.82 21.24 -49.28
CA ALA B 167 11.80 20.17 -48.29
C ALA B 167 13.23 20.00 -47.71
N GLN B 168 13.71 21.09 -47.13
CA GLN B 168 14.78 21.16 -46.17
C GLN B 168 14.06 21.35 -44.83
N VAL B 169 12.79 20.94 -44.76
CA VAL B 169 12.11 20.76 -43.48
C VAL B 169 12.19 19.29 -43.09
N LEU B 170 13.29 18.67 -43.50
CA LEU B 170 13.56 17.25 -43.31
C LEU B 170 15.00 17.12 -42.84
N TYR B 171 15.86 17.89 -43.48
CA TYR B 171 17.23 18.09 -43.03
C TYR B 171 17.29 18.33 -41.51
N PRO B 172 16.60 19.37 -40.99
CA PRO B 172 16.71 19.62 -39.55
C PRO B 172 16.22 18.45 -38.70
N LEU B 173 15.26 17.68 -39.20
CA LEU B 173 14.81 16.50 -38.49
C LEU B 173 15.92 15.46 -38.43
N MET B 174 16.57 15.22 -39.57
CA MET B 174 17.70 14.28 -39.57
C MET B 174 18.85 14.77 -38.67
N GLN B 175 19.21 16.05 -38.78
CA GLN B 175 20.31 16.57 -37.98
C GLN B 175 20.01 16.37 -36.53
N CYS B 176 18.77 16.59 -36.15
CA CYS B 176 18.32 16.41 -34.76
C CYS B 176 18.59 14.96 -34.34
N CYS B 177 18.04 14.04 -35.11
CA CYS B 177 18.20 12.60 -34.94
C CYS B 177 19.67 12.17 -34.86
N ASP B 178 20.51 12.68 -35.76
CA ASP B 178 21.93 12.36 -35.72
C ASP B 178 22.43 12.45 -34.30
N ILE B 179 22.02 13.51 -33.59
CA ILE B 179 22.44 13.69 -32.20
C ILE B 179 22.09 12.48 -31.34
N PHE B 180 20.92 11.91 -31.57
CA PHE B 180 20.48 10.72 -30.85
C PHE B 180 21.05 9.42 -31.43
N PHE B 181 21.25 9.38 -32.75
CA PHE B 181 21.78 8.20 -33.40
C PHE B 181 23.19 7.87 -32.90
N LEU B 182 24.07 8.87 -32.93
CA LEU B 182 25.46 8.75 -32.48
C LEU B 182 25.67 8.73 -30.97
N LYS B 183 24.60 8.87 -30.21
CA LYS B 183 24.66 8.93 -28.73
C LYS B 183 25.66 10.01 -28.27
N ALA B 184 25.70 11.14 -28.98
CA ALA B 184 26.55 12.25 -28.57
C ALA B 184 26.22 12.67 -27.14
N ASP B 185 27.22 12.94 -26.33
CA ASP B 185 26.99 13.53 -25.03
C ASP B 185 26.98 15.04 -25.21
N ILE B 186 28.10 15.58 -25.67
CA ILE B 186 28.19 16.99 -25.96
C ILE B 186 27.88 17.19 -27.45
N CYS B 187 27.29 18.33 -27.79
CA CYS B 187 27.15 18.75 -29.16
C CYS B 187 28.10 19.92 -29.34
N GLN B 188 29.29 19.65 -29.83
CA GLN B 188 30.20 20.71 -30.20
C GLN B 188 29.97 21.08 -31.67
N LEU B 189 28.90 21.83 -31.92
CA LEU B 189 28.66 22.44 -33.24
C LEU B 189 28.70 23.95 -33.08
N GLY B 190 28.62 24.66 -34.19
CA GLY B 190 28.71 26.12 -34.19
C GLY B 190 27.44 26.79 -33.70
N LEU B 191 27.59 28.03 -33.25
CA LEU B 191 26.48 28.77 -32.67
C LEU B 191 25.26 28.84 -33.59
N ASP B 192 25.46 28.82 -34.89
CA ASP B 192 24.33 28.89 -35.84
C ASP B 192 23.52 27.59 -35.94
N GLN B 193 24.01 26.52 -35.31
CA GLN B 193 23.34 25.21 -35.31
C GLN B 193 22.41 25.03 -34.10
N ARG B 194 22.45 26.03 -33.24
CA ARG B 194 21.67 26.15 -32.00
C ARG B 194 20.25 25.58 -32.02
N LYS B 195 19.40 26.08 -32.90
CA LYS B 195 17.97 25.72 -32.85
C LYS B 195 17.67 24.25 -33.15
N VAL B 196 18.49 23.59 -33.96
CA VAL B 196 18.36 22.13 -34.09
C VAL B 196 18.84 21.43 -32.82
N ASN B 197 20.05 21.76 -32.38
CA ASN B 197 20.56 21.32 -31.08
C ASN B 197 19.50 21.48 -29.99
N MET B 198 18.87 22.66 -29.95
CA MET B 198 17.84 22.93 -28.95
C MET B 198 16.65 22.05 -29.23
N LEU B 199 16.36 21.81 -30.51
CA LEU B 199 15.28 20.91 -30.91
C LEU B 199 15.43 19.55 -30.23
N ALA B 200 16.67 19.05 -30.18
CA ALA B 200 16.95 17.76 -29.53
C ALA B 200 16.54 17.80 -28.07
N ARG B 201 17.10 18.74 -27.31
CA ARG B 201 16.76 18.89 -25.90
C ARG B 201 15.25 18.96 -25.73
N GLU B 202 14.58 19.66 -26.63
CA GLU B 202 13.11 19.70 -26.62
C GLU B 202 12.54 18.28 -26.77
N TYR B 203 13.14 17.50 -27.66
CA TYR B 203 12.68 16.14 -27.94
C TYR B 203 12.82 15.21 -26.74
N CYS B 204 13.89 15.39 -25.96
CA CYS B 204 14.14 14.54 -24.78
C CYS B 204 12.98 14.56 -23.82
N ASP B 205 12.46 15.76 -23.57
CA ASP B 205 11.26 15.92 -22.77
C ASP B 205 10.11 15.19 -23.45
N LEU B 206 10.04 15.29 -24.78
CA LEU B 206 8.98 14.65 -25.55
C LEU B 206 9.03 13.11 -25.61
N ILE B 207 10.14 12.48 -25.21
CA ILE B 207 10.22 11.02 -25.12
C ILE B 207 10.43 10.54 -23.68
N GLY B 208 10.32 11.48 -22.74
CA GLY B 208 10.40 11.17 -21.32
C GLY B 208 11.80 10.75 -20.88
N ARG B 209 12.80 11.50 -21.33
CA ARG B 209 14.18 11.14 -21.11
C ARG B 209 14.90 12.25 -20.34
N LYS B 210 15.41 11.90 -19.15
CA LYS B 210 16.02 12.88 -18.24
C LYS B 210 17.36 13.44 -18.72
N LEU B 211 18.16 12.62 -19.41
CA LEU B 211 19.50 13.04 -19.84
C LEU B 211 19.48 13.72 -21.20
N LYS B 212 19.87 14.99 -21.24
CA LYS B 212 19.87 15.77 -22.47
C LYS B 212 21.25 15.83 -23.10
N PRO B 213 21.33 16.08 -24.41
CA PRO B 213 22.64 16.47 -24.94
C PRO B 213 23.06 17.85 -24.44
N VAL B 214 24.33 17.99 -24.06
CA VAL B 214 24.88 19.30 -23.75
C VAL B 214 25.17 20.03 -25.06
N ILE B 215 24.81 21.31 -25.12
CA ILE B 215 25.08 22.11 -26.30
C ILE B 215 26.24 23.05 -26.01
N LEU B 216 27.41 22.69 -26.53
CA LEU B 216 28.63 23.46 -26.36
C LEU B 216 28.98 24.16 -27.68
N SER B 217 28.22 25.20 -28.00
CA SER B 217 28.33 25.86 -29.29
C SER B 217 29.55 26.79 -29.37
N HIS B 218 30.30 26.68 -30.47
CA HIS B 218 31.51 27.50 -30.63
C HIS B 218 31.21 28.82 -31.32
N HIS B 219 32.21 29.71 -31.29
CA HIS B 219 32.11 31.04 -31.89
C HIS B 219 32.14 30.97 -33.40
N MET B 220 31.44 31.90 -34.06
CA MET B 220 31.44 31.98 -35.53
C MET B 220 32.46 33.00 -35.99
N LEU B 221 33.44 32.56 -36.75
CA LEU B 221 34.55 33.43 -37.15
C LEU B 221 34.09 34.52 -38.13
N ALA B 222 34.54 35.76 -37.89
CA ALA B 222 34.19 36.91 -38.71
C ALA B 222 34.58 36.73 -40.18
N GLY B 223 33.86 37.41 -41.06
CA GLY B 223 34.28 37.58 -42.45
C GLY B 223 35.24 38.75 -42.54
N LEU B 224 36.14 38.72 -43.53
CA LEU B 224 37.26 39.67 -43.62
C LEU B 224 36.85 41.09 -44.09
N LYS B 225 35.68 41.21 -44.72
CA LYS B 225 35.22 42.50 -45.25
C LYS B 225 34.10 43.13 -44.40
N GLN B 226 33.76 44.36 -44.74
CA GLN B 226 32.72 45.12 -44.04
C GLN B 226 31.34 44.54 -44.34
N GLY B 227 30.53 44.42 -43.30
CA GLY B 227 29.20 43.82 -43.41
C GLY B 227 29.22 42.34 -43.10
N GLN B 228 30.10 41.61 -43.75
CA GLN B 228 30.13 40.15 -43.63
C GLN B 228 30.66 39.71 -42.28
N ALA B 229 29.81 39.02 -41.53
CA ALA B 229 30.11 38.58 -40.17
C ALA B 229 30.47 37.09 -40.15
N LYS B 230 29.76 36.32 -40.96
CA LYS B 230 30.06 34.91 -41.17
C LYS B 230 30.79 34.85 -42.49
N MET B 231 31.73 33.91 -42.64
CA MET B 231 32.32 33.65 -43.94
C MET B 231 31.20 33.29 -44.88
N SER B 232 31.38 33.62 -46.16
CA SER B 232 30.33 33.53 -47.16
C SER B 232 30.81 32.64 -48.29
N LYS B 233 30.01 31.64 -48.63
CA LYS B 233 30.37 30.71 -49.72
C LYS B 233 30.54 31.46 -51.02
N SER B 234 29.70 32.47 -51.22
CA SER B 234 29.70 33.23 -52.46
C SER B 234 30.90 34.16 -52.63
N ASP B 235 31.58 34.51 -51.54
CA ASP B 235 32.74 35.39 -51.63
C ASP B 235 34.00 34.65 -51.22
N PRO B 236 34.77 34.15 -52.20
CA PRO B 236 36.04 33.50 -51.89
C PRO B 236 36.90 34.30 -50.94
N ASP B 237 36.97 35.61 -51.14
CA ASP B 237 37.83 36.50 -50.34
C ASP B 237 37.27 36.82 -48.96
N SER B 238 36.14 36.24 -48.58
CA SER B 238 35.57 36.46 -47.25
C SER B 238 36.35 35.75 -46.15
N ALA B 239 37.06 34.69 -46.53
CA ALA B 239 37.78 33.86 -45.57
C ALA B 239 39.08 33.33 -46.14
N ILE B 240 40.04 33.09 -45.27
CA ILE B 240 41.23 32.34 -45.63
C ILE B 240 40.85 30.87 -45.77
N PHE B 241 41.31 30.23 -46.86
CA PHE B 241 41.11 28.80 -47.09
C PHE B 241 42.40 28.05 -46.82
N MET B 242 42.27 26.82 -46.32
CA MET B 242 43.42 25.98 -46.00
C MET B 242 44.29 25.77 -47.25
N GLU B 243 43.63 25.51 -48.38
CA GLU B 243 44.29 25.47 -49.68
C GLU B 243 45.08 26.76 -50.08
N ASP B 244 44.78 27.93 -49.49
CA ASP B 244 45.34 29.21 -49.97
C ASP B 244 46.87 29.30 -49.95
N THR B 245 47.44 29.80 -51.04
CA THR B 245 48.87 30.14 -51.07
C THR B 245 49.14 31.27 -50.11
N GLU B 246 50.41 31.49 -49.82
CA GLU B 246 50.80 32.55 -48.88
C GLU B 246 50.76 33.95 -49.49
N GLU B 247 50.66 34.04 -50.81
CA GLU B 247 50.43 35.31 -51.51
C GLU B 247 48.95 35.69 -51.48
N ASP B 248 48.09 34.68 -51.54
CA ASP B 248 46.66 34.86 -51.39
C ASP B 248 46.33 35.25 -49.96
N VAL B 249 47.02 34.66 -48.99
CA VAL B 249 46.79 35.03 -47.59
C VAL B 249 47.11 36.53 -47.44
N ALA B 250 48.39 36.88 -47.65
CA ALA B 250 48.83 38.27 -47.63
C ALA B 250 47.77 39.24 -48.13
N ARG B 251 47.23 38.93 -49.31
CA ARG B 251 46.26 39.79 -49.98
C ARG B 251 44.98 39.94 -49.17
N LYS B 252 44.33 38.82 -48.85
CA LYS B 252 43.03 38.82 -48.16
C LYS B 252 43.03 39.54 -46.80
N ILE B 253 44.14 39.42 -46.07
CA ILE B 253 44.31 40.09 -44.79
C ILE B 253 44.55 41.59 -45.00
N ARG B 254 45.29 41.94 -46.05
CA ARG B 254 45.65 43.35 -46.28
C ARG B 254 44.39 44.17 -46.56
N GLN B 255 43.53 43.62 -47.42
CA GLN B 255 42.24 44.23 -47.72
C GLN B 255 41.18 43.81 -46.71
N ALA B 256 41.56 43.68 -45.45
CA ALA B 256 40.66 43.20 -44.41
C ALA B 256 40.04 44.35 -43.65
N TYR B 257 38.71 44.37 -43.60
CA TYR B 257 37.99 45.34 -42.78
C TYR B 257 38.51 45.19 -41.36
N CYS B 258 39.03 46.27 -40.79
CA CYS B 258 39.71 46.20 -39.51
C CYS B 258 39.45 47.43 -38.65
N PRO B 259 38.19 47.60 -38.16
CA PRO B 259 37.85 48.72 -37.29
C PRO B 259 38.66 48.79 -36.00
N ARG B 260 38.92 50.01 -35.55
CA ARG B 260 39.67 50.27 -34.33
C ARG B 260 38.67 50.36 -33.17
N VAL B 261 38.15 49.21 -32.76
CA VAL B 261 37.15 49.14 -31.69
C VAL B 261 37.44 47.95 -30.79
N LYS B 262 37.73 48.21 -29.52
CA LYS B 262 37.90 47.14 -28.54
C LYS B 262 36.70 46.20 -28.62
N GLN B 263 36.94 44.99 -29.11
CA GLN B 263 35.87 44.04 -29.36
C GLN B 263 35.29 43.53 -28.05
N SER B 264 34.01 43.80 -27.82
CA SER B 264 33.30 43.18 -26.70
C SER B 264 32.44 42.03 -27.21
N ALA B 265 32.25 41.03 -26.34
CA ALA B 265 31.44 39.86 -26.66
C ALA B 265 30.06 40.29 -27.18
N SER B 266 29.67 39.75 -28.32
CA SER B 266 28.35 40.05 -28.87
C SER B 266 27.26 39.39 -28.00
N ALA B 267 26.15 40.10 -27.83
CA ALA B 267 25.01 39.54 -27.11
C ALA B 267 24.39 38.38 -27.91
N ILE B 268 24.33 37.20 -27.30
CA ILE B 268 23.93 35.97 -27.98
C ILE B 268 22.45 35.93 -28.32
N THR B 269 22.14 35.92 -29.62
CA THR B 269 20.76 35.94 -30.09
C THR B 269 20.15 34.53 -30.10
N ASP B 270 18.83 34.48 -30.29
CA ASP B 270 18.09 33.21 -30.28
C ASP B 270 18.39 32.43 -31.54
N ASP B 271 18.64 33.18 -32.61
CA ASP B 271 18.92 32.65 -33.95
C ASP B 271 20.14 31.72 -33.94
N GLY B 272 21.25 32.21 -33.40
CA GLY B 272 22.52 31.53 -33.47
C GLY B 272 23.41 32.23 -34.48
N ALA B 273 22.77 32.84 -35.48
CA ALA B 273 23.46 33.50 -36.57
C ALA B 273 24.18 34.77 -36.12
N PRO B 274 25.37 35.02 -36.67
CA PRO B 274 26.12 36.26 -36.41
C PRO B 274 25.41 37.51 -36.90
N VAL B 275 25.99 38.67 -36.60
CA VAL B 275 25.40 39.95 -36.99
C VAL B 275 26.45 40.95 -37.51
N ALA B 276 26.02 41.77 -38.48
CA ALA B 276 26.86 42.83 -39.04
C ALA B 276 27.03 43.99 -38.07
N THR B 277 28.26 44.25 -37.64
CA THR B 277 28.54 45.39 -36.76
C THR B 277 29.79 46.14 -37.19
N ASP B 278 29.62 47.45 -37.44
CA ASP B 278 30.74 48.37 -37.73
C ASP B 278 31.86 48.31 -36.70
N ASP B 279 31.53 47.95 -35.47
CA ASP B 279 32.50 47.80 -34.38
C ASP B 279 33.17 46.42 -34.34
N ARG B 280 32.92 45.57 -35.34
CA ARG B 280 33.54 44.23 -35.38
C ARG B 280 34.77 44.13 -36.30
N ASN B 281 35.85 43.56 -35.76
CA ASN B 281 37.14 43.48 -36.44
C ASN B 281 37.55 42.03 -36.67
N PRO B 282 37.51 41.56 -37.92
CA PRO B 282 37.90 40.18 -38.20
C PRO B 282 39.38 39.84 -37.94
N VAL B 283 40.29 40.78 -38.17
CA VAL B 283 41.70 40.52 -37.92
C VAL B 283 41.90 40.10 -36.47
N LEU B 284 41.36 40.89 -35.54
CA LEU B 284 41.40 40.56 -34.11
C LEU B 284 40.71 39.23 -33.81
N ASP B 285 39.52 39.05 -34.40
CA ASP B 285 38.74 37.85 -34.19
C ASP B 285 39.56 36.62 -34.57
N TYR B 286 40.23 36.71 -35.72
CA TYR B 286 41.19 35.70 -36.13
C TYR B 286 42.19 35.54 -35.00
N PHE B 287 42.84 36.65 -34.61
CA PHE B 287 43.83 36.58 -33.52
C PHE B 287 43.30 35.82 -32.32
N GLN B 288 42.03 36.07 -31.98
CA GLN B 288 41.42 35.45 -30.80
C GLN B 288 41.15 33.94 -30.96
N CYS B 289 40.70 33.52 -32.14
CA CYS B 289 40.34 32.14 -32.37
C CYS B 289 41.49 31.32 -32.94
N VAL B 290 42.11 31.86 -33.98
CA VAL B 290 43.15 31.16 -34.73
C VAL B 290 44.55 31.25 -34.13
N VAL B 291 44.78 32.23 -33.25
CA VAL B 291 46.07 32.36 -32.58
C VAL B 291 45.98 32.07 -31.08
N TYR B 292 45.23 32.89 -30.36
CA TYR B 292 45.23 32.85 -28.89
C TYR B 292 44.38 31.74 -28.26
N ALA B 293 43.51 31.09 -29.04
CA ALA B 293 42.79 29.91 -28.53
C ALA B 293 43.73 28.69 -28.42
N ARG B 294 44.80 28.69 -29.23
CA ARG B 294 45.86 27.69 -29.09
C ARG B 294 46.49 27.84 -27.73
N PRO B 295 46.69 26.72 -27.00
CA PRO B 295 47.11 26.83 -25.61
C PRO B 295 48.32 27.76 -25.41
N GLY B 296 49.48 27.35 -25.88
CA GLY B 296 50.74 28.00 -25.50
C GLY B 296 51.15 29.18 -26.34
N ALA B 297 50.54 29.30 -27.53
CA ALA B 297 50.99 30.28 -28.53
C ALA B 297 50.61 31.72 -28.16
N ALA B 298 51.40 32.67 -28.68
CA ALA B 298 51.18 34.11 -28.44
C ALA B 298 51.78 34.98 -29.56
N ALA B 299 51.31 36.22 -29.65
CA ALA B 299 51.67 37.14 -30.74
C ALA B 299 53.01 37.84 -30.51
N THR B 300 53.64 38.26 -31.59
CA THR B 300 54.93 38.96 -31.52
C THR B 300 55.07 40.03 -32.62
N ILE B 301 55.40 41.25 -32.22
CA ILE B 301 55.59 42.38 -33.16
C ILE B 301 56.65 43.34 -32.67
N ASP B 302 57.41 43.91 -33.60
CA ASP B 302 58.38 44.96 -33.31
C ASP B 302 59.26 44.64 -32.10
N GLY B 303 59.75 43.39 -32.06
CA GLY B 303 60.62 42.93 -30.98
C GLY B 303 59.97 42.67 -29.63
N THR B 304 58.63 42.77 -29.56
CA THR B 304 57.90 42.50 -28.32
C THR B 304 56.93 41.33 -28.54
N THR B 305 56.44 40.74 -27.44
CA THR B 305 55.44 39.68 -27.50
C THR B 305 54.30 39.94 -26.52
N TYR B 306 53.07 39.81 -27.00
CA TYR B 306 51.87 39.94 -26.18
C TYR B 306 51.42 38.57 -25.67
N ALA B 307 51.30 38.43 -24.36
CA ALA B 307 51.01 37.12 -23.73
C ALA B 307 49.55 36.66 -23.89
N THR B 308 48.63 37.61 -24.05
CA THR B 308 47.19 37.31 -24.16
C THR B 308 46.60 38.09 -25.31
N TYR B 309 45.37 37.75 -25.68
CA TYR B 309 44.67 38.49 -26.74
C TYR B 309 44.54 39.98 -26.41
N GLU B 310 44.26 40.27 -25.14
CA GLU B 310 44.03 41.64 -24.67
C GLU B 310 45.30 42.48 -24.77
N ASP B 311 46.45 41.88 -24.46
CA ASP B 311 47.75 42.55 -24.60
C ASP B 311 48.03 42.96 -26.06
N LEU B 312 47.55 42.17 -27.01
CA LEU B 312 47.65 42.54 -28.43
C LEU B 312 46.60 43.58 -28.81
N GLU B 313 45.40 43.42 -28.26
CA GLU B 313 44.31 44.38 -28.45
C GLU B 313 44.69 45.73 -27.84
N GLN B 314 45.11 45.69 -26.57
CA GLN B 314 45.65 46.85 -25.85
C GLN B 314 46.58 47.70 -26.71
N ALA B 315 47.53 47.03 -27.35
CA ALA B 315 48.53 47.68 -28.20
C ALA B 315 47.90 48.44 -29.37
N PHE B 316 46.92 47.82 -30.02
CA PHE B 316 46.31 48.38 -31.22
C PHE B 316 45.38 49.55 -30.92
N VAL B 317 44.64 49.46 -29.81
CA VAL B 317 43.79 50.56 -29.37
C VAL B 317 44.63 51.76 -28.88
N SER B 318 45.78 51.46 -28.28
CA SER B 318 46.75 52.50 -27.85
C SER B 318 47.61 53.06 -28.99
N ASP B 319 47.47 52.51 -30.19
CA ASP B 319 48.28 52.89 -31.37
C ASP B 319 49.77 52.50 -31.24
N GLU B 320 50.06 51.55 -30.33
CA GLU B 320 51.43 51.06 -30.15
C GLU B 320 51.85 50.20 -31.34
N VAL B 321 50.96 49.30 -31.77
CA VAL B 321 51.17 48.50 -32.99
C VAL B 321 50.37 49.09 -34.15
N SER B 322 51.02 49.20 -35.31
CA SER B 322 50.39 49.77 -36.50
C SER B 322 49.44 48.77 -37.15
N GLU B 323 48.47 49.28 -37.91
CA GLU B 323 47.55 48.41 -38.65
C GLU B 323 48.34 47.47 -39.57
N ASP B 324 49.31 48.01 -40.30
CA ASP B 324 50.20 47.20 -41.12
C ASP B 324 50.97 46.18 -40.26
N ALA B 325 51.53 46.65 -39.13
CA ALA B 325 52.27 45.79 -38.22
C ALA B 325 51.40 44.66 -37.65
N LEU B 326 50.12 44.96 -37.43
CA LEU B 326 49.15 44.00 -36.89
C LEU B 326 48.80 42.98 -37.94
N LYS B 327 48.46 43.48 -39.13
CA LYS B 327 48.13 42.60 -40.26
C LYS B 327 49.34 41.74 -40.62
N SER B 328 50.48 42.38 -40.86
CA SER B 328 51.74 41.68 -41.12
C SER B 328 52.01 40.58 -40.10
N CYS B 329 51.81 40.90 -38.82
CA CYS B 329 51.99 39.91 -37.77
C CYS B 329 51.08 38.70 -37.96
N LEU B 330 49.80 38.96 -38.24
CA LEU B 330 48.81 37.87 -38.44
C LEU B 330 49.11 37.00 -39.66
N ILE B 331 49.35 37.64 -40.81
CA ILE B 331 49.62 36.94 -42.06
C ILE B 331 50.71 35.89 -41.89
N ASP B 332 51.84 36.32 -41.35
CA ASP B 332 52.95 35.41 -41.02
C ASP B 332 52.49 34.24 -40.16
N GLU B 333 51.62 34.53 -39.19
CA GLU B 333 51.14 33.54 -38.23
C GLU B 333 50.27 32.49 -38.92
N VAL B 334 49.27 32.97 -39.65
CA VAL B 334 48.38 32.09 -40.41
C VAL B 334 49.13 31.28 -41.48
N ASN B 335 50.10 31.90 -42.16
CA ASN B 335 50.97 31.15 -43.07
C ASN B 335 51.75 30.04 -42.39
N ALA B 336 52.25 30.34 -41.18
CA ALA B 336 52.91 29.35 -40.34
C ALA B 336 51.98 28.17 -40.09
N LEU B 337 50.74 28.51 -39.77
CA LEU B 337 49.70 27.54 -39.42
C LEU B 337 49.16 26.70 -40.58
N LEU B 338 49.28 27.20 -41.81
CA LEU B 338 48.78 26.48 -42.98
C LEU B 338 49.86 25.65 -43.68
N GLU B 339 51.12 26.04 -43.51
CA GLU B 339 52.21 25.39 -44.26
C GLU B 339 52.18 23.87 -44.13
N PRO B 340 51.97 23.36 -42.91
CA PRO B 340 51.90 21.90 -42.76
C PRO B 340 50.80 21.23 -43.60
N VAL B 341 49.70 21.94 -43.84
CA VAL B 341 48.62 21.43 -44.67
C VAL B 341 48.98 21.61 -46.15
N ARG B 342 49.69 22.69 -46.46
CA ARG B 342 50.22 22.87 -47.81
C ARG B 342 51.21 21.78 -48.19
N GLN B 343 52.12 21.44 -47.27
CA GLN B 343 53.14 20.44 -47.56
C GLN B 343 52.47 19.09 -47.78
N HIS B 344 51.36 18.84 -47.10
CA HIS B 344 50.66 17.57 -47.24
C HIS B 344 50.12 17.39 -48.63
N PHE B 345 49.57 18.44 -49.20
CA PHE B 345 49.06 18.36 -50.56
C PHE B 345 50.14 18.39 -51.65
N ALA B 346 51.28 19.04 -51.41
CA ALA B 346 52.42 18.93 -52.33
C ALA B 346 52.86 17.47 -52.40
N SER B 347 53.03 16.87 -51.22
CA SER B 347 53.67 15.57 -51.10
C SER B 347 52.76 14.39 -51.41
N ASN B 348 51.58 14.35 -50.80
CA ASN B 348 50.73 13.16 -50.92
C ASN B 348 49.92 13.10 -52.22
N GLU B 349 50.34 12.24 -53.14
CA GLU B 349 49.73 12.17 -54.48
C GLU B 349 48.21 12.10 -54.43
N GLU B 350 47.67 11.11 -53.73
CA GLU B 350 46.21 10.95 -53.59
C GLU B 350 45.57 12.26 -53.15
N ALA B 351 46.13 12.89 -52.11
CA ALA B 351 45.57 14.11 -51.54
C ALA B 351 45.52 15.20 -52.60
N HIS B 352 46.65 15.41 -53.26
CA HIS B 352 46.74 16.41 -54.31
C HIS B 352 45.68 16.22 -55.40
N GLU B 353 45.30 14.97 -55.68
CA GLU B 353 44.29 14.69 -56.70
C GLU B 353 42.92 15.16 -56.21
N LEU B 354 42.65 14.89 -54.94
CA LEU B 354 41.37 15.31 -54.34
C LEU B 354 41.17 16.81 -54.49
N LEU B 355 42.15 17.57 -54.04
CA LEU B 355 42.10 19.02 -54.14
C LEU B 355 41.89 19.46 -55.60
N GLU B 356 42.67 18.90 -56.53
CA GLU B 356 42.51 19.23 -57.94
C GLU B 356 41.08 18.89 -58.37
N ALA B 357 40.56 17.77 -57.85
CA ALA B 357 39.20 17.34 -58.14
C ALA B 357 38.22 18.37 -57.63
N VAL B 358 38.36 18.74 -56.36
CA VAL B 358 37.46 19.67 -55.69
C VAL B 358 37.52 21.06 -56.32
N LYS B 359 38.68 21.42 -56.85
CA LYS B 359 38.79 22.59 -57.71
C LYS B 359 37.96 22.43 -59.01
N SER B 360 37.89 21.20 -59.55
CA SER B 360 37.06 20.92 -60.76
C SER B 360 35.64 21.41 -60.53
N TYR B 361 35.12 21.13 -59.34
CA TYR B 361 33.71 21.44 -59.02
C TYR B 361 33.40 22.96 -58.86
N ARG B 362 34.44 23.80 -58.85
CA ARG B 362 34.30 25.26 -58.66
C ARG B 362 33.29 25.88 -59.61
N LYS B 363 32.13 26.27 -59.09
CA LYS B 363 31.05 26.94 -59.87
C LYS B 363 31.56 28.19 -60.61
N LEU B 368 27.01 25.74 -60.26
CA LEU B 368 26.55 25.32 -61.60
C LEU B 368 25.00 25.32 -61.67
N PRO B 369 24.39 24.40 -62.44
CA PRO B 369 22.94 24.16 -62.32
C PRO B 369 22.64 22.92 -61.49
N LEU B 370 21.91 23.08 -60.38
CA LEU B 370 21.62 21.95 -59.48
C LEU B 370 21.00 20.80 -60.28
N ALA B 371 21.71 19.67 -60.33
CA ALA B 371 21.23 18.49 -61.02
C ALA B 371 20.19 17.82 -60.16
N GLU B 372 18.99 17.61 -60.69
CA GLU B 372 17.87 17.10 -59.87
C GLU B 372 17.08 15.97 -60.51
N THR B 373 16.66 16.19 -61.75
CA THR B 373 15.73 15.30 -62.48
C THR B 373 16.03 13.82 -62.16
N ALA B 374 15.01 13.11 -61.68
CA ALA B 374 15.13 11.68 -61.46
C ALA B 374 13.80 11.03 -61.82
N LEU B 375 13.21 11.46 -62.93
CA LEU B 375 11.88 10.98 -63.30
C LEU B 375 11.99 9.63 -64.01
N PRO B 376 11.14 8.67 -63.64
CA PRO B 376 11.15 7.34 -64.24
C PRO B 376 10.22 7.20 -65.44
N ALA B 377 10.46 6.17 -66.24
CA ALA B 377 9.63 5.88 -67.41
C ALA B 377 8.24 5.38 -66.97
N ALA B 378 7.28 5.49 -67.88
CA ALA B 378 5.91 5.05 -67.59
C ALA B 378 5.81 3.53 -67.72
N PRO B 379 4.98 2.89 -66.86
CA PRO B 379 4.79 1.46 -66.95
C PRO B 379 4.03 1.08 -68.21
N ALA B 380 4.41 -0.05 -68.80
CA ALA B 380 3.75 -0.56 -70.01
C ALA B 380 2.30 -0.86 -69.70
N LYS B 381 2.09 -1.73 -68.70
CA LYS B 381 0.74 -2.11 -68.30
C LYS B 381 0.23 -1.18 -67.19
N PRO B 382 -1.09 -0.86 -67.22
CA PRO B 382 -1.65 0.03 -66.20
C PRO B 382 -1.49 -0.51 -64.78
N HIS B 383 -1.20 0.38 -63.84
CA HIS B 383 -0.99 0.00 -62.45
C HIS B 383 -1.54 1.06 -61.52
N ALA B 384 -2.64 0.72 -60.85
CA ALA B 384 -3.31 1.63 -59.95
C ALA B 384 -2.61 1.64 -58.62
N CYS B 385 -3.10 2.47 -57.70
CA CYS B 385 -2.54 2.56 -56.35
C CYS B 385 -3.56 3.15 -55.39
N MET B 386 -3.57 2.67 -54.15
CA MET B 386 -4.55 3.13 -53.15
C MET B 386 -3.96 3.07 -51.74
N TRP B 387 -4.33 4.06 -50.92
CA TRP B 387 -3.85 4.14 -49.55
C TRP B 387 -4.94 3.87 -48.54
N MET B 388 -4.76 2.80 -47.77
CA MET B 388 -5.63 2.48 -46.63
C MET B 388 -5.67 3.63 -45.61
N PRO B 389 -6.88 4.01 -45.17
CA PRO B 389 -6.97 5.10 -44.21
C PRO B 389 -6.49 4.68 -42.83
N ALA B 390 -5.57 5.44 -42.25
CA ALA B 390 -5.12 5.19 -40.89
C ALA B 390 -6.24 5.58 -39.96
N LEU B 391 -7.16 4.65 -39.76
CA LEU B 391 -8.31 4.86 -38.87
C LEU B 391 -8.52 3.65 -37.99
N LEU B 392 -9.06 3.91 -36.80
CA LEU B 392 -9.38 2.87 -35.87
C LEU B 392 -10.67 2.18 -36.35
N LYS B 393 -11.71 2.96 -36.61
CA LYS B 393 -12.94 2.43 -37.17
C LYS B 393 -13.21 3.03 -38.55
N VAL B 394 -13.26 2.16 -39.56
CA VAL B 394 -13.36 2.55 -40.97
C VAL B 394 -14.81 2.53 -41.46
N PRO B 395 -15.36 3.72 -41.78
CA PRO B 395 -16.77 3.80 -42.20
C PRO B 395 -17.08 2.85 -43.37
N LEU B 396 -18.30 2.34 -43.40
CA LEU B 396 -18.70 1.39 -44.45
C LEU B 396 -18.75 2.07 -45.81
N ASP B 397 -19.18 3.33 -45.82
CA ASP B 397 -19.28 4.13 -47.04
C ASP B 397 -17.95 4.25 -47.77
N VAL B 398 -16.89 4.52 -47.01
CA VAL B 398 -15.55 4.68 -47.55
C VAL B 398 -14.99 3.36 -48.10
N ALA B 399 -15.17 2.28 -47.33
CA ALA B 399 -14.68 0.95 -47.72
C ALA B 399 -15.36 0.42 -48.98
N GLU B 400 -16.70 0.44 -49.00
CA GLU B 400 -17.45 0.05 -50.19
C GLU B 400 -17.01 0.90 -51.39
N GLY B 401 -16.77 2.18 -51.13
CA GLY B 401 -16.24 3.11 -52.12
C GLY B 401 -14.87 2.75 -52.65
N MET B 402 -14.05 2.13 -51.81
CA MET B 402 -12.79 1.56 -52.28
C MET B 402 -13.04 0.31 -53.14
N ILE B 403 -13.84 -0.62 -52.63
CA ILE B 403 -14.16 -1.86 -53.36
C ILE B 403 -14.73 -1.60 -54.77
N LYS B 404 -15.68 -0.68 -54.85
CA LYS B 404 -16.25 -0.25 -56.13
C LYS B 404 -15.13 0.18 -57.08
N VAL B 405 -14.42 1.23 -56.71
CA VAL B 405 -13.32 1.77 -57.52
C VAL B 405 -12.36 0.68 -57.98
N THR B 406 -11.96 -0.19 -57.06
CA THR B 406 -11.10 -1.31 -57.37
C THR B 406 -11.70 -2.23 -58.44
N LYS B 407 -13.01 -2.46 -58.33
CA LYS B 407 -13.71 -3.33 -59.28
C LYS B 407 -13.81 -2.69 -60.67
N ASP B 408 -14.03 -1.38 -60.71
CA ASP B 408 -14.13 -0.62 -61.96
C ASP B 408 -12.82 -0.56 -62.73
N PHE B 409 -11.73 -0.43 -61.99
CA PHE B 409 -10.40 -0.26 -62.57
C PHE B 409 -9.95 -1.49 -63.37
N ILE B 410 -10.08 -2.67 -62.77
CA ILE B 410 -9.75 -3.93 -63.46
C ILE B 410 -10.70 -4.18 -64.63
N ALA B 411 -11.95 -3.70 -64.51
CA ALA B 411 -12.90 -3.77 -65.61
C ALA B 411 -12.36 -2.99 -66.80
N ALA B 412 -12.03 -1.72 -66.55
CA ALA B 412 -11.49 -0.84 -67.58
C ALA B 412 -10.16 -1.34 -68.14
N HIS B 413 -9.29 -1.85 -67.27
CA HIS B 413 -7.96 -2.30 -67.68
C HIS B 413 -7.70 -3.74 -67.20
N PRO B 414 -8.23 -4.76 -67.93
CA PRO B 414 -8.13 -6.16 -67.49
C PRO B 414 -6.71 -6.73 -67.49
N GLU B 415 -5.86 -6.19 -68.36
CA GLU B 415 -4.44 -6.52 -68.37
C GLU B 415 -3.68 -5.93 -67.18
N GLY B 416 -4.25 -4.91 -66.54
CA GLY B 416 -3.57 -4.14 -65.51
C GLY B 416 -3.55 -4.79 -64.14
N THR B 417 -3.13 -4.00 -63.15
CA THR B 417 -3.00 -4.46 -61.76
C THR B 417 -3.34 -3.31 -60.80
N VAL B 418 -3.93 -3.65 -59.67
CA VAL B 418 -4.21 -2.69 -58.60
C VAL B 418 -3.37 -3.07 -57.39
N THR B 419 -3.11 -2.11 -56.50
CA THR B 419 -2.34 -2.35 -55.28
C THR B 419 -2.77 -1.46 -54.12
N LEU B 420 -2.90 -2.04 -52.93
CA LEU B 420 -3.22 -1.27 -51.72
C LEU B 420 -2.02 -1.12 -50.79
N VAL B 421 -1.58 0.12 -50.59
CA VAL B 421 -0.48 0.46 -49.70
C VAL B 421 -1.03 0.66 -48.29
N LEU B 422 -0.58 -0.16 -47.34
CA LEU B 422 -0.91 0.04 -45.93
C LEU B 422 0.15 0.95 -45.32
N PRO B 423 -0.20 2.21 -45.04
CA PRO B 423 0.83 3.19 -44.72
C PRO B 423 1.34 3.11 -43.28
N ASP B 424 2.05 2.02 -42.96
CA ASP B 424 2.50 1.79 -41.57
C ASP B 424 3.75 2.56 -41.14
N TRP B 425 4.29 3.38 -42.03
CA TRP B 425 5.30 4.35 -41.62
C TRP B 425 4.71 5.77 -41.69
N SER B 426 4.20 6.18 -42.86
CA SER B 426 3.76 7.57 -43.04
C SER B 426 2.60 7.95 -42.14
N ALA B 427 1.74 6.99 -41.85
CA ALA B 427 0.64 7.22 -40.92
C ALA B 427 1.15 7.57 -39.52
N VAL B 428 2.18 6.86 -39.03
CA VAL B 428 2.83 7.30 -37.81
C VAL B 428 3.24 8.76 -38.00
N ALA B 429 4.00 9.04 -39.05
CA ALA B 429 4.59 10.36 -39.27
C ALA B 429 3.63 11.51 -39.04
N SER B 430 2.37 11.32 -39.42
CA SER B 430 1.34 12.37 -39.45
C SER B 430 0.40 12.42 -38.21
N ASP B 431 0.75 11.71 -37.15
CA ASP B 431 0.02 11.71 -35.87
C ASP B 431 -1.42 11.18 -35.97
N GLU B 432 -1.61 10.23 -36.88
CA GLU B 432 -2.91 9.58 -37.07
C GLU B 432 -3.17 8.67 -35.87
N ILE B 433 -4.40 8.67 -35.39
CA ILE B 433 -4.77 7.91 -34.20
C ILE B 433 -3.88 8.35 -33.03
N THR B 434 -3.33 7.40 -32.28
CA THR B 434 -2.43 7.67 -31.16
C THR B 434 -1.03 8.06 -31.61
N GLY B 435 -0.66 7.61 -32.81
CA GLY B 435 0.67 7.87 -33.37
C GLY B 435 1.71 6.89 -32.89
N VAL B 436 1.24 5.71 -32.47
CA VAL B 436 2.14 4.64 -32.04
C VAL B 436 2.24 3.57 -33.10
N GLU B 437 3.48 3.22 -33.47
CA GLU B 437 3.77 2.25 -34.52
C GLU B 437 2.90 0.99 -34.45
N LYS B 438 2.79 0.38 -33.28
CA LYS B 438 2.11 -0.91 -33.15
C LYS B 438 0.58 -0.78 -33.25
N ASP B 439 0.02 0.27 -32.64
CA ASP B 439 -1.41 0.55 -32.73
C ASP B 439 -1.82 0.69 -34.18
N ILE B 440 -1.09 1.55 -34.90
CA ILE B 440 -1.38 1.85 -36.29
C ILE B 440 -1.26 0.62 -37.19
N SER B 441 -0.17 -0.14 -37.04
CA SER B 441 0.00 -1.36 -37.85
C SER B 441 -1.16 -2.32 -37.63
N ALA B 442 -1.48 -2.58 -36.36
CA ALA B 442 -2.61 -3.43 -36.00
C ALA B 442 -3.90 -2.98 -36.69
N ALA B 443 -4.21 -1.69 -36.56
CA ALA B 443 -5.40 -1.12 -37.19
C ALA B 443 -5.48 -1.52 -38.65
N LEU B 444 -4.40 -1.23 -39.37
CA LEU B 444 -4.33 -1.49 -40.80
C LEU B 444 -4.44 -2.98 -41.15
N GLN B 445 -3.78 -3.85 -40.39
CA GLN B 445 -3.82 -5.29 -40.69
C GLN B 445 -5.26 -5.81 -40.63
N VAL B 446 -5.98 -5.39 -39.60
CA VAL B 446 -7.35 -5.87 -39.36
C VAL B 446 -8.34 -5.34 -40.39
N ASN B 447 -8.29 -4.04 -40.62
CA ASN B 447 -9.25 -3.38 -41.51
C ASN B 447 -9.07 -3.80 -42.97
N CYS B 448 -7.83 -4.01 -43.39
CA CYS B 448 -7.57 -4.62 -44.69
C CYS B 448 -8.08 -6.05 -44.74
N ALA B 449 -7.72 -6.83 -43.73
CA ALA B 449 -8.14 -8.22 -43.66
C ALA B 449 -9.66 -8.34 -43.73
N LEU B 450 -10.37 -7.39 -43.13
CA LEU B 450 -11.84 -7.33 -43.23
C LEU B 450 -12.28 -6.95 -44.65
N LEU B 451 -11.62 -5.94 -45.21
CA LEU B 451 -11.94 -5.45 -46.55
C LEU B 451 -11.94 -6.60 -47.55
N LYS B 452 -10.85 -7.37 -47.57
CA LYS B 452 -10.74 -8.52 -48.44
C LYS B 452 -11.91 -9.49 -48.25
N ALA B 453 -12.22 -9.80 -47.00
CA ALA B 453 -13.31 -10.74 -46.66
C ALA B 453 -14.71 -10.16 -46.89
N TYR B 454 -14.79 -8.83 -46.96
CA TYR B 454 -16.04 -8.12 -47.21
C TYR B 454 -16.47 -8.29 -48.68
N GLY B 455 -15.51 -8.51 -49.59
CA GLY B 455 -15.81 -8.70 -51.01
C GLY B 455 -14.64 -8.48 -51.96
N LEU B 456 -13.75 -7.56 -51.60
CA LEU B 456 -12.60 -7.17 -52.44
C LEU B 456 -11.85 -8.38 -53.02
N PRO B 457 -11.43 -8.30 -54.30
CA PRO B 457 -10.97 -9.50 -55.02
C PRO B 457 -9.56 -9.99 -54.65
N SER B 458 -9.31 -11.27 -54.97
CA SER B 458 -8.01 -11.90 -54.73
C SER B 458 -6.91 -11.21 -55.51
N SER B 459 -7.21 -10.86 -56.76
CA SER B 459 -6.25 -10.24 -57.68
C SER B 459 -5.49 -9.06 -57.09
N VAL B 460 -6.17 -8.29 -56.25
CA VAL B 460 -5.56 -7.13 -55.60
C VAL B 460 -4.38 -7.57 -54.74
N LYS B 461 -3.24 -6.90 -54.92
CA LYS B 461 -2.02 -7.22 -54.19
C LYS B 461 -1.84 -6.23 -53.06
N ILE B 462 -1.66 -6.76 -51.85
CA ILE B 462 -1.53 -5.95 -50.64
C ILE B 462 -0.07 -5.82 -50.29
N VAL B 463 0.32 -4.65 -49.81
CA VAL B 463 1.72 -4.34 -49.56
C VAL B 463 1.80 -3.22 -48.53
N THR B 464 2.75 -3.37 -47.60
CA THR B 464 2.97 -2.39 -46.55
C THR B 464 4.17 -1.51 -46.90
N GLU B 465 4.13 -0.25 -46.45
CA GLU B 465 5.25 0.65 -46.67
C GLU B 465 6.53 -0.03 -46.22
N ASN B 466 6.48 -0.60 -45.02
CA ASN B 466 7.60 -1.37 -44.46
C ASN B 466 8.19 -2.34 -45.49
N GLU B 467 7.34 -3.20 -46.03
CA GLU B 467 7.70 -4.14 -47.10
C GLU B 467 8.40 -3.44 -48.27
N VAL B 468 7.82 -2.32 -48.71
CA VAL B 468 8.35 -1.55 -49.83
C VAL B 468 9.72 -0.99 -49.47
N ILE B 469 9.81 -0.36 -48.30
CA ILE B 469 11.06 0.25 -47.85
C ILE B 469 12.14 -0.80 -47.59
N LEU B 470 11.81 -1.92 -46.97
CA LEU B 470 12.78 -2.97 -46.74
C LEU B 470 13.32 -3.55 -48.05
N GLY B 471 12.44 -3.72 -49.04
CA GLY B 471 12.83 -4.21 -50.35
C GLY B 471 13.89 -3.34 -51.03
N ASN B 472 13.71 -2.03 -50.95
CA ASN B 472 14.63 -1.07 -51.57
C ASN B 472 14.82 0.11 -50.65
N CYS B 473 15.48 -0.12 -49.52
CA CYS B 473 15.62 0.94 -48.54
C CYS B 473 16.49 2.04 -49.08
N ASP B 474 17.73 1.69 -49.42
CA ASP B 474 18.64 2.65 -50.01
C ASP B 474 17.91 3.57 -50.99
N ASP B 475 17.27 2.99 -52.01
CA ASP B 475 16.60 3.79 -53.05
C ASP B 475 15.48 4.64 -52.49
N PHE B 476 14.68 4.06 -51.60
CA PHE B 476 13.48 4.72 -51.14
C PHE B 476 13.76 6.10 -50.57
N TRP B 477 14.64 6.16 -49.58
CA TRP B 477 14.88 7.41 -48.87
C TRP B 477 15.57 8.45 -49.74
N VAL B 478 16.48 8.01 -50.61
CA VAL B 478 17.05 8.89 -51.65
C VAL B 478 15.97 9.45 -52.60
N SER B 479 15.01 8.61 -52.98
CA SER B 479 13.84 9.06 -53.71
C SER B 479 13.23 10.22 -52.95
N VAL B 480 12.91 10.01 -51.66
CA VAL B 480 12.27 11.02 -50.80
C VAL B 480 13.04 12.34 -50.76
N ILE B 481 14.35 12.26 -50.53
CA ILE B 481 15.21 13.46 -50.56
C ILE B 481 15.16 14.11 -51.92
N GLY B 482 15.21 13.29 -52.98
CA GLY B 482 15.13 13.77 -54.35
C GLY B 482 13.86 14.55 -54.64
N ILE B 483 12.73 13.97 -54.26
CA ILE B 483 11.43 14.62 -54.39
C ILE B 483 11.38 15.85 -53.52
N ALA B 484 12.09 15.79 -52.38
CA ALA B 484 12.11 16.86 -51.40
C ALA B 484 12.65 18.18 -51.93
N ARG B 485 13.80 18.12 -52.59
CA ARG B 485 14.51 19.34 -52.98
C ARG B 485 13.91 19.99 -54.21
N LYS B 486 12.96 19.30 -54.85
CA LYS B 486 12.31 19.81 -56.03
C LYS B 486 11.08 20.64 -55.67
N ASN B 487 10.67 20.59 -54.41
CA ASN B 487 9.38 21.13 -53.99
C ASN B 487 9.44 22.06 -52.79
N LEU B 488 8.73 23.17 -52.88
CA LEU B 488 8.75 24.19 -51.85
C LEU B 488 7.92 23.71 -50.67
N LEU B 489 8.12 24.32 -49.50
CA LEU B 489 7.33 23.97 -48.33
C LEU B 489 5.88 24.41 -48.53
N SER B 490 5.71 25.67 -48.94
CA SER B 490 4.40 26.26 -49.20
C SER B 490 3.62 25.30 -50.06
N HIS B 491 4.25 24.81 -51.11
CA HIS B 491 3.55 23.96 -52.05
C HIS B 491 2.99 22.76 -51.33
N VAL B 492 3.79 22.18 -50.44
CA VAL B 492 3.35 21.01 -49.70
C VAL B 492 2.25 21.37 -48.73
N GLU B 493 2.35 22.54 -48.09
CA GLU B 493 1.30 23.06 -47.22
C GLU B 493 0.00 23.36 -47.97
N GLU B 494 0.10 23.66 -49.27
CA GLU B 494 -1.07 23.84 -50.11
C GLU B 494 -1.87 22.55 -50.25
N LEU B 495 -1.17 21.42 -50.36
CA LEU B 495 -1.82 20.13 -50.54
C LEU B 495 -2.71 19.77 -49.36
N TYR B 496 -2.35 20.27 -48.19
CA TYR B 496 -3.12 20.04 -46.97
C TYR B 496 -4.09 21.19 -46.65
N GLY B 497 -4.38 22.04 -47.63
CA GLY B 497 -5.31 23.15 -47.46
C GLY B 497 -4.75 24.40 -46.79
N GLY B 498 -3.45 24.62 -46.90
CA GLY B 498 -2.80 25.82 -46.37
C GLY B 498 -1.99 25.62 -45.09
N GLU B 499 -2.55 24.87 -44.14
CA GLU B 499 -1.95 24.66 -42.83
C GLU B 499 -1.66 23.20 -42.63
N VAL B 500 -0.51 22.87 -42.04
CA VAL B 500 -0.23 21.50 -41.64
C VAL B 500 -0.23 21.33 -40.12
N ARG B 501 -0.83 20.22 -39.68
CA ARG B 501 -0.99 19.86 -38.27
C ARG B 501 0.37 19.72 -37.58
N ASN B 502 1.28 19.03 -38.24
CA ASN B 502 2.64 18.78 -37.72
C ASN B 502 3.65 18.53 -38.84
N ALA B 503 4.90 18.82 -38.56
CA ALA B 503 6.00 18.57 -39.51
C ALA B 503 5.81 17.26 -40.26
N GLY B 504 5.48 16.20 -39.53
CA GLY B 504 5.36 14.86 -40.08
C GLY B 504 4.40 14.68 -41.25
N GLN B 505 3.41 15.56 -41.39
CA GLN B 505 2.54 15.50 -42.57
C GLN B 505 3.32 15.75 -43.86
N VAL B 506 4.13 16.81 -43.84
CA VAL B 506 5.03 17.16 -44.95
C VAL B 506 5.83 15.97 -45.45
N ILE B 507 6.23 15.10 -44.54
CA ILE B 507 7.01 13.93 -44.90
C ILE B 507 6.10 12.85 -45.45
N ALA B 508 4.91 12.70 -44.86
CA ALA B 508 3.94 11.75 -45.36
C ALA B 508 3.71 11.94 -46.87
N ALA B 509 3.54 13.19 -47.31
CA ALA B 509 3.29 13.48 -48.73
C ALA B 509 4.43 13.00 -49.60
N LEU B 510 5.66 13.33 -49.21
CA LEU B 510 6.88 12.92 -49.93
C LEU B 510 6.97 11.41 -50.01
N MET B 511 6.64 10.75 -48.90
CA MET B 511 6.67 9.31 -48.82
C MET B 511 5.69 8.67 -49.81
N ARG B 512 4.50 9.24 -49.91
CA ARG B 512 3.49 8.74 -50.85
C ARG B 512 3.95 8.81 -52.31
N VAL B 513 4.45 9.96 -52.73
CA VAL B 513 4.94 10.11 -54.10
C VAL B 513 6.07 9.10 -54.36
N ALA B 514 7.03 9.05 -53.43
CA ALA B 514 8.17 8.12 -53.54
C ALA B 514 7.70 6.68 -53.73
N THR B 515 6.67 6.31 -52.98
CA THR B 515 6.13 4.96 -53.05
C THR B 515 5.45 4.69 -54.37
N ALA B 516 4.62 5.64 -54.80
CA ALA B 516 3.95 5.56 -56.09
C ALA B 516 4.95 5.19 -57.16
N LEU B 517 6.04 5.93 -57.20
CA LEU B 517 7.07 5.77 -58.22
C LEU B 517 7.76 4.41 -58.12
N MET B 518 8.10 3.97 -56.91
CA MET B 518 8.70 2.65 -56.70
C MET B 518 7.79 1.50 -57.12
N LEU B 519 6.49 1.66 -56.89
CA LEU B 519 5.50 0.67 -57.28
C LEU B 519 5.22 0.67 -58.79
N SER B 520 5.68 1.70 -59.50
CA SER B 520 5.60 1.78 -60.97
C SER B 520 4.17 2.01 -61.42
N VAL B 521 3.62 3.13 -60.97
CA VAL B 521 2.19 3.38 -61.02
C VAL B 521 1.80 4.36 -62.09
N SER B 522 0.65 4.09 -62.71
CA SER B 522 0.04 4.93 -63.73
C SER B 522 -1.18 5.68 -63.19
N HIS B 523 -1.78 5.17 -62.11
CA HIS B 523 -2.97 5.80 -61.53
C HIS B 523 -2.95 5.80 -60.01
N VAL B 524 -3.34 6.93 -59.42
CA VAL B 524 -3.46 7.06 -57.97
C VAL B 524 -4.92 7.19 -57.52
N ILE B 525 -5.39 6.20 -56.78
CA ILE B 525 -6.76 6.18 -56.25
C ILE B 525 -6.79 6.99 -54.96
N SER B 526 -7.86 7.76 -54.75
CA SER B 526 -8.01 8.60 -53.56
C SER B 526 -9.39 8.46 -52.93
N THR B 527 -9.39 8.21 -51.62
CA THR B 527 -10.61 8.23 -50.83
C THR B 527 -10.84 9.65 -50.37
N SER B 528 -11.99 9.90 -49.74
CA SER B 528 -12.30 11.25 -49.27
C SER B 528 -11.35 11.65 -48.14
N LEU B 529 -10.87 10.65 -47.41
CA LEU B 529 -9.96 10.90 -46.29
C LEU B 529 -8.56 11.26 -46.79
N ASP B 530 -8.21 10.81 -47.98
CA ASP B 530 -6.92 11.16 -48.58
C ASP B 530 -6.89 12.65 -48.88
N GLY B 531 -7.98 13.15 -49.47
CA GLY B 531 -8.04 14.53 -49.91
C GLY B 531 -6.97 14.85 -50.94
N HIS B 532 -6.51 16.11 -50.92
CA HIS B 532 -5.57 16.61 -51.92
C HIS B 532 -4.12 16.24 -51.66
N ILE B 533 -3.87 15.19 -50.89
CA ILE B 533 -2.50 14.69 -50.74
C ILE B 533 -2.00 14.08 -52.05
N ASN B 534 -2.75 13.09 -52.54
CA ASN B 534 -2.32 12.28 -53.70
C ASN B 534 -2.17 13.01 -55.04
N ALA B 535 -2.65 14.25 -55.14
CA ALA B 535 -2.45 15.06 -56.34
C ALA B 535 -0.96 15.41 -56.52
N PHE B 536 -0.21 15.39 -55.43
CA PHE B 536 1.23 15.61 -55.47
C PHE B 536 1.90 14.72 -56.52
N ALA B 537 1.54 13.43 -56.50
CA ALA B 537 2.08 12.45 -57.44
C ALA B 537 1.88 12.90 -58.89
N ARG B 538 0.67 13.38 -59.18
CA ARG B 538 0.34 13.96 -60.47
C ARG B 538 1.23 15.18 -60.74
N GLU B 539 1.22 16.16 -59.84
CA GLU B 539 2.03 17.37 -60.00
C GLU B 539 3.52 17.09 -60.20
N TYR B 540 4.02 16.02 -59.58
CA TYR B 540 5.46 15.70 -59.63
C TYR B 540 5.86 15.01 -60.92
N THR B 541 5.11 13.97 -61.28
CA THR B 541 5.33 13.26 -62.55
C THR B 541 4.86 14.10 -63.76
N LYS B 542 4.18 15.21 -63.48
CA LYS B 542 3.73 16.17 -64.50
C LYS B 542 2.59 15.63 -65.36
N GLU B 543 1.52 15.23 -64.69
CA GLU B 543 0.29 14.75 -65.33
C GLU B 543 0.44 13.39 -66.03
N ARG B 544 1.51 12.67 -65.71
CA ARG B 544 1.69 11.32 -66.23
C ARG B 544 0.72 10.41 -65.50
N ILE B 545 0.76 10.51 -64.18
CA ILE B 545 -0.07 9.70 -63.30
C ILE B 545 -1.46 10.31 -63.20
N ASP B 546 -2.44 9.65 -63.79
CA ASP B 546 -3.82 10.11 -63.76
C ASP B 546 -4.45 9.77 -62.39
N CYS B 547 -5.21 10.72 -61.82
CA CYS B 547 -5.85 10.56 -60.49
C CYS B 547 -7.26 9.99 -60.61
N VAL B 548 -7.61 9.05 -59.73
CA VAL B 548 -8.95 8.46 -59.71
C VAL B 548 -9.55 8.66 -58.33
N GLN B 549 -10.61 9.45 -58.25
CA GLN B 549 -11.30 9.72 -56.98
C GLN B 549 -12.30 8.61 -56.65
N THR B 550 -12.46 8.34 -55.36
CA THR B 550 -13.45 7.38 -54.86
C THR B 550 -14.89 7.85 -55.12
N LEU B 551 -15.87 6.94 -55.01
CA LEU B 551 -17.28 7.31 -55.11
C LEU B 551 -17.98 7.09 -53.76
N GLU B 552 -18.03 8.14 -52.95
CA GLU B 552 -18.58 8.07 -51.60
C GLU B 552 -19.90 8.83 -51.50
N GLY B 553 -20.58 8.66 -50.36
CA GLY B 553 -21.92 9.21 -50.15
C GLY B 553 -23.03 8.22 -50.49
N ARG B 554 -22.65 6.97 -50.71
CA ARG B 554 -23.61 5.90 -51.01
C ARG B 554 -24.28 5.35 -49.75
N ILE B 555 -23.63 5.51 -48.60
CA ILE B 555 -24.17 5.12 -47.29
C ILE B 555 -23.95 6.24 -46.27
N PRO B 556 -25.04 6.92 -45.85
CA PRO B 556 -24.92 8.03 -44.93
C PRO B 556 -25.10 7.59 -43.48
N ALA B 557 -24.84 8.52 -42.56
CA ALA B 557 -25.03 8.26 -41.14
C ALA B 557 -26.50 8.03 -40.82
N LEU B 558 -26.78 7.11 -39.89
CA LEU B 558 -28.15 6.71 -39.58
C LEU B 558 -28.97 7.78 -38.84
N HIS B 559 -28.31 8.83 -38.36
CA HIS B 559 -28.99 9.96 -37.74
C HIS B 559 -29.68 10.84 -38.79
N ARG B 560 -30.94 11.18 -38.55
CA ARG B 560 -31.73 12.00 -39.47
C ARG B 560 -31.41 13.48 -39.32
N PRO B 646 -42.24 1.34 -42.81
CA PRO B 646 -40.80 1.43 -42.63
C PRO B 646 -40.20 0.25 -41.85
N ALA B 647 -41.03 -0.42 -41.05
CA ALA B 647 -40.60 -1.55 -40.24
C ALA B 647 -40.06 -2.70 -41.10
N ASP B 648 -40.84 -3.06 -42.13
CA ASP B 648 -40.43 -4.10 -43.08
C ASP B 648 -39.09 -3.79 -43.75
N LEU B 649 -38.90 -2.51 -44.09
CA LEU B 649 -37.66 -2.06 -44.72
C LEU B 649 -36.48 -2.28 -43.78
N LYS B 650 -36.60 -1.79 -42.55
CA LYS B 650 -35.53 -1.89 -41.55
C LYS B 650 -35.10 -3.34 -41.33
N ALA B 651 -36.07 -4.25 -41.25
CA ALA B 651 -35.79 -5.67 -41.03
C ALA B 651 -35.06 -6.31 -42.21
N ALA B 652 -35.54 -6.05 -43.42
CA ALA B 652 -34.96 -6.62 -44.64
C ALA B 652 -33.53 -6.15 -44.86
N VAL B 653 -33.27 -4.88 -44.58
CA VAL B 653 -31.93 -4.31 -44.72
C VAL B 653 -30.94 -4.91 -43.71
N LEU B 654 -31.39 -5.05 -42.46
CA LEU B 654 -30.56 -5.64 -41.40
C LEU B 654 -30.10 -7.05 -41.77
N GLN B 655 -31.09 -7.91 -42.05
CA GLN B 655 -30.82 -9.32 -42.41
C GLN B 655 -29.92 -9.45 -43.63
N LEU B 656 -30.09 -8.55 -44.61
CA LEU B 656 -29.23 -8.52 -45.80
C LEU B 656 -27.80 -8.17 -45.43
N LEU B 657 -27.63 -7.13 -44.62
CA LEU B 657 -26.31 -6.70 -44.15
C LEU B 657 -25.60 -7.81 -43.40
N LEU B 658 -26.33 -8.45 -42.49
CA LEU B 658 -25.80 -9.57 -41.70
C LEU B 658 -25.25 -10.67 -42.61
N ASP B 659 -26.06 -11.09 -43.58
CA ASP B 659 -25.66 -12.12 -44.54
C ASP B 659 -24.42 -11.69 -45.34
N ARG B 660 -24.37 -10.41 -45.71
CA ARG B 660 -23.27 -9.87 -46.51
C ARG B 660 -21.96 -9.83 -45.74
N SER B 661 -22.01 -9.39 -44.48
CA SER B 661 -20.80 -9.25 -43.66
C SER B 661 -20.19 -10.61 -43.33
N ALA B 662 -21.01 -11.52 -42.82
CA ALA B 662 -20.61 -12.91 -42.54
C ALA B 662 -19.33 -12.99 -41.72
N LYS B 674 -7.71 -9.92 -31.13
CA LYS B 674 -6.41 -9.67 -30.53
C LYS B 674 -5.91 -8.26 -30.81
N ASN B 675 -5.76 -7.93 -32.10
CA ASN B 675 -5.38 -6.58 -32.51
C ASN B 675 -6.51 -5.60 -32.21
N MET B 676 -7.74 -6.10 -32.22
CA MET B 676 -8.90 -5.31 -31.85
C MET B 676 -8.79 -4.77 -30.42
N THR B 677 -8.11 -5.52 -29.54
CA THR B 677 -7.87 -5.08 -28.15
C THR B 677 -7.00 -3.82 -28.09
N VAL B 678 -5.87 -3.86 -28.79
CA VAL B 678 -4.94 -2.74 -28.80
C VAL B 678 -5.63 -1.47 -29.30
N LEU B 679 -6.53 -1.64 -30.26
CA LEU B 679 -7.35 -0.53 -30.75
C LEU B 679 -8.24 0.05 -29.65
N ARG B 680 -8.83 -0.82 -28.83
CA ARG B 680 -9.68 -0.39 -27.70
C ARG B 680 -8.87 0.29 -26.60
N ASN B 681 -7.64 -0.17 -26.37
CA ASN B 681 -6.72 0.51 -25.45
C ASN B 681 -6.39 1.91 -25.98
N ALA B 682 -6.07 1.97 -27.27
CA ALA B 682 -5.82 3.23 -27.98
C ALA B 682 -7.05 4.16 -27.98
N GLU B 683 -8.24 3.58 -28.14
CA GLU B 683 -9.49 4.34 -28.15
C GLU B 683 -9.64 5.15 -26.87
N LYS B 684 -9.24 4.56 -25.75
CA LYS B 684 -9.27 5.23 -24.45
C LYS B 684 -8.20 6.32 -24.41
N LYS B 685 -6.98 5.98 -24.80
CA LYS B 685 -5.89 6.96 -24.84
C LYS B 685 -6.30 8.27 -25.53
N MET B 686 -7.22 8.19 -26.50
CA MET B 686 -7.74 9.35 -27.23
C MET B 686 -8.89 10.05 -26.49
N ALA B 687 -9.55 9.32 -25.59
CA ALA B 687 -10.65 9.86 -24.81
C ALA B 687 -10.15 10.89 -23.81
N HIS C 7 -19.07 -18.11 -1.18
CA HIS C 7 -18.43 -17.69 0.11
C HIS C 7 -19.46 -17.07 1.06
N HIS C 8 -20.33 -16.21 0.53
CA HIS C 8 -21.39 -15.58 1.34
C HIS C 8 -22.62 -16.50 1.38
N MET C 9 -22.92 -17.01 2.57
CA MET C 9 -23.95 -18.05 2.75
C MET C 9 -25.34 -17.46 2.60
N ASN C 10 -26.28 -18.30 2.16
CA ASN C 10 -27.71 -17.96 2.16
C ASN C 10 -28.24 -18.11 3.59
N THR C 11 -29.53 -17.83 3.80
CA THR C 11 -30.12 -17.99 5.12
C THR C 11 -29.96 -19.43 5.61
N ASP C 12 -30.45 -20.37 4.81
CA ASP C 12 -30.41 -21.79 5.18
C ASP C 12 -29.01 -22.24 5.59
N GLU C 13 -28.00 -21.82 4.82
CA GLU C 13 -26.63 -22.27 5.03
C GLU C 13 -25.96 -21.66 6.24
N ARG C 14 -26.41 -20.47 6.66
CA ARG C 14 -25.97 -19.90 7.94
C ARG C 14 -26.51 -20.76 9.09
N TYR C 15 -27.84 -20.92 9.11
CA TYR C 15 -28.52 -21.69 10.16
C TYR C 15 -27.89 -23.06 10.38
N LYS C 16 -27.71 -23.81 9.28
CA LYS C 16 -27.14 -25.15 9.34
C LYS C 16 -25.79 -25.15 10.04
N LEU C 17 -24.94 -24.21 9.62
CA LEU C 17 -23.57 -24.10 10.15
C LEU C 17 -23.58 -23.80 11.63
N LEU C 18 -24.43 -22.85 12.03
CA LEU C 18 -24.54 -22.44 13.43
C LEU C 18 -25.21 -23.49 14.31
N ARG C 19 -26.13 -24.25 13.72
CA ARG C 19 -26.81 -25.33 14.43
C ARG C 19 -25.86 -26.49 14.68
N SER C 20 -24.93 -26.69 13.75
CA SER C 20 -23.94 -27.77 13.88
C SER C 20 -22.99 -27.55 15.05
N VAL C 21 -22.89 -26.31 15.53
CA VAL C 21 -22.02 -25.96 16.67
C VAL C 21 -22.42 -26.65 17.98
N GLY C 22 -23.70 -26.94 18.14
CA GLY C 22 -24.23 -27.48 19.38
C GLY C 22 -24.73 -28.89 19.23
N GLU C 23 -24.47 -29.72 20.25
CA GLU C 23 -24.99 -31.08 20.29
C GLU C 23 -26.47 -31.03 20.57
N GLU C 24 -26.87 -29.98 21.30
CA GLU C 24 -28.25 -29.71 21.64
C GLU C 24 -28.56 -28.28 21.25
N CYS C 25 -29.77 -28.05 20.71
CA CYS C 25 -30.25 -26.68 20.48
C CYS C 25 -31.66 -26.52 21.05
N ILE C 26 -31.82 -25.61 22.00
CA ILE C 26 -33.12 -25.38 22.59
C ILE C 26 -33.90 -24.41 21.73
N GLN C 27 -34.96 -24.94 21.11
CA GLN C 27 -35.77 -24.19 20.18
C GLN C 27 -34.95 -23.79 18.95
N GLU C 28 -34.98 -24.67 17.95
CA GLU C 28 -34.39 -24.37 16.64
C GLU C 28 -35.21 -23.27 15.96
N SER C 29 -36.52 -23.28 16.22
CA SER C 29 -37.41 -22.19 15.79
C SER C 29 -36.89 -20.82 16.21
N GLU C 30 -36.33 -20.75 17.41
CA GLU C 30 -35.76 -19.51 17.93
C GLU C 30 -34.44 -19.15 17.24
N LEU C 31 -33.62 -20.17 16.96
CA LEU C 31 -32.34 -19.95 16.30
C LEU C 31 -32.57 -19.54 14.84
N ARG C 32 -33.53 -20.19 14.18
CA ARG C 32 -33.90 -19.83 12.80
C ARG C 32 -34.41 -18.40 12.79
N ASN C 33 -35.27 -18.08 13.75
CA ASN C 33 -35.82 -16.73 13.84
C ASN C 33 -34.74 -15.66 14.05
N LEU C 34 -33.70 -15.98 14.81
CA LEU C 34 -32.58 -15.04 14.98
C LEU C 34 -31.81 -14.90 13.68
N ILE C 35 -31.33 -16.03 13.17
CA ILE C 35 -30.67 -16.06 11.87
C ILE C 35 -31.35 -15.13 10.87
N GLU C 36 -32.66 -15.29 10.72
CA GLU C 36 -33.39 -14.52 9.72
C GLU C 36 -33.58 -13.04 10.10
N LYS C 37 -33.62 -12.73 11.38
CA LYS C 37 -33.95 -11.37 11.84
C LYS C 37 -32.74 -10.53 12.32
N LYS C 38 -32.05 -10.95 13.37
CA LYS C 38 -31.03 -10.11 14.02
C LYS C 38 -29.66 -10.15 13.37
N PRO C 39 -29.13 -9.00 12.91
CA PRO C 39 -27.80 -8.96 12.27
C PRO C 39 -26.60 -9.39 13.11
N LEU C 40 -26.42 -8.76 14.28
CA LEU C 40 -25.23 -9.03 15.10
C LEU C 40 -25.59 -9.92 16.28
N ILE C 41 -25.98 -11.16 15.98
CA ILE C 41 -26.47 -12.09 17.01
C ILE C 41 -25.38 -12.30 18.06
N ARG C 42 -25.78 -12.35 19.35
CA ARG C 42 -24.82 -12.41 20.46
C ARG C 42 -24.64 -13.79 21.08
N CYS C 43 -23.60 -14.50 20.65
CA CYS C 43 -23.18 -15.73 21.32
C CYS C 43 -22.29 -15.35 22.49
N TYR C 44 -22.43 -16.07 23.61
CA TYR C 44 -21.49 -15.92 24.73
C TYR C 44 -21.19 -17.26 25.34
N ASP C 45 -19.98 -17.36 25.86
CA ASP C 45 -19.51 -18.51 26.61
C ASP C 45 -18.65 -17.95 27.74
N GLY C 46 -18.53 -18.72 28.81
CA GLY C 46 -17.70 -18.31 29.96
C GLY C 46 -16.84 -19.43 30.50
N PHE C 47 -15.76 -19.05 31.17
CA PHE C 47 -14.80 -20.03 31.69
C PHE C 47 -13.98 -19.45 32.84
N GLU C 48 -13.61 -20.31 33.78
CA GLU C 48 -12.77 -19.94 34.93
C GLU C 48 -11.30 -20.16 34.57
N PRO C 49 -10.47 -19.11 34.64
CA PRO C 49 -9.04 -19.21 34.29
C PRO C 49 -8.22 -20.17 35.15
N SER C 50 -8.12 -21.43 34.73
CA SER C 50 -7.31 -22.42 35.45
C SER C 50 -5.82 -22.35 35.05
N GLY C 51 -5.55 -21.79 33.86
CA GLY C 51 -4.18 -21.61 33.37
C GLY C 51 -3.71 -22.76 32.51
N ARG C 52 -4.25 -23.95 32.79
CA ARG C 52 -3.92 -25.15 32.05
C ARG C 52 -5.02 -25.44 31.06
N MET C 53 -4.84 -24.95 29.82
CA MET C 53 -5.86 -25.06 28.80
C MET C 53 -5.75 -26.39 28.06
N HIS C 54 -6.85 -27.13 28.04
CA HIS C 54 -6.91 -28.40 27.30
C HIS C 54 -7.39 -28.16 25.87
N ILE C 55 -7.35 -29.20 25.05
CA ILE C 55 -7.56 -29.07 23.62
C ILE C 55 -9.02 -28.77 23.27
N ALA C 56 -9.94 -29.25 24.12
CA ALA C 56 -11.35 -28.92 24.01
C ALA C 56 -11.54 -27.41 24.08
N GLN C 57 -10.79 -26.80 24.99
CA GLN C 57 -10.93 -25.37 25.29
C GLN C 57 -10.18 -24.50 24.27
N GLY C 58 -9.17 -25.07 23.61
CA GLY C 58 -8.31 -24.31 22.69
C GLY C 58 -8.74 -24.36 21.23
N ILE C 59 -8.52 -25.51 20.60
CA ILE C 59 -8.80 -25.67 19.16
C ILE C 59 -10.29 -25.87 18.87
N PHE C 60 -10.95 -26.71 19.67
CA PHE C 60 -12.36 -27.05 19.45
C PHE C 60 -13.27 -25.86 19.74
N LYS C 61 -12.91 -25.07 20.74
CA LYS C 61 -13.59 -23.83 21.02
C LYS C 61 -13.44 -22.88 19.84
N ALA C 62 -12.23 -22.78 19.34
CA ALA C 62 -11.92 -21.98 18.14
C ALA C 62 -12.73 -22.43 16.93
N VAL C 63 -12.88 -23.74 16.75
CA VAL C 63 -13.61 -24.28 15.62
C VAL C 63 -15.08 -23.89 15.69
N ASN C 64 -15.63 -23.85 16.90
CA ASN C 64 -17.04 -23.48 17.12
C ASN C 64 -17.29 -21.98 17.01
N VAL C 65 -16.38 -21.21 17.59
CA VAL C 65 -16.50 -19.76 17.51
C VAL C 65 -16.36 -19.31 16.06
N ASN C 66 -15.43 -19.92 15.34
CA ASN C 66 -15.27 -19.68 13.90
C ASN C 66 -16.54 -19.97 13.11
N LYS C 67 -17.25 -21.03 13.50
CA LYS C 67 -18.53 -21.40 12.87
C LYS C 67 -19.63 -20.38 13.19
N CYS C 68 -19.56 -19.80 14.40
CA CYS C 68 -20.51 -18.79 14.85
C CYS C 68 -20.30 -17.44 14.16
N THR C 69 -19.06 -16.94 14.18
CA THR C 69 -18.74 -15.67 13.53
C THR C 69 -18.92 -15.78 12.01
N ALA C 70 -18.71 -16.98 11.48
CA ALA C 70 -19.05 -17.27 10.11
C ALA C 70 -20.54 -17.02 9.90
N ALA C 71 -21.38 -17.70 10.69
CA ALA C 71 -22.86 -17.60 10.56
C ALA C 71 -23.45 -16.21 10.80
N GLY C 72 -22.62 -15.24 11.20
CA GLY C 72 -23.04 -13.85 11.33
C GLY C 72 -23.26 -13.37 12.76
N CYS C 73 -22.59 -14.02 13.71
CA CYS C 73 -22.73 -13.70 15.12
C CYS C 73 -21.61 -12.82 15.63
N GLU C 74 -21.78 -12.37 16.87
CA GLU C 74 -20.77 -11.70 17.65
C GLU C 74 -20.44 -12.66 18.80
N PHE C 75 -19.18 -13.04 18.97
CA PHE C 75 -18.87 -13.98 20.03
C PHE C 75 -18.11 -13.32 21.20
N VAL C 76 -18.78 -13.29 22.34
CA VAL C 76 -18.28 -12.68 23.56
C VAL C 76 -17.79 -13.75 24.52
N PHE C 77 -16.52 -13.66 24.91
CA PHE C 77 -15.93 -14.53 25.91
C PHE C 77 -16.00 -13.86 27.28
N TRP C 78 -16.82 -14.40 28.17
CA TRP C 78 -16.95 -13.87 29.53
C TRP C 78 -15.89 -14.51 30.45
N VAL C 79 -14.82 -13.76 30.76
CA VAL C 79 -13.73 -14.29 31.58
C VAL C 79 -14.10 -14.21 33.07
N ALA C 80 -14.35 -15.36 33.69
CA ALA C 80 -14.88 -15.39 35.05
C ALA C 80 -13.82 -15.08 36.11
N ASP C 81 -13.39 -13.82 36.19
CA ASP C 81 -12.28 -13.45 37.10
C ASP C 81 -12.70 -12.55 38.26
N TRP C 82 -14.00 -12.45 38.53
CA TRP C 82 -14.46 -11.57 39.61
C TRP C 82 -14.06 -12.14 40.95
N PHE C 83 -14.06 -13.47 41.04
CA PHE C 83 -13.62 -14.19 42.24
C PHE C 83 -12.14 -13.93 42.63
N ALA C 84 -11.40 -13.25 41.75
CA ALA C 84 -9.99 -12.92 41.98
C ALA C 84 -9.86 -11.97 43.16
N LEU C 85 -10.75 -10.97 43.19
CA LEU C 85 -10.83 -10.01 44.30
C LEU C 85 -10.87 -10.67 45.69
N MET C 86 -11.35 -11.92 45.73
CA MET C 86 -11.34 -12.73 46.94
C MET C 86 -9.93 -12.83 47.51
N ASN C 87 -8.98 -13.22 46.66
CA ASN C 87 -7.59 -13.47 47.08
C ASN C 87 -6.64 -12.31 46.73
N ASP C 88 -7.19 -11.14 46.40
CA ASP C 88 -6.42 -10.03 45.82
C ASP C 88 -5.95 -8.95 46.79
N LYS C 89 -6.60 -8.85 47.95
CA LYS C 89 -6.19 -7.86 48.96
C LYS C 89 -4.72 -8.07 49.36
N VAL C 90 -4.26 -9.32 49.29
CA VAL C 90 -2.85 -9.67 49.45
C VAL C 90 -2.37 -10.49 48.25
N GLY C 91 -1.17 -10.20 47.76
CA GLY C 91 -0.58 -10.91 46.61
C GLY C 91 -0.96 -10.41 45.22
N GLY C 92 -1.93 -9.51 45.12
CA GLY C 92 -2.29 -8.87 43.86
C GLY C 92 -2.65 -9.87 42.77
N GLU C 93 -3.58 -10.76 43.08
CA GLU C 93 -3.92 -11.87 42.21
C GLU C 93 -4.71 -11.44 40.98
N LEU C 94 -5.43 -10.32 41.07
CA LEU C 94 -6.36 -9.91 40.00
C LEU C 94 -5.63 -9.76 38.66
N GLU C 95 -4.44 -9.15 38.71
CA GLU C 95 -3.58 -9.07 37.53
C GLU C 95 -3.12 -10.47 37.10
N LYS C 96 -2.88 -11.34 38.08
CA LYS C 96 -2.31 -12.70 37.85
C LYS C 96 -3.31 -13.72 37.29
N ILE C 97 -4.57 -13.66 37.74
CA ILE C 97 -5.63 -14.44 37.08
C ILE C 97 -5.96 -13.80 35.74
N ARG C 98 -5.74 -12.48 35.62
CA ARG C 98 -5.80 -11.79 34.32
C ARG C 98 -4.67 -12.27 33.43
N ILE C 99 -3.49 -12.48 34.01
CA ILE C 99 -2.39 -13.13 33.30
C ILE C 99 -2.83 -14.54 32.85
N VAL C 100 -3.41 -15.31 33.77
CA VAL C 100 -3.94 -16.64 33.43
C VAL C 100 -4.92 -16.54 32.27
N GLY C 101 -5.79 -15.54 32.34
CA GLY C 101 -6.70 -15.25 31.24
C GLY C 101 -5.97 -14.80 29.99
N ARG C 102 -5.03 -13.85 30.16
CA ARG C 102 -4.29 -13.29 29.05
C ARG C 102 -3.55 -14.39 28.29
N TYR C 103 -3.07 -15.38 29.03
CA TYR C 103 -2.57 -16.62 28.43
C TYR C 103 -3.69 -17.26 27.61
N LEU C 104 -4.81 -17.58 28.28
CA LEU C 104 -5.93 -18.24 27.61
C LEU C 104 -6.34 -17.48 26.36
N ILE C 105 -6.39 -16.16 26.46
CA ILE C 105 -6.65 -15.31 25.31
C ILE C 105 -5.54 -15.48 24.27
N GLU C 106 -4.30 -15.32 24.73
CA GLU C 106 -3.13 -15.47 23.88
C GLU C 106 -3.04 -16.84 23.22
N VAL C 107 -3.60 -17.84 23.87
CA VAL C 107 -3.72 -19.17 23.28
C VAL C 107 -4.66 -19.10 22.08
N TRP C 108 -5.85 -18.54 22.31
CA TRP C 108 -6.89 -18.46 21.26
C TRP C 108 -6.47 -17.63 20.04
N LYS C 109 -5.69 -16.58 20.28
CA LYS C 109 -5.17 -15.77 19.17
C LYS C 109 -4.35 -16.63 18.20
N ALA C 110 -3.46 -17.45 18.75
CA ALA C 110 -2.61 -18.34 17.96
C ALA C 110 -3.36 -19.58 17.46
N ALA C 111 -4.47 -19.90 18.11
CA ALA C 111 -5.28 -21.09 17.77
C ALA C 111 -5.86 -21.05 16.35
N GLY C 112 -6.12 -19.84 15.85
CA GLY C 112 -6.73 -19.65 14.53
C GLY C 112 -8.13 -19.09 14.58
N MET C 113 -8.47 -18.43 15.68
CA MET C 113 -9.77 -17.77 15.82
C MET C 113 -9.79 -16.45 15.08
N ASP C 114 -10.81 -16.26 14.25
CA ASP C 114 -10.98 -15.00 13.54
C ASP C 114 -11.53 -13.93 14.48
N MET C 115 -10.62 -13.10 15.00
CA MET C 115 -10.94 -12.11 16.03
C MET C 115 -11.63 -10.84 15.49
N ASP C 116 -12.31 -10.95 14.35
CA ASP C 116 -13.01 -9.81 13.76
C ASP C 116 -14.31 -9.49 14.47
N LYS C 117 -15.02 -10.53 14.86
CA LYS C 117 -16.27 -10.40 15.61
C LYS C 117 -16.17 -11.15 16.94
N VAL C 118 -14.98 -11.11 17.54
CA VAL C 118 -14.75 -11.78 18.82
C VAL C 118 -14.28 -10.79 19.87
N LEU C 119 -14.99 -10.78 21.00
CA LEU C 119 -14.72 -9.90 22.13
C LEU C 119 -14.23 -10.70 23.34
N PHE C 120 -13.67 -9.99 24.32
CA PHE C 120 -13.31 -10.60 25.59
C PHE C 120 -13.75 -9.66 26.70
N LEU C 121 -14.55 -10.17 27.62
CA LEU C 121 -15.07 -9.39 28.73
C LEU C 121 -14.60 -9.92 30.07
N TRP C 122 -14.35 -8.99 30.99
CA TRP C 122 -13.79 -9.31 32.29
C TRP C 122 -14.81 -9.09 33.40
N SER C 123 -15.31 -10.19 33.94
CA SER C 123 -16.37 -10.18 34.95
C SER C 123 -16.18 -9.12 36.03
N SER C 124 -14.96 -9.00 36.55
CA SER C 124 -14.65 -8.03 37.62
C SER C 124 -14.93 -6.58 37.21
N GLU C 125 -14.54 -6.22 36.00
CA GLU C 125 -14.73 -4.86 35.50
C GLU C 125 -16.23 -4.63 35.25
N GLU C 126 -16.82 -5.56 34.49
CA GLU C 126 -18.18 -5.41 34.00
C GLU C 126 -19.22 -5.39 35.12
N ILE C 127 -19.04 -6.24 36.12
CA ILE C 127 -19.94 -6.23 37.27
C ILE C 127 -19.78 -4.94 38.07
N THR C 128 -18.55 -4.64 38.50
CA THR C 128 -18.30 -3.47 39.37
C THR C 128 -18.63 -2.11 38.72
N SER C 129 -18.77 -2.08 37.40
CA SER C 129 -19.22 -0.88 36.69
C SER C 129 -20.71 -0.66 36.86
N HIS C 130 -21.48 -1.76 36.87
CA HIS C 130 -22.93 -1.71 36.96
C HIS C 130 -23.42 -2.66 38.04
N ALA C 131 -22.85 -2.50 39.24
CA ALA C 131 -23.17 -3.35 40.38
C ALA C 131 -24.66 -3.35 40.75
N ASP C 132 -25.28 -2.17 40.70
CA ASP C 132 -26.70 -2.03 41.05
C ASP C 132 -27.61 -2.86 40.13
N THR C 133 -27.40 -2.78 38.81
CA THR C 133 -28.23 -3.51 37.87
C THR C 133 -27.95 -5.01 37.95
N TYR C 134 -26.69 -5.36 38.18
CA TYR C 134 -26.29 -6.77 38.20
C TYR C 134 -26.76 -7.45 39.47
N TRP C 135 -26.25 -6.99 40.61
CA TRP C 135 -26.49 -7.71 41.85
C TRP C 135 -27.96 -7.78 42.23
N ARG C 136 -28.72 -6.73 41.93
CA ARG C 136 -30.14 -6.73 42.25
C ARG C 136 -30.87 -7.87 41.52
N MET C 137 -30.49 -8.13 40.27
CA MET C 137 -31.07 -9.24 39.49
C MET C 137 -30.71 -10.56 40.12
N VAL C 138 -29.49 -10.63 40.65
CA VAL C 138 -29.01 -11.85 41.28
C VAL C 138 -29.91 -12.19 42.45
N LEU C 139 -30.26 -11.18 43.24
CA LEU C 139 -31.13 -11.39 44.38
C LEU C 139 -32.58 -11.64 43.96
N ASP C 140 -33.00 -11.05 42.84
CA ASP C 140 -34.34 -11.31 42.30
C ASP C 140 -34.49 -12.73 41.78
N ILE C 141 -33.42 -13.25 41.18
CA ILE C 141 -33.42 -14.62 40.66
C ILE C 141 -33.55 -15.58 41.82
N GLY C 142 -32.82 -15.31 42.90
CA GLY C 142 -32.93 -16.11 44.12
C GLY C 142 -34.26 -15.93 44.83
N ARG C 143 -34.85 -14.75 44.68
CA ARG C 143 -36.14 -14.46 45.28
C ARG C 143 -37.25 -15.33 44.71
N GLN C 144 -37.17 -15.62 43.40
CA GLN C 144 -38.27 -16.28 42.68
C GLN C 144 -38.06 -17.77 42.44
N ASN C 145 -36.98 -18.34 42.97
CA ASN C 145 -36.67 -19.75 42.75
C ASN C 145 -36.47 -20.52 44.05
N THR C 146 -37.08 -21.71 44.11
CA THR C 146 -36.93 -22.59 45.26
C THR C 146 -35.46 -23.04 45.37
N ILE C 147 -34.97 -23.21 46.58
CA ILE C 147 -33.58 -23.62 46.76
C ILE C 147 -33.31 -24.97 46.09
N ALA C 148 -34.23 -25.91 46.27
CA ALA C 148 -34.10 -27.23 45.66
C ALA C 148 -33.78 -27.09 44.17
N ARG C 149 -34.35 -26.09 43.53
CA ARG C 149 -34.12 -25.84 42.10
C ARG C 149 -32.71 -25.32 41.82
N ILE C 150 -32.15 -24.53 42.73
CA ILE C 150 -30.80 -23.98 42.53
C ILE C 150 -29.71 -24.99 42.90
N LYS C 151 -30.03 -25.85 43.87
CA LYS C 151 -29.15 -26.97 44.19
C LYS C 151 -28.86 -27.78 42.93
N LYS C 152 -29.87 -27.99 42.10
CA LYS C 152 -29.72 -28.78 40.87
C LYS C 152 -28.83 -28.11 39.82
N CYS C 153 -28.62 -26.81 39.94
CA CYS C 153 -27.70 -26.11 39.03
C CYS C 153 -26.23 -26.26 39.44
N CYS C 154 -25.99 -27.06 40.48
CA CYS C 154 -24.63 -27.39 40.94
C CYS C 154 -23.75 -27.98 39.83
N THR C 155 -24.14 -29.16 39.35
CA THR C 155 -23.38 -29.88 38.33
C THR C 155 -23.52 -29.22 36.96
N GLY C 162 -24.76 -32.46 46.38
CA GLY C 162 -25.05 -33.46 47.40
C GLY C 162 -24.95 -32.95 48.84
N THR C 163 -25.45 -31.72 49.05
CA THR C 163 -25.44 -31.04 50.38
C THR C 163 -24.04 -30.78 50.99
N LEU C 164 -22.99 -31.35 50.39
CA LEU C 164 -21.59 -30.94 50.65
C LEU C 164 -21.29 -29.54 50.10
N THR C 165 -22.28 -28.91 49.48
CA THR C 165 -22.13 -27.61 48.87
C THR C 165 -21.93 -26.50 49.91
N ALA C 166 -20.85 -25.74 49.74
CA ALA C 166 -20.67 -24.46 50.43
C ALA C 166 -21.69 -23.49 49.84
N ALA C 167 -21.63 -22.21 50.23
CA ALA C 167 -22.52 -21.21 49.65
C ALA C 167 -22.10 -20.87 48.21
N GLN C 168 -22.09 -21.92 47.39
CA GLN C 168 -21.95 -21.84 45.94
C GLN C 168 -23.32 -22.11 45.33
N VAL C 169 -24.35 -21.78 46.08
CA VAL C 169 -25.72 -21.65 45.60
C VAL C 169 -25.91 -20.20 45.10
N LEU C 170 -24.89 -19.39 45.33
CA LEU C 170 -24.80 -18.03 44.81
C LEU C 170 -24.16 -18.01 43.41
N TYR C 171 -23.30 -18.98 43.13
CA TYR C 171 -22.63 -19.10 41.82
C TYR C 171 -23.63 -19.19 40.67
N PRO C 172 -24.53 -20.19 40.70
CA PRO C 172 -25.47 -20.33 39.60
C PRO C 172 -26.21 -19.04 39.35
N LEU C 173 -26.67 -18.41 40.43
CA LEU C 173 -27.42 -17.16 40.33
C LEU C 173 -26.62 -16.11 39.59
N MET C 174 -25.32 -16.02 39.89
CA MET C 174 -24.46 -15.03 39.26
C MET C 174 -24.29 -15.31 37.78
N GLN C 175 -24.03 -16.58 37.42
CA GLN C 175 -23.92 -16.97 36.01
C GLN C 175 -25.22 -16.70 35.28
N CYS C 176 -26.30 -17.25 35.82
CA CYS C 176 -27.65 -17.05 35.28
C CYS C 176 -27.95 -15.59 34.99
N CYS C 177 -27.52 -14.70 35.88
CA CYS C 177 -27.69 -13.27 35.67
C CYS C 177 -26.79 -12.72 34.53
N ASP C 178 -25.57 -13.26 34.38
CA ASP C 178 -24.64 -12.81 33.32
C ASP C 178 -25.29 -12.88 31.95
N ILE C 179 -26.05 -13.94 31.75
CA ILE C 179 -26.83 -14.17 30.53
C ILE C 179 -27.61 -12.92 30.13
N PHE C 180 -28.19 -12.26 31.12
CA PHE C 180 -29.01 -11.07 30.91
C PHE C 180 -28.20 -9.79 30.96
N PHE C 181 -27.17 -9.79 31.80
CA PHE C 181 -26.27 -8.66 31.88
C PHE C 181 -25.66 -8.42 30.50
N LEU C 182 -25.20 -9.51 29.88
CA LEU C 182 -24.59 -9.49 28.54
C LEU C 182 -25.60 -9.46 27.39
N LYS C 183 -26.88 -9.56 27.72
CA LYS C 183 -27.93 -9.55 26.72
C LYS C 183 -27.64 -10.60 25.65
N ALA C 184 -27.17 -11.76 26.11
CA ALA C 184 -26.76 -12.82 25.21
C ALA C 184 -27.97 -13.45 24.53
N ASP C 185 -28.00 -13.40 23.20
CA ASP C 185 -29.10 -13.98 22.44
C ASP C 185 -29.00 -15.50 22.44
N ILE C 186 -27.78 -16.00 22.29
CA ILE C 186 -27.49 -17.43 22.26
C ILE C 186 -26.47 -17.78 23.33
N CYS C 187 -26.77 -18.83 24.10
CA CYS C 187 -25.84 -19.40 25.05
C CYS C 187 -25.10 -20.55 24.39
N GLN C 188 -23.87 -20.27 23.95
CA GLN C 188 -23.00 -21.28 23.38
C GLN C 188 -22.06 -21.75 24.48
N LEU C 189 -22.60 -22.49 25.44
CA LEU C 189 -21.80 -23.05 26.53
C LEU C 189 -21.72 -24.56 26.40
N GLY C 190 -20.94 -25.19 27.27
CA GLY C 190 -20.87 -26.65 27.31
C GLY C 190 -22.16 -27.27 27.79
N LEU C 191 -22.32 -28.56 27.49
CA LEU C 191 -23.51 -29.31 27.89
C LEU C 191 -23.65 -29.43 29.41
N ASP C 192 -22.53 -29.39 30.13
CA ASP C 192 -22.56 -29.45 31.59
C ASP C 192 -23.04 -28.12 32.21
N GLN C 193 -23.07 -27.04 31.43
CA GLN C 193 -23.63 -25.77 31.89
C GLN C 193 -25.12 -25.67 31.63
N ARG C 194 -25.71 -26.79 31.24
CA ARG C 194 -27.09 -26.86 30.76
C ARG C 194 -28.13 -26.29 31.74
N LYS C 195 -28.15 -26.76 32.99
CA LYS C 195 -29.23 -26.41 33.92
C LYS C 195 -29.28 -24.93 34.33
N VAL C 196 -28.12 -24.28 34.43
CA VAL C 196 -28.09 -22.84 34.70
C VAL C 196 -28.74 -22.08 33.53
N ASN C 197 -28.50 -22.55 32.32
CA ASN C 197 -29.12 -21.97 31.14
C ASN C 197 -30.62 -22.25 31.09
N MET C 198 -31.02 -23.41 31.56
CA MET C 198 -32.43 -23.71 31.69
C MET C 198 -33.10 -22.73 32.67
N LEU C 199 -32.37 -22.36 33.72
CA LEU C 199 -32.89 -21.44 34.74
C LEU C 199 -33.19 -20.04 34.17
N ALA C 200 -32.37 -19.60 33.22
CA ALA C 200 -32.57 -18.31 32.56
C ALA C 200 -33.80 -18.29 31.62
N ARG C 201 -34.09 -19.43 31.00
CA ARG C 201 -35.32 -19.55 30.23
C ARG C 201 -36.51 -19.55 31.17
N GLU C 202 -36.36 -20.23 32.30
CA GLU C 202 -37.38 -20.26 33.33
C GLU C 202 -37.60 -18.88 33.91
N TYR C 203 -36.48 -18.16 34.13
CA TYR C 203 -36.52 -16.81 34.67
C TYR C 203 -37.19 -15.81 33.73
N CYS C 204 -37.06 -16.04 32.41
CA CYS C 204 -37.72 -15.16 31.44
C CYS C 204 -39.22 -15.22 31.65
N ASP C 205 -39.74 -16.44 31.75
CA ASP C 205 -41.17 -16.65 32.04
C ASP C 205 -41.60 -15.96 33.34
N LEU C 206 -40.69 -15.92 34.31
CA LEU C 206 -40.97 -15.31 35.60
C LEU C 206 -40.99 -13.78 35.56
N ILE C 207 -40.26 -13.15 34.64
CA ILE C 207 -40.35 -11.68 34.48
C ILE C 207 -41.18 -11.29 33.25
N GLY C 208 -41.95 -12.24 32.72
CA GLY C 208 -42.84 -12.00 31.57
C GLY C 208 -42.12 -11.55 30.31
N ARG C 209 -40.87 -12.00 30.16
CA ARG C 209 -40.03 -11.59 29.05
C ARG C 209 -40.02 -12.67 27.98
N LYS C 210 -40.86 -12.50 26.95
CA LYS C 210 -41.06 -13.51 25.91
C LYS C 210 -39.77 -14.02 25.26
N LEU C 211 -38.91 -13.12 24.80
CA LEU C 211 -37.77 -13.52 23.94
C LEU C 211 -36.67 -14.19 24.76
N LYS C 212 -36.53 -15.51 24.60
CA LYS C 212 -35.66 -16.31 25.48
C LYS C 212 -34.29 -16.60 24.89
N PRO C 213 -33.30 -16.80 25.77
CA PRO C 213 -31.96 -17.17 25.30
C PRO C 213 -31.91 -18.61 24.79
N VAL C 214 -31.53 -18.75 23.53
CA VAL C 214 -31.39 -20.05 22.89
C VAL C 214 -30.20 -20.76 23.50
N ILE C 215 -30.40 -22.01 23.89
CA ILE C 215 -29.34 -22.82 24.49
C ILE C 215 -28.74 -23.68 23.40
N LEU C 216 -27.52 -23.33 22.98
CA LEU C 216 -26.79 -24.08 21.97
C LEU C 216 -25.58 -24.71 22.65
N SER C 217 -25.85 -25.76 23.42
CA SER C 217 -24.83 -26.45 24.22
C SER C 217 -23.88 -27.25 23.34
N HIS C 218 -22.59 -27.21 23.64
CA HIS C 218 -21.62 -27.96 22.83
C HIS C 218 -21.20 -29.28 23.46
N HIS C 219 -20.70 -30.16 22.60
CA HIS C 219 -20.23 -31.50 22.96
C HIS C 219 -19.06 -31.43 23.93
N MET C 220 -19.16 -32.16 25.03
CA MET C 220 -18.06 -32.24 26.01
C MET C 220 -17.10 -33.36 25.61
N LEU C 221 -15.85 -32.98 25.31
CA LEU C 221 -14.84 -33.90 24.73
C LEU C 221 -14.39 -34.98 25.71
N ALA C 222 -14.56 -36.24 25.29
CA ALA C 222 -14.28 -37.40 26.14
C ALA C 222 -12.82 -37.44 26.61
N GLY C 223 -12.60 -37.99 27.81
CA GLY C 223 -11.26 -38.14 28.37
C GLY C 223 -10.47 -39.23 27.69
N LEU C 224 -9.15 -39.13 27.74
CA LEU C 224 -8.26 -40.04 27.00
C LEU C 224 -8.20 -41.48 27.50
N LYS C 225 -8.60 -41.73 28.75
CA LYS C 225 -8.53 -43.08 29.33
C LYS C 225 -9.91 -43.68 29.55
N GLN C 226 -9.94 -44.98 29.85
CA GLN C 226 -11.19 -45.68 30.13
C GLN C 226 -11.70 -45.31 31.52
N GLY C 227 -13.02 -45.22 31.65
CA GLY C 227 -13.65 -44.90 32.92
C GLY C 227 -13.57 -43.43 33.25
N GLN C 228 -13.40 -42.59 32.22
CA GLN C 228 -13.48 -41.12 32.37
C GLN C 228 -14.16 -40.47 31.16
N ALA C 229 -15.20 -39.67 31.42
CA ALA C 229 -16.05 -39.08 30.38
C ALA C 229 -15.70 -37.63 30.04
N LYS C 230 -14.79 -37.05 30.80
CA LYS C 230 -14.47 -35.62 30.71
C LYS C 230 -12.98 -35.37 30.86
N MET C 231 -12.56 -34.19 30.43
CA MET C 231 -11.23 -33.66 30.78
C MET C 231 -11.12 -33.49 32.29
N SER C 232 -10.06 -34.05 32.88
CA SER C 232 -9.87 -34.01 34.34
C SER C 232 -8.56 -33.31 34.72
N LYS C 233 -8.66 -32.33 35.64
CA LYS C 233 -7.48 -31.71 36.24
C LYS C 233 -6.72 -32.74 37.04
N SER C 234 -7.46 -33.54 37.82
CA SER C 234 -6.91 -34.59 38.67
C SER C 234 -5.83 -35.40 37.95
N ASP C 235 -6.10 -35.76 36.70
CA ASP C 235 -5.20 -36.55 35.86
C ASP C 235 -4.75 -35.72 34.63
N PRO C 236 -3.47 -35.31 34.59
CA PRO C 236 -2.91 -34.56 33.46
C PRO C 236 -2.79 -35.31 32.12
N ASP C 237 -2.96 -36.63 32.14
CA ASP C 237 -2.96 -37.44 30.92
C ASP C 237 -4.37 -37.72 30.39
N SER C 238 -5.39 -37.12 31.01
CA SER C 238 -6.77 -37.28 30.57
C SER C 238 -7.06 -36.46 29.31
N ALA C 239 -6.22 -35.46 29.02
CA ALA C 239 -6.39 -34.62 27.85
C ALA C 239 -5.09 -33.97 27.40
N ILE C 240 -5.01 -33.67 26.11
CA ILE C 240 -3.89 -32.92 25.57
C ILE C 240 -4.09 -31.45 25.92
N PHE C 241 -3.06 -30.83 26.49
CA PHE C 241 -3.05 -29.38 26.71
C PHE C 241 -2.35 -28.70 25.53
N MET C 242 -2.58 -27.39 25.37
CA MET C 242 -2.02 -26.64 24.22
C MET C 242 -0.50 -26.45 24.37
N GLU C 243 -0.06 -26.47 25.62
CA GLU C 243 1.35 -26.34 25.99
C GLU C 243 2.16 -27.63 25.78
N ASP C 244 1.48 -28.78 25.72
CA ASP C 244 2.14 -30.07 25.57
C ASP C 244 3.05 -30.09 24.35
N THR C 245 4.33 -30.35 24.57
CA THR C 245 5.28 -30.52 23.46
C THR C 245 4.90 -31.76 22.65
N GLU C 246 5.31 -31.78 21.38
CA GLU C 246 4.92 -32.84 20.44
C GLU C 246 5.11 -34.27 20.97
N GLU C 247 6.10 -34.45 21.85
CA GLU C 247 6.36 -35.74 22.51
C GLU C 247 5.24 -36.09 23.51
N ASP C 248 4.82 -35.10 24.30
CA ASP C 248 3.76 -35.28 25.29
C ASP C 248 2.45 -35.71 24.64
N VAL C 249 2.20 -35.19 23.43
CA VAL C 249 1.04 -35.57 22.62
C VAL C 249 1.13 -37.01 22.15
N ALA C 250 2.30 -37.40 21.63
CA ALA C 250 2.52 -38.76 21.14
C ALA C 250 2.28 -39.79 22.25
N ARG C 251 2.83 -39.51 23.43
CA ARG C 251 2.67 -40.38 24.59
C ARG C 251 1.20 -40.57 24.99
N LYS C 252 0.51 -39.45 25.22
CA LYS C 252 -0.89 -39.45 25.70
C LYS C 252 -1.85 -40.21 24.78
N ILE C 253 -1.60 -40.12 23.48
CA ILE C 253 -2.41 -40.79 22.47
C ILE C 253 -1.99 -42.26 22.29
N ARG C 254 -0.73 -42.57 22.58
CA ARG C 254 -0.25 -43.95 22.49
C ARG C 254 -0.99 -44.85 23.48
N GLN C 255 -1.11 -44.37 24.72
CA GLN C 255 -1.76 -45.14 25.79
C GLN C 255 -3.27 -44.93 25.85
N ALA C 256 -3.82 -44.19 24.89
CA ALA C 256 -5.22 -43.80 24.93
C ALA C 256 -6.16 -44.99 24.67
N TYR C 257 -7.27 -45.02 25.41
CA TYR C 257 -8.35 -45.97 25.21
C TYR C 257 -8.94 -45.77 23.81
N CYS C 258 -9.33 -46.85 23.15
CA CYS C 258 -9.81 -46.76 21.78
C CYS C 258 -10.53 -48.04 21.33
N PRO C 259 -11.70 -48.33 21.92
CA PRO C 259 -12.46 -49.51 21.50
C PRO C 259 -12.86 -49.47 20.02
N ARG C 260 -12.89 -50.64 19.39
CA ARG C 260 -13.34 -50.75 18.00
C ARG C 260 -14.86 -50.86 17.96
N VAL C 261 -15.51 -49.72 18.12
CA VAL C 261 -16.97 -49.62 18.05
C VAL C 261 -17.29 -48.26 17.45
N LYS C 262 -18.22 -48.22 16.49
CA LYS C 262 -18.61 -46.94 15.88
C LYS C 262 -19.32 -46.08 16.92
N GLN C 263 -19.04 -44.78 16.91
CA GLN C 263 -19.58 -43.88 17.91
C GLN C 263 -20.97 -43.43 17.54
N SER C 264 -21.85 -43.41 18.54
CA SER C 264 -23.22 -42.93 18.35
C SER C 264 -23.53 -41.84 19.38
N ALA C 265 -24.55 -41.06 19.11
CA ALA C 265 -24.91 -39.92 19.95
C ALA C 265 -25.31 -40.36 21.35
N SER C 266 -24.75 -39.69 22.36
CA SER C 266 -25.14 -39.94 23.75
C SER C 266 -26.52 -39.36 23.97
N ALA C 267 -27.42 -40.19 24.51
CA ALA C 267 -28.74 -39.71 24.92
C ALA C 267 -28.54 -38.59 25.93
N ILE C 268 -29.12 -37.44 25.64
CA ILE C 268 -28.87 -36.23 26.43
C ILE C 268 -29.56 -36.32 27.80
N THR C 269 -28.74 -36.39 28.85
CA THR C 269 -29.22 -36.49 30.23
C THR C 269 -29.87 -35.19 30.72
N ASP C 270 -30.66 -35.30 31.78
CA ASP C 270 -31.29 -34.14 32.44
C ASP C 270 -30.21 -33.26 33.08
N ASP C 271 -29.20 -33.90 33.64
CA ASP C 271 -28.06 -33.22 34.22
C ASP C 271 -27.29 -32.39 33.19
N GLY C 272 -27.13 -32.97 32.00
CA GLY C 272 -26.22 -32.43 30.99
C GLY C 272 -24.81 -32.97 31.13
N ALA C 273 -24.56 -33.72 32.21
CA ALA C 273 -23.23 -34.23 32.52
C ALA C 273 -22.91 -35.46 31.68
N PRO C 274 -21.70 -35.50 31.10
CA PRO C 274 -21.22 -36.64 30.32
C PRO C 274 -21.37 -37.99 31.02
N VAL C 275 -21.60 -39.03 30.22
CA VAL C 275 -21.84 -40.39 30.72
C VAL C 275 -20.76 -41.37 30.25
N ALA C 276 -19.93 -41.83 31.18
CA ALA C 276 -18.87 -42.79 30.87
C ALA C 276 -19.46 -44.10 30.35
N THR C 277 -19.17 -44.42 29.10
CA THR C 277 -19.59 -45.68 28.48
C THR C 277 -18.36 -46.42 27.95
N ASP C 278 -18.45 -47.74 27.86
CA ASP C 278 -17.36 -48.56 27.30
C ASP C 278 -17.25 -48.37 25.79
N ASP C 279 -18.36 -48.03 25.15
CA ASP C 279 -18.44 -47.91 23.69
C ASP C 279 -17.91 -46.56 23.18
N ARG C 280 -17.66 -45.63 24.09
CA ARG C 280 -17.22 -44.28 23.70
C ARG C 280 -15.72 -44.22 23.49
N ASN C 281 -15.33 -43.84 22.27
CA ASN C 281 -13.95 -43.80 21.87
C ASN C 281 -13.47 -42.36 21.83
N PRO C 282 -12.54 -42.00 22.73
CA PRO C 282 -11.98 -40.65 22.73
C PRO C 282 -11.31 -40.28 21.41
N VAL C 283 -10.46 -41.18 20.91
CA VAL C 283 -9.68 -40.92 19.71
C VAL C 283 -10.59 -40.54 18.54
N LEU C 284 -11.65 -41.33 18.33
CA LEU C 284 -12.66 -41.02 17.33
C LEU C 284 -13.37 -39.70 17.68
N ASP C 285 -13.66 -39.52 18.97
CA ASP C 285 -14.31 -38.30 19.45
C ASP C 285 -13.44 -37.07 19.19
N TYR C 286 -12.13 -37.22 19.39
CA TYR C 286 -11.18 -36.15 19.06
C TYR C 286 -11.25 -35.78 17.59
N PHE C 287 -11.08 -36.78 16.72
CA PHE C 287 -11.15 -36.58 15.26
C PHE C 287 -12.43 -35.86 14.86
N GLN C 288 -13.56 -36.40 15.32
CA GLN C 288 -14.89 -35.88 15.04
C GLN C 288 -15.00 -34.39 15.33
N CYS C 289 -14.45 -33.99 16.47
CA CYS C 289 -14.56 -32.61 16.98
C CYS C 289 -13.44 -31.69 16.48
N VAL C 290 -12.20 -32.14 16.63
CA VAL C 290 -11.04 -31.28 16.35
C VAL C 290 -10.74 -31.14 14.86
N VAL C 291 -10.75 -32.24 14.11
CA VAL C 291 -10.41 -32.19 12.68
C VAL C 291 -11.62 -32.01 11.76
N TYR C 292 -12.44 -33.05 11.62
CA TYR C 292 -13.52 -33.03 10.63
C TYR C 292 -14.57 -31.92 10.84
N ALA C 293 -14.66 -31.38 12.05
CA ALA C 293 -15.48 -30.21 12.29
C ALA C 293 -14.90 -28.97 11.58
N ARG C 294 -13.56 -28.92 11.43
CA ARG C 294 -12.90 -27.87 10.65
C ARG C 294 -13.32 -27.92 9.19
N PRO C 295 -13.68 -26.76 8.63
CA PRO C 295 -14.50 -26.63 7.41
C PRO C 295 -13.97 -27.40 6.19
N GLY C 296 -12.66 -27.40 5.99
CA GLY C 296 -12.06 -28.10 4.86
C GLY C 296 -11.30 -29.35 5.25
N ALA C 297 -11.17 -29.60 6.55
CA ALA C 297 -10.23 -30.61 7.04
C ALA C 297 -10.59 -32.03 6.60
N ALA C 298 -9.56 -32.85 6.47
CA ALA C 298 -9.72 -34.27 6.22
C ALA C 298 -8.52 -34.98 6.81
N ALA C 299 -8.61 -36.31 6.95
CA ALA C 299 -7.49 -37.12 7.41
C ALA C 299 -6.84 -37.84 6.22
N THR C 300 -5.56 -38.20 6.37
CA THR C 300 -4.84 -38.97 5.35
C THR C 300 -4.02 -40.08 6.00
N ILE C 301 -4.22 -41.32 5.53
CA ILE C 301 -3.45 -42.47 6.00
C ILE C 301 -3.16 -43.42 4.84
N ASP C 302 -1.94 -43.94 4.79
CA ASP C 302 -1.51 -44.88 3.73
C ASP C 302 -1.92 -44.41 2.33
N GLY C 303 -1.61 -43.15 2.03
CA GLY C 303 -1.93 -42.57 0.74
C GLY C 303 -3.38 -42.12 0.61
N THR C 304 -4.31 -42.99 1.01
CA THR C 304 -5.74 -42.69 0.93
C THR C 304 -6.16 -41.60 1.91
N THR C 305 -6.92 -40.62 1.42
CA THR C 305 -7.40 -39.50 2.24
C THR C 305 -8.90 -39.63 2.46
N TYR C 306 -9.31 -39.66 3.73
CA TYR C 306 -10.72 -39.81 4.09
C TYR C 306 -11.41 -38.46 4.19
N ALA C 307 -12.50 -38.31 3.44
CA ALA C 307 -13.18 -37.03 3.27
C ALA C 307 -14.03 -36.65 4.49
N THR C 308 -14.65 -37.66 5.10
CA THR C 308 -15.58 -37.45 6.22
C THR C 308 -15.33 -38.43 7.35
N TYR C 309 -15.66 -38.00 8.56
CA TYR C 309 -15.48 -38.80 9.77
C TYR C 309 -15.99 -40.22 9.60
N GLU C 310 -17.18 -40.37 9.00
CA GLU C 310 -17.83 -41.68 8.88
C GLU C 310 -16.94 -42.69 8.15
N ASP C 311 -16.19 -42.19 7.18
CA ASP C 311 -15.27 -43.03 6.40
C ASP C 311 -14.12 -43.51 7.26
N LEU C 312 -13.43 -42.56 7.90
CA LEU C 312 -12.30 -42.88 8.78
C LEU C 312 -12.71 -43.83 9.91
N GLU C 313 -13.93 -43.66 10.40
CA GLU C 313 -14.51 -44.56 11.40
C GLU C 313 -14.80 -45.92 10.81
N GLN C 314 -15.31 -45.93 9.57
CA GLN C 314 -15.58 -47.18 8.87
C GLN C 314 -14.28 -47.97 8.71
N ALA C 315 -13.23 -47.29 8.26
CA ALA C 315 -11.93 -47.93 7.99
C ALA C 315 -11.33 -48.58 9.24
N PHE C 316 -11.53 -47.93 10.39
CA PHE C 316 -11.07 -48.47 11.67
C PHE C 316 -11.88 -49.70 12.04
N VAL C 317 -13.20 -49.56 12.00
CA VAL C 317 -14.10 -50.62 12.43
C VAL C 317 -14.05 -51.83 11.47
N SER C 318 -13.94 -51.54 10.17
CA SER C 318 -13.73 -52.59 9.15
C SER C 318 -12.37 -53.29 9.27
N ASP C 319 -11.45 -52.65 9.98
CA ASP C 319 -10.11 -53.18 10.24
C ASP C 319 -9.13 -52.90 9.07
N GLU C 320 -9.49 -51.93 8.22
CA GLU C 320 -8.62 -51.46 7.13
C GLU C 320 -7.45 -50.66 7.70
N VAL C 321 -7.77 -49.61 8.48
CA VAL C 321 -6.75 -48.80 9.17
C VAL C 321 -6.50 -49.34 10.58
N SER C 322 -5.22 -49.41 10.95
CA SER C 322 -4.78 -50.00 12.22
C SER C 322 -4.95 -49.03 13.39
N GLU C 323 -5.16 -49.58 14.58
CA GLU C 323 -5.26 -48.78 15.80
C GLU C 323 -4.00 -47.97 16.04
N ASP C 324 -2.85 -48.53 15.65
CA ASP C 324 -1.57 -47.82 15.75
C ASP C 324 -1.57 -46.62 14.79
N ALA C 325 -1.98 -46.86 13.55
CA ALA C 325 -1.88 -45.86 12.48
C ALA C 325 -2.86 -44.70 12.65
N LEU C 326 -4.04 -45.01 13.17
CA LEU C 326 -5.05 -43.99 13.46
C LEU C 326 -4.51 -43.01 14.49
N LYS C 327 -4.10 -43.53 15.63
CA LYS C 327 -3.50 -42.74 16.68
C LYS C 327 -2.32 -41.93 16.12
N SER C 328 -1.42 -42.61 15.41
CA SER C 328 -0.31 -41.94 14.74
C SER C 328 -0.80 -40.80 13.84
N CYS C 329 -1.91 -41.04 13.13
CA CYS C 329 -2.53 -40.00 12.30
C CYS C 329 -2.99 -38.85 13.17
N LEU C 330 -3.63 -39.18 14.30
CA LEU C 330 -4.10 -38.18 15.26
C LEU C 330 -2.94 -37.38 15.83
N ILE C 331 -1.92 -38.08 16.32
CA ILE C 331 -0.76 -37.45 16.92
C ILE C 331 -0.14 -36.41 15.98
N ASP C 332 0.06 -36.79 14.72
CA ASP C 332 0.60 -35.87 13.69
C ASP C 332 -0.33 -34.70 13.46
N GLU C 333 -1.62 -35.00 13.37
CA GLU C 333 -2.64 -34.01 13.11
C GLU C 333 -2.79 -33.02 14.28
N VAL C 334 -2.82 -33.53 15.51
CA VAL C 334 -2.94 -32.70 16.71
C VAL C 334 -1.74 -31.79 16.87
N ASN C 335 -0.55 -32.33 16.64
CA ASN C 335 0.67 -31.54 16.66
C ASN C 335 0.60 -30.40 15.64
N ALA C 336 0.12 -30.72 14.44
CA ALA C 336 -0.06 -29.73 13.37
C ALA C 336 -0.82 -28.48 13.84
N LEU C 337 -1.89 -28.69 14.58
CA LEU C 337 -2.70 -27.58 15.11
C LEU C 337 -1.98 -26.75 16.19
N LEU C 338 -1.14 -27.42 16.98
CA LEU C 338 -0.47 -26.78 18.15
C LEU C 338 0.87 -26.07 17.86
N GLU C 339 1.58 -26.47 16.80
CA GLU C 339 2.84 -25.79 16.43
C GLU C 339 2.69 -24.28 16.20
N PRO C 340 1.58 -23.84 15.58
CA PRO C 340 1.23 -22.42 15.59
C PRO C 340 1.25 -21.79 16.99
N VAL C 341 0.66 -22.48 17.97
CA VAL C 341 0.67 -22.00 19.36
C VAL C 341 2.07 -22.08 19.99
N ARG C 342 2.73 -23.22 19.84
CA ARG C 342 4.06 -23.42 20.46
C ARG C 342 5.10 -22.41 19.96
N GLN C 343 5.16 -22.25 18.63
CA GLN C 343 6.10 -21.31 18.02
C GLN C 343 5.79 -19.86 18.37
N HIS C 344 4.52 -19.56 18.59
CA HIS C 344 4.13 -18.24 19.06
C HIS C 344 4.79 -18.01 20.44
N PHE C 345 4.53 -18.92 21.38
CA PHE C 345 5.09 -18.83 22.74
C PHE C 345 6.63 -19.01 22.79
N ALA C 346 7.21 -19.42 21.67
CA ALA C 346 8.66 -19.40 21.51
C ALA C 346 9.18 -18.03 21.04
N SER C 347 8.27 -17.17 20.58
CA SER C 347 8.65 -15.86 20.00
C SER C 347 8.13 -14.64 20.77
N ASN C 348 6.94 -14.75 21.36
CA ASN C 348 6.34 -13.64 22.09
C ASN C 348 6.70 -13.65 23.58
N GLU C 349 7.71 -12.87 23.95
CA GLU C 349 8.21 -12.82 25.34
C GLU C 349 7.05 -12.61 26.31
N GLU C 350 6.25 -11.61 26.03
CA GLU C 350 5.00 -11.39 26.75
C GLU C 350 4.28 -12.72 26.99
N ALA C 351 4.06 -13.47 25.91
CA ALA C 351 3.35 -14.75 25.96
C ALA C 351 4.07 -15.79 26.82
N HIS C 352 5.34 -16.06 26.51
CA HIS C 352 6.13 -16.99 27.31
C HIS C 352 6.01 -16.59 28.77
N GLU C 353 6.34 -15.32 29.06
CA GLU C 353 6.33 -14.80 30.43
C GLU C 353 4.98 -15.00 31.12
N LEU C 354 3.90 -14.95 30.35
CA LEU C 354 2.56 -15.29 30.85
C LEU C 354 2.44 -16.78 31.12
N LEU C 355 2.98 -17.60 30.22
CA LEU C 355 3.02 -19.06 30.41
C LEU C 355 3.94 -19.46 31.57
N GLU C 356 5.13 -18.87 31.62
CA GLU C 356 6.07 -19.08 32.73
C GLU C 356 5.58 -18.44 34.04
N ALA C 357 4.67 -17.49 33.93
CA ALA C 357 3.95 -17.01 35.10
C ALA C 357 2.99 -18.11 35.52
N VAL C 358 2.27 -18.66 34.54
CA VAL C 358 1.33 -19.77 34.78
C VAL C 358 2.05 -21.02 35.26
N LYS C 359 3.31 -21.18 34.87
CA LYS C 359 4.14 -22.27 35.38
C LYS C 359 4.45 -22.08 36.87
N SER C 360 4.58 -20.83 37.30
CA SER C 360 4.90 -20.51 38.70
C SER C 360 3.75 -20.79 39.66
N TYR C 361 2.51 -20.85 39.14
CA TYR C 361 1.33 -21.18 39.94
C TYR C 361 1.02 -22.70 39.96
N ARG C 362 1.97 -23.53 39.50
CA ARG C 362 1.78 -24.98 39.43
C ARG C 362 2.46 -25.71 40.59
N PRO C 369 -3.14 -25.64 46.30
CA PRO C 369 -3.08 -24.37 47.00
C PRO C 369 -4.15 -24.25 48.08
N LEU C 370 -3.73 -24.13 49.34
CA LEU C 370 -4.67 -23.97 50.44
C LEU C 370 -5.52 -22.71 50.25
N ALA C 371 -6.84 -22.87 50.31
CA ALA C 371 -7.77 -21.75 50.13
C ALA C 371 -7.68 -20.74 51.29
N GLU C 372 -8.34 -19.60 51.13
CA GLU C 372 -8.10 -18.41 51.97
C GLU C 372 -8.82 -18.43 53.33
N THR C 373 -8.46 -17.47 54.17
CA THR C 373 -9.03 -17.31 55.53
C THR C 373 -8.93 -15.84 56.00
N ALA C 374 -10.07 -15.17 56.23
CA ALA C 374 -10.07 -13.72 56.48
C ALA C 374 -11.13 -13.22 57.49
N LEU C 375 -10.70 -12.79 58.69
CA LEU C 375 -11.61 -12.26 59.74
C LEU C 375 -11.12 -10.92 60.36
N PRO C 376 -11.98 -9.88 60.36
CA PRO C 376 -11.57 -8.53 60.75
C PRO C 376 -11.61 -8.27 62.25
N ALA C 377 -10.80 -7.32 62.70
CA ALA C 377 -10.63 -7.02 64.12
C ALA C 377 -11.84 -6.32 64.72
N ALA C 378 -11.84 -6.21 66.05
CA ALA C 378 -13.00 -5.72 66.79
C ALA C 378 -13.01 -4.18 66.87
N PRO C 379 -14.20 -3.60 67.11
CA PRO C 379 -14.32 -2.15 67.29
C PRO C 379 -13.84 -1.71 68.66
N ALA C 380 -13.25 -0.53 68.73
CA ALA C 380 -12.73 0.01 69.98
C ALA C 380 -13.86 0.40 70.93
N LYS C 381 -14.85 1.11 70.41
CA LYS C 381 -16.05 1.44 71.19
C LYS C 381 -17.24 0.58 70.74
N PRO C 382 -18.04 0.09 71.71
CA PRO C 382 -19.17 -0.77 71.41
C PRO C 382 -20.14 -0.14 70.40
N HIS C 383 -20.79 -1.01 69.63
CA HIS C 383 -21.63 -0.60 68.53
C HIS C 383 -22.69 -1.66 68.29
N ALA C 384 -23.92 -1.33 68.64
CA ALA C 384 -25.04 -2.25 68.47
C ALA C 384 -25.59 -2.09 67.07
N CYS C 385 -26.38 -3.08 66.65
CA CYS C 385 -26.85 -3.19 65.27
C CYS C 385 -28.21 -3.86 65.23
N MET C 386 -29.18 -3.22 64.58
CA MET C 386 -30.56 -3.72 64.58
C MET C 386 -31.25 -3.57 63.22
N TRP C 387 -31.96 -4.62 62.82
CA TRP C 387 -32.61 -4.66 61.51
C TRP C 387 -34.08 -4.30 61.59
N MET C 388 -34.50 -3.37 60.73
CA MET C 388 -35.89 -2.92 60.62
C MET C 388 -36.77 -4.00 59.97
N PRO C 389 -37.90 -4.35 60.61
CA PRO C 389 -38.79 -5.39 60.04
C PRO C 389 -39.33 -5.06 58.66
N ALA C 390 -39.29 -6.03 57.75
CA ALA C 390 -39.76 -5.84 56.38
C ALA C 390 -41.27 -6.05 56.30
N LEU C 391 -42.01 -5.22 57.02
CA LEU C 391 -43.46 -5.42 57.21
C LEU C 391 -44.29 -4.21 56.78
N LEU C 392 -45.48 -4.49 56.24
CA LEU C 392 -46.39 -3.44 55.78
C LEU C 392 -46.80 -2.62 57.00
N LYS C 393 -47.38 -3.32 57.97
CA LYS C 393 -47.82 -2.75 59.23
C LYS C 393 -47.01 -3.36 60.37
N VAL C 394 -46.24 -2.53 61.06
CA VAL C 394 -45.44 -2.99 62.19
C VAL C 394 -46.26 -2.95 63.50
N PRO C 395 -46.43 -4.11 64.15
CA PRO C 395 -47.18 -4.10 65.40
C PRO C 395 -46.49 -3.24 66.45
N LEU C 396 -47.26 -2.81 67.44
CA LEU C 396 -46.77 -1.87 68.45
C LEU C 396 -45.80 -2.57 69.40
N ASP C 397 -46.16 -3.79 69.80
CA ASP C 397 -45.39 -4.59 70.74
C ASP C 397 -43.94 -4.69 70.29
N VAL C 398 -43.76 -5.03 69.01
CA VAL C 398 -42.41 -5.13 68.44
C VAL C 398 -41.73 -3.77 68.40
N ALA C 399 -42.48 -2.74 68.01
CA ALA C 399 -41.96 -1.38 67.91
C ALA C 399 -41.39 -0.85 69.23
N GLU C 400 -42.07 -1.13 70.34
CA GLU C 400 -41.58 -0.71 71.66
C GLU C 400 -40.48 -1.65 72.17
N GLY C 401 -40.61 -2.94 71.86
CA GLY C 401 -39.55 -3.92 72.16
C GLY C 401 -38.22 -3.48 71.57
N MET C 402 -38.28 -2.92 70.37
CA MET C 402 -37.13 -2.32 69.74
C MET C 402 -36.65 -1.12 70.57
N ILE C 403 -37.56 -0.19 70.85
CA ILE C 403 -37.23 1.07 71.52
C ILE C 403 -36.55 0.87 72.86
N LYS C 404 -37.12 0.01 73.71
CA LYS C 404 -36.55 -0.23 75.04
C LYS C 404 -35.15 -0.85 74.96
N VAL C 405 -34.96 -1.77 74.02
CA VAL C 405 -33.66 -2.40 73.82
C VAL C 405 -32.59 -1.38 73.40
N THR C 406 -32.97 -0.48 72.51
CA THR C 406 -32.10 0.62 72.12
C THR C 406 -31.74 1.47 73.34
N LYS C 407 -32.76 1.83 74.10
CA LYS C 407 -32.59 2.62 75.31
C LYS C 407 -31.68 1.89 76.31
N ASP C 408 -31.97 0.61 76.53
CA ASP C 408 -31.22 -0.22 77.50
C ASP C 408 -29.75 -0.41 77.12
N PHE C 409 -29.49 -0.48 75.81
CA PHE C 409 -28.13 -0.65 75.30
C PHE C 409 -27.29 0.61 75.49
N ILE C 410 -27.89 1.77 75.20
CA ILE C 410 -27.23 3.06 75.44
C ILE C 410 -27.08 3.34 76.94
N ALA C 411 -27.96 2.75 77.75
CA ALA C 411 -27.88 2.86 79.22
C ALA C 411 -26.65 2.12 79.71
N ALA C 412 -26.54 0.86 79.32
CA ALA C 412 -25.42 0.00 79.70
C ALA C 412 -24.11 0.40 79.02
N HIS C 413 -24.21 1.09 77.87
CA HIS C 413 -23.03 1.53 77.13
C HIS C 413 -23.22 2.95 76.56
N PRO C 414 -23.01 3.98 77.41
CA PRO C 414 -23.18 5.38 76.98
C PRO C 414 -22.10 5.86 76.01
N GLU C 415 -20.88 5.34 76.15
CA GLU C 415 -19.82 5.60 75.20
C GLU C 415 -20.13 5.02 73.80
N GLY C 416 -20.93 3.95 73.76
CA GLY C 416 -21.21 3.23 72.53
C GLY C 416 -22.28 3.83 71.63
N THR C 417 -22.55 3.12 70.53
CA THR C 417 -23.43 3.58 69.45
C THR C 417 -24.46 2.51 69.12
N VAL C 418 -25.56 2.92 68.49
CA VAL C 418 -26.55 1.99 67.96
C VAL C 418 -26.89 2.34 66.51
N THR C 419 -27.09 1.32 65.68
CA THR C 419 -27.39 1.51 64.24
C THR C 419 -28.59 0.68 63.79
N LEU C 420 -29.54 1.34 63.13
CA LEU C 420 -30.71 0.66 62.57
C LEU C 420 -30.51 0.44 61.08
N VAL C 421 -30.39 -0.82 60.68
CA VAL C 421 -30.27 -1.17 59.29
C VAL C 421 -31.67 -1.29 58.72
N LEU C 422 -31.92 -0.63 57.58
CA LEU C 422 -33.12 -0.88 56.82
C LEU C 422 -32.72 -1.85 55.70
N PRO C 423 -33.31 -3.06 55.69
CA PRO C 423 -32.90 -4.07 54.73
C PRO C 423 -33.57 -3.93 53.34
N ASP C 424 -33.28 -2.83 52.64
CA ASP C 424 -33.92 -2.55 51.35
C ASP C 424 -33.41 -3.37 50.17
N TRP C 425 -32.35 -4.16 50.38
CA TRP C 425 -31.88 -5.13 49.40
C TRP C 425 -32.23 -6.56 49.80
N SER C 426 -31.97 -6.91 51.05
CA SER C 426 -32.09 -8.29 51.51
C SER C 426 -33.54 -8.71 51.71
N ALA C 427 -34.39 -7.76 52.09
CA ALA C 427 -35.82 -8.03 52.23
C ALA C 427 -36.45 -8.27 50.86
N VAL C 428 -35.91 -7.62 49.83
CA VAL C 428 -36.37 -7.89 48.47
C VAL C 428 -35.90 -9.28 48.06
N ALA C 429 -34.70 -9.67 48.48
CA ALA C 429 -34.16 -11.01 48.17
C ALA C 429 -35.00 -12.13 48.79
N SER C 430 -35.41 -11.97 50.05
CA SER C 430 -36.17 -12.99 50.76
C SER C 430 -37.68 -13.01 50.44
N ASP C 431 -38.13 -12.16 49.53
CA ASP C 431 -39.52 -12.15 49.03
C ASP C 431 -40.53 -11.65 50.09
N GLU C 432 -40.07 -10.73 50.94
CA GLU C 432 -40.92 -10.16 51.99
C GLU C 432 -41.94 -9.20 51.38
N ILE C 433 -43.18 -9.29 51.87
CA ILE C 433 -44.31 -8.52 51.33
C ILE C 433 -44.51 -8.86 49.84
N THR C 434 -44.48 -7.85 48.97
CA THR C 434 -44.68 -8.02 47.53
C THR C 434 -43.41 -8.41 46.77
N GLY C 435 -42.27 -8.20 47.40
CA GLY C 435 -40.99 -8.51 46.78
C GLY C 435 -40.59 -7.50 45.73
N VAL C 436 -41.07 -6.27 45.86
CA VAL C 436 -40.71 -5.19 44.95
C VAL C 436 -39.81 -4.20 45.69
N GLU C 437 -38.73 -3.76 45.03
CA GLU C 437 -37.83 -2.77 45.60
C GLU C 437 -38.54 -1.52 46.13
N LYS C 438 -39.59 -1.07 45.45
CA LYS C 438 -40.27 0.17 45.81
C LYS C 438 -41.22 0.00 46.99
N ASP C 439 -42.08 -1.02 46.91
CA ASP C 439 -43.01 -1.32 48.00
C ASP C 439 -42.27 -1.54 49.32
N ILE C 440 -41.16 -2.26 49.26
CA ILE C 440 -40.37 -2.57 50.44
C ILE C 440 -39.62 -1.34 50.93
N SER C 441 -39.07 -0.56 50.01
CA SER C 441 -38.41 0.68 50.38
C SER C 441 -39.38 1.65 51.02
N ALA C 442 -40.55 1.81 50.40
CA ALA C 442 -41.60 2.64 50.97
C ALA C 442 -41.96 2.16 52.39
N ALA C 443 -42.27 0.88 52.51
CA ALA C 443 -42.67 0.26 53.79
C ALA C 443 -41.69 0.46 54.92
N LEU C 444 -40.39 0.51 54.61
CA LEU C 444 -39.38 0.69 55.65
C LEU C 444 -39.21 2.17 56.02
N GLN C 445 -39.12 3.05 55.03
CA GLN C 445 -38.95 4.50 55.30
C GLN C 445 -40.11 5.01 56.14
N VAL C 446 -41.30 4.48 55.85
CA VAL C 446 -42.51 4.89 56.54
C VAL C 446 -42.46 4.44 57.98
N ASN C 447 -42.31 3.13 58.19
CA ASN C 447 -42.38 2.56 59.52
C ASN C 447 -41.21 2.94 60.42
N CYS C 448 -40.03 3.17 59.83
CA CYS C 448 -38.90 3.65 60.61
C CYS C 448 -39.15 5.09 61.10
N ALA C 449 -39.68 5.92 60.21
CA ALA C 449 -40.02 7.30 60.57
C ALA C 449 -40.98 7.33 61.75
N LEU C 450 -41.92 6.38 61.74
CA LEU C 450 -42.94 6.28 62.78
C LEU C 450 -42.35 5.79 64.10
N LEU C 451 -41.37 4.89 64.02
CA LEU C 451 -40.69 4.37 65.20
C LEU C 451 -39.85 5.45 65.87
N LYS C 452 -39.19 6.29 65.07
CA LYS C 452 -38.54 7.50 65.57
C LYS C 452 -39.53 8.43 66.25
N ALA C 453 -40.72 8.57 65.66
CA ALA C 453 -41.76 9.43 66.19
C ALA C 453 -42.38 8.87 67.47
N TYR C 454 -42.26 7.56 67.68
CA TYR C 454 -42.90 6.87 68.80
C TYR C 454 -42.03 6.85 70.05
N GLY C 455 -40.77 7.23 69.90
CA GLY C 455 -39.84 7.32 71.02
C GLY C 455 -38.43 6.81 70.83
N LEU C 456 -38.12 6.27 69.65
CA LEU C 456 -36.78 5.79 69.37
C LEU C 456 -35.80 6.98 69.38
N PRO C 457 -34.76 6.93 70.24
CA PRO C 457 -33.88 8.08 70.48
C PRO C 457 -33.11 8.58 69.25
N SER C 458 -32.94 9.89 69.17
CA SER C 458 -32.16 10.56 68.12
C SER C 458 -30.83 9.85 67.89
N SER C 459 -30.10 9.64 68.98
CA SER C 459 -28.78 8.97 68.99
C SER C 459 -28.60 7.88 67.94
N VAL C 460 -29.67 7.12 67.68
CA VAL C 460 -29.59 5.98 66.77
C VAL C 460 -29.33 6.43 65.35
N LYS C 461 -28.36 5.80 64.70
CA LYS C 461 -27.95 6.16 63.35
C LYS C 461 -28.72 5.30 62.39
N ILE C 462 -29.44 5.93 61.48
CA ILE C 462 -30.26 5.20 60.51
C ILE C 462 -29.52 5.06 59.19
N VAL C 463 -29.54 3.85 58.65
CA VAL C 463 -28.77 3.55 57.46
C VAL C 463 -29.49 2.48 56.65
N THR C 464 -29.34 2.53 55.33
CA THR C 464 -29.91 1.48 54.49
C THR C 464 -28.80 0.54 54.08
N GLU C 465 -29.19 -0.64 53.60
CA GLU C 465 -28.26 -1.57 52.98
C GLU C 465 -27.72 -0.96 51.69
N ASN C 466 -28.57 -0.24 50.96
CA ASN C 466 -28.15 0.48 49.77
C ASN C 466 -27.00 1.45 50.06
N GLU C 467 -27.06 2.08 51.24
CA GLU C 467 -26.09 3.09 51.66
C GLU C 467 -24.76 2.45 52.01
N VAL C 468 -24.83 1.24 52.55
CA VAL C 468 -23.64 0.48 52.92
C VAL C 468 -22.94 -0.10 51.70
N ILE C 469 -23.74 -0.68 50.81
CA ILE C 469 -23.24 -1.27 49.57
C ILE C 469 -22.60 -0.19 48.72
N LEU C 470 -23.35 0.84 48.37
CA LEU C 470 -22.83 1.91 47.52
C LEU C 470 -21.57 2.55 48.11
N GLY C 471 -21.53 2.73 49.43
CA GLY C 471 -20.33 3.26 50.09
C GLY C 471 -19.10 2.41 49.77
N ASN C 472 -19.27 1.09 49.91
CA ASN C 472 -18.19 0.13 49.64
C ASN C 472 -18.74 -1.06 48.87
N CYS C 473 -19.15 -0.81 47.64
CA CYS C 473 -19.86 -1.82 46.87
C CYS C 473 -19.00 -3.03 46.53
N ASP C 474 -17.80 -2.76 46.07
CA ASP C 474 -16.85 -3.81 45.71
C ASP C 474 -16.62 -4.78 46.89
N ASP C 475 -16.14 -4.25 48.01
CA ASP C 475 -15.80 -5.08 49.19
C ASP C 475 -16.98 -5.82 49.78
N PHE C 476 -18.16 -5.18 49.77
CA PHE C 476 -19.36 -5.79 50.34
C PHE C 476 -19.62 -7.16 49.71
N TRP C 477 -19.57 -7.23 48.39
CA TRP C 477 -19.87 -8.48 47.70
C TRP C 477 -18.71 -9.47 47.79
N VAL C 478 -17.48 -8.98 47.76
CA VAL C 478 -16.31 -9.84 48.00
C VAL C 478 -16.31 -10.39 49.43
N SER C 479 -16.92 -9.66 50.35
CA SER C 479 -17.12 -10.15 51.71
C SER C 479 -18.24 -11.19 51.74
N VAL C 480 -19.37 -10.87 51.09
CA VAL C 480 -20.53 -11.76 51.01
C VAL C 480 -20.16 -13.16 50.55
N ILE C 481 -19.41 -13.25 49.46
CA ILE C 481 -18.93 -14.54 48.96
C ILE C 481 -17.90 -15.14 49.93
N GLY C 482 -17.04 -14.29 50.47
CA GLY C 482 -16.01 -14.73 51.42
C GLY C 482 -16.57 -15.46 52.62
N ILE C 483 -17.71 -14.98 53.12
CA ILE C 483 -18.42 -15.65 54.20
C ILE C 483 -19.13 -16.88 53.65
N ALA C 484 -19.68 -16.74 52.44
CA ALA C 484 -20.36 -17.83 51.74
C ALA C 484 -19.51 -19.09 51.64
N ARG C 485 -18.24 -18.92 51.27
CA ARG C 485 -17.35 -20.05 51.04
C ARG C 485 -16.86 -20.74 52.31
N LYS C 486 -17.13 -20.14 53.48
CA LYS C 486 -16.72 -20.71 54.76
C LYS C 486 -17.85 -21.46 55.48
N ASN C 487 -19.06 -21.37 54.93
CA ASN C 487 -20.24 -21.96 55.57
C ASN C 487 -21.03 -22.83 54.60
N LEU C 488 -21.48 -23.98 55.09
CA LEU C 488 -22.18 -24.96 54.27
C LEU C 488 -23.63 -24.55 54.10
N LEU C 489 -24.22 -24.87 52.95
CA LEU C 489 -25.59 -24.49 52.66
C LEU C 489 -26.55 -25.05 53.72
N SER C 490 -26.32 -26.29 54.13
CA SER C 490 -27.11 -26.91 55.20
C SER C 490 -27.14 -26.04 56.47
N HIS C 491 -26.01 -25.45 56.80
CA HIS C 491 -25.84 -24.69 58.04
C HIS C 491 -26.70 -23.43 58.05
N VAL C 492 -26.88 -22.83 56.88
CA VAL C 492 -27.70 -21.63 56.75
C VAL C 492 -29.21 -21.98 56.74
N GLU C 493 -29.55 -23.10 56.12
CA GLU C 493 -30.93 -23.62 56.17
C GLU C 493 -31.38 -23.77 57.62
N GLU C 494 -30.52 -24.33 58.46
CA GLU C 494 -30.80 -24.51 59.89
C GLU C 494 -31.19 -23.18 60.57
N LEU C 495 -30.48 -22.10 60.26
CA LEU C 495 -30.78 -20.78 60.83
C LEU C 495 -32.23 -20.37 60.60
N TYR C 496 -32.78 -20.81 59.48
CA TYR C 496 -34.19 -20.57 59.15
C TYR C 496 -35.10 -21.71 59.65
N GLY C 497 -34.54 -22.65 60.40
CA GLY C 497 -35.31 -23.74 60.98
C GLY C 497 -35.45 -24.93 60.06
N GLY C 498 -34.45 -25.14 59.20
CA GLY C 498 -34.40 -26.31 58.30
C GLY C 498 -34.89 -26.03 56.88
N GLU C 499 -36.03 -25.35 56.78
CA GLU C 499 -36.64 -25.03 55.48
C GLU C 499 -36.43 -23.57 55.10
N VAL C 500 -36.00 -23.35 53.85
CA VAL C 500 -35.98 -22.02 53.27
C VAL C 500 -37.17 -21.88 52.33
N ARG C 501 -37.91 -20.80 52.52
CA ARG C 501 -38.99 -20.43 51.63
C ARG C 501 -38.47 -20.27 50.19
N ASN C 502 -37.32 -19.62 50.05
CA ASN C 502 -36.70 -19.40 48.75
C ASN C 502 -35.18 -19.35 48.85
N ALA C 503 -34.53 -19.38 47.69
CA ALA C 503 -33.08 -19.26 47.64
C ALA C 503 -32.65 -17.92 48.22
N GLY C 504 -33.41 -16.87 47.93
CA GLY C 504 -33.09 -15.53 48.39
C GLY C 504 -32.75 -15.45 49.86
N GLN C 505 -33.46 -16.23 50.67
CA GLN C 505 -33.25 -16.23 52.12
C GLN C 505 -31.80 -16.55 52.48
N VAL C 506 -31.22 -17.52 51.77
CA VAL C 506 -29.80 -17.89 51.97
C VAL C 506 -28.88 -16.70 51.74
N ILE C 507 -29.18 -15.92 50.71
CA ILE C 507 -28.38 -14.72 50.40
C ILE C 507 -28.61 -13.65 51.45
N ALA C 508 -29.86 -13.47 51.87
CA ALA C 508 -30.22 -12.50 52.91
C ALA C 508 -29.36 -12.70 54.18
N ALA C 509 -29.30 -13.94 54.66
CA ALA C 509 -28.50 -14.28 55.82
C ALA C 509 -27.06 -13.79 55.63
N LEU C 510 -26.44 -14.22 54.55
CA LEU C 510 -25.08 -13.83 54.22
C LEU C 510 -24.94 -12.34 54.31
N MET C 511 -25.83 -11.62 53.62
CA MET C 511 -25.78 -10.17 53.54
C MET C 511 -25.76 -9.51 54.91
N ARG C 512 -26.57 -10.02 55.85
CA ARG C 512 -26.61 -9.44 57.19
C ARG C 512 -25.24 -9.47 57.85
N VAL C 513 -24.63 -10.64 57.92
CA VAL C 513 -23.32 -10.79 58.52
C VAL C 513 -22.35 -9.78 57.91
N ALA C 514 -22.22 -9.81 56.58
CA ALA C 514 -21.30 -8.95 55.86
C ALA C 514 -21.52 -7.48 56.21
N THR C 515 -22.79 -7.12 56.40
CA THR C 515 -23.15 -5.79 56.87
C THR C 515 -22.63 -5.57 58.28
N ALA C 516 -22.88 -6.54 59.15
CA ALA C 516 -22.40 -6.46 60.52
C ALA C 516 -20.90 -6.20 60.52
N LEU C 517 -20.16 -7.00 59.77
CA LEU C 517 -18.72 -6.84 59.66
C LEU C 517 -18.36 -5.49 59.07
N MET C 518 -18.97 -5.14 57.95
CA MET C 518 -18.72 -3.85 57.31
C MET C 518 -19.08 -2.68 58.25
N LEU C 519 -20.15 -2.84 59.02
CA LEU C 519 -20.54 -1.82 59.99
C LEU C 519 -19.57 -1.74 61.17
N SER C 520 -18.91 -2.86 61.48
CA SER C 520 -17.98 -2.97 62.61
C SER C 520 -18.71 -3.26 63.92
N VAL C 521 -19.71 -4.11 63.86
CA VAL C 521 -20.64 -4.30 64.97
C VAL C 521 -20.02 -5.14 66.08
N SER C 522 -20.43 -4.85 67.32
CA SER C 522 -20.05 -5.64 68.50
C SER C 522 -21.23 -6.45 69.09
N HIS C 523 -22.45 -6.00 68.84
CA HIS C 523 -23.66 -6.69 69.33
C HIS C 523 -24.75 -6.70 68.26
N VAL C 524 -25.40 -7.85 68.07
CA VAL C 524 -26.48 -8.01 67.08
C VAL C 524 -27.87 -8.09 67.73
N ILE C 525 -28.65 -7.03 67.59
CA ILE C 525 -29.97 -6.95 68.16
C ILE C 525 -30.97 -7.73 67.27
N SER C 526 -31.79 -8.56 67.92
CA SER C 526 -32.69 -9.48 67.19
C SER C 526 -34.14 -9.34 67.66
N THR C 527 -35.02 -8.89 66.78
CA THR C 527 -36.46 -8.88 67.10
C THR C 527 -37.03 -10.30 67.00
N SER C 528 -38.30 -10.45 67.38
CA SER C 528 -39.00 -11.73 67.25
C SER C 528 -39.08 -12.17 65.79
N LEU C 529 -39.16 -11.20 64.88
CA LEU C 529 -39.25 -11.45 63.43
C LEU C 529 -37.93 -11.87 62.78
N ASP C 530 -36.80 -11.48 63.38
CA ASP C 530 -35.49 -11.83 62.86
C ASP C 530 -35.19 -13.30 63.11
N GLY C 531 -35.53 -13.77 64.31
CA GLY C 531 -35.21 -15.12 64.70
C GLY C 531 -33.71 -15.38 64.64
N HIS C 532 -33.37 -16.65 64.40
CA HIS C 532 -31.99 -17.12 64.46
C HIS C 532 -31.06 -16.51 63.40
N ILE C 533 -31.65 -15.89 62.37
CA ILE C 533 -30.85 -15.32 61.28
C ILE C 533 -29.64 -14.58 61.82
N ASN C 534 -29.87 -13.67 62.76
CA ASN C 534 -28.80 -12.85 63.32
C ASN C 534 -27.72 -13.64 64.09
N ALA C 535 -28.11 -14.78 64.68
CA ALA C 535 -27.16 -15.64 65.41
C ALA C 535 -26.02 -16.12 64.51
N PHE C 536 -26.28 -16.12 63.21
CA PHE C 536 -25.28 -16.45 62.20
C PHE C 536 -24.00 -15.64 62.41
N ALA C 537 -24.15 -14.32 62.59
CA ALA C 537 -23.01 -13.41 62.79
C ALA C 537 -22.15 -13.83 64.00
N ARG C 538 -22.82 -14.14 65.10
CA ARG C 538 -22.18 -14.65 66.32
C ARG C 538 -21.24 -15.82 65.99
N GLU C 539 -21.77 -16.82 65.30
CA GLU C 539 -21.02 -18.03 64.96
CA GLU C 539 -21.03 -18.04 64.96
C GLU C 539 -19.82 -17.73 64.09
N TYR C 540 -20.03 -16.93 63.04
CA TYR C 540 -18.99 -16.64 62.06
C TYR C 540 -17.78 -15.91 62.64
N THR C 541 -18.02 -14.91 63.50
CA THR C 541 -16.95 -14.18 64.19
C THR C 541 -16.40 -14.95 65.38
N LYS C 542 -16.91 -16.16 65.61
CA LYS C 542 -16.48 -17.00 66.73
C LYS C 542 -16.76 -16.27 68.05
N GLU C 543 -18.03 -15.95 68.24
CA GLU C 543 -18.53 -15.36 69.48
C GLU C 543 -17.94 -13.99 69.86
N ARG C 544 -17.23 -13.35 68.94
CA ARG C 544 -16.71 -12.01 69.18
C ARG C 544 -17.88 -11.05 69.38
N ILE C 545 -18.81 -11.09 68.43
CA ILE C 545 -20.05 -10.33 68.53
C ILE C 545 -20.97 -11.02 69.54
N ASP C 546 -21.67 -10.22 70.35
CA ASP C 546 -22.64 -10.76 71.31
C ASP C 546 -24.08 -10.63 70.77
N CYS C 547 -24.97 -11.51 71.22
CA CYS C 547 -26.38 -11.49 70.81
C CYS C 547 -27.30 -10.90 71.86
N VAL C 548 -27.92 -9.77 71.55
CA VAL C 548 -28.93 -9.18 72.42
C VAL C 548 -30.32 -9.37 71.80
N GLN C 549 -31.18 -10.10 72.52
CA GLN C 549 -32.55 -10.34 72.10
C GLN C 549 -33.42 -9.20 72.61
N THR C 550 -34.51 -8.94 71.88
CA THR C 550 -35.42 -7.88 72.22
C THR C 550 -36.34 -8.36 73.37
N LEU C 551 -37.22 -7.49 73.86
CA LEU C 551 -38.14 -7.86 74.94
C LEU C 551 -39.59 -7.54 74.55
N GLU C 552 -40.33 -8.57 74.12
CA GLU C 552 -41.67 -8.39 73.55
C GLU C 552 -42.73 -9.15 74.37
N GLY C 553 -43.97 -9.13 73.89
CA GLY C 553 -45.11 -9.75 74.60
C GLY C 553 -45.94 -8.83 75.49
N ARG C 554 -45.51 -7.58 75.64
CA ARG C 554 -46.14 -6.64 76.57
C ARG C 554 -47.51 -6.15 76.12
N ILE C 555 -47.64 -5.84 74.83
CA ILE C 555 -48.89 -5.36 74.23
C ILE C 555 -49.53 -6.45 73.37
N PRO C 556 -50.50 -7.20 73.93
CA PRO C 556 -51.05 -8.37 73.25
C PRO C 556 -52.23 -8.02 72.33
N ALA C 557 -52.70 -9.01 71.57
CA ALA C 557 -53.83 -8.82 70.63
C ALA C 557 -55.09 -8.47 71.41
N LEU C 558 -55.91 -7.59 70.82
CA LEU C 558 -57.03 -6.97 71.54
C LEU C 558 -58.28 -7.82 71.66
N HIS C 559 -58.41 -8.90 70.88
CA HIS C 559 -59.56 -9.78 71.00
C HIS C 559 -59.42 -10.74 72.22
N ARG C 560 -60.51 -11.42 72.58
CA ARG C 560 -60.49 -12.38 73.69
C ARG C 560 -60.01 -13.76 73.25
N PRO C 561 -59.34 -14.51 74.15
CA PRO C 561 -58.88 -15.87 73.79
C PRO C 561 -60.04 -16.81 73.43
N GLY C 562 -59.93 -17.48 72.28
CA GLY C 562 -61.00 -18.34 71.75
C GLY C 562 -61.35 -18.01 70.31
N ALA C 570 -58.98 -10.18 61.99
CA ALA C 570 -58.14 -9.60 60.94
C ALA C 570 -57.49 -8.30 61.44
N ASP C 571 -58.34 -7.33 61.75
CA ASP C 571 -57.93 -5.97 62.14
C ASP C 571 -58.10 -5.73 63.66
N ASP C 572 -57.29 -6.40 64.46
CA ASP C 572 -57.47 -6.41 65.92
C ASP C 572 -56.18 -6.25 66.73
N VAL C 573 -55.14 -5.68 66.15
CA VAL C 573 -53.96 -5.31 66.90
C VAL C 573 -53.45 -3.92 66.51
N LEU C 574 -52.79 -3.25 67.46
CA LEU C 574 -52.30 -1.87 67.29
C LEU C 574 -50.98 -1.86 66.53
N TYR C 575 -51.00 -1.25 65.34
CA TYR C 575 -49.80 -1.04 64.56
C TYR C 575 -49.40 0.42 64.68
N LEU C 576 -48.14 0.72 64.40
CA LEU C 576 -47.64 2.10 64.38
C LEU C 576 -48.51 2.99 63.49
N ASP C 577 -48.90 2.46 62.33
CA ASP C 577 -49.51 3.29 61.28
C ASP C 577 -50.98 3.67 61.54
N ASP C 578 -51.57 3.18 62.62
CA ASP C 578 -52.94 3.52 62.98
C ASP C 578 -53.12 5.03 63.20
N ASN C 579 -54.11 5.63 62.52
CA ASN C 579 -54.53 7.01 62.80
C ASN C 579 -55.45 7.05 64.02
N ASP C 580 -56.00 8.22 64.35
CA ASP C 580 -56.82 8.35 65.56
C ASP C 580 -58.03 7.41 65.58
N MET C 581 -58.68 7.27 64.44
CA MET C 581 -59.92 6.50 64.35
C MET C 581 -59.70 5.00 64.41
N ASP C 582 -58.51 4.57 64.00
CA ASP C 582 -58.13 3.17 64.06
C ASP C 582 -57.91 2.75 65.51
N ILE C 583 -57.27 3.62 66.28
CA ILE C 583 -57.06 3.35 67.69
C ILE C 583 -58.41 3.24 68.39
N ARG C 584 -59.28 4.22 68.17
CA ARG C 584 -60.61 4.27 68.81
C ARG C 584 -61.47 3.05 68.51
N ARG C 585 -61.31 2.53 67.30
CA ARG C 585 -62.10 1.39 66.80
C ARG C 585 -61.54 0.08 67.35
N LYS C 586 -60.23 -0.06 67.29
CA LYS C 586 -59.55 -1.23 67.84
C LYS C 586 -59.69 -1.37 69.35
N ILE C 587 -59.66 -0.25 70.07
CA ILE C 587 -59.91 -0.26 71.52
C ILE C 587 -61.36 -0.60 71.83
N LYS C 588 -62.31 -0.04 71.09
CA LYS C 588 -63.72 -0.36 71.31
C LYS C 588 -63.95 -1.87 71.24
N LYS C 589 -63.46 -2.49 70.16
CA LYS C 589 -63.59 -3.95 69.96
C LYS C 589 -62.80 -4.75 70.99
N ALA C 590 -61.80 -4.13 71.60
CA ALA C 590 -61.02 -4.78 72.65
C ALA C 590 -61.93 -5.38 73.72
N TYR C 591 -61.61 -6.61 74.13
CA TYR C 591 -62.41 -7.32 75.12
C TYR C 591 -62.01 -6.93 76.53
N SER C 592 -62.99 -6.56 77.35
CA SER C 592 -62.79 -6.37 78.78
C SER C 592 -64.12 -6.51 79.52
N ALA C 593 -64.29 -7.62 80.22
CA ALA C 593 -65.55 -7.92 80.92
C ALA C 593 -65.54 -7.39 82.35
N PRO C 594 -66.74 -7.20 82.94
CA PRO C 594 -66.80 -6.77 84.34
C PRO C 594 -66.31 -7.86 85.28
N ASN C 595 -65.63 -7.44 86.35
CA ASN C 595 -65.09 -8.36 87.34
C ASN C 595 -64.20 -9.46 86.73
N GLU C 596 -63.24 -9.02 85.93
CA GLU C 596 -62.20 -9.88 85.36
C GLU C 596 -60.83 -9.34 85.73
N GLU C 597 -59.92 -10.24 86.10
CA GLU C 597 -58.56 -9.87 86.55
C GLU C 597 -57.56 -9.90 85.39
N ALA C 598 -57.79 -10.81 84.44
CA ALA C 598 -56.94 -10.94 83.24
C ALA C 598 -57.72 -10.62 81.96
N ASN C 599 -57.23 -9.66 81.18
CA ASN C 599 -57.76 -9.39 79.82
C ASN C 599 -56.78 -8.52 79.00
N PRO C 600 -57.01 -8.42 77.67
CA PRO C 600 -56.10 -7.64 76.81
C PRO C 600 -56.07 -6.13 77.10
N VAL C 601 -57.20 -5.55 77.49
CA VAL C 601 -57.27 -4.12 77.77
C VAL C 601 -56.46 -3.78 79.01
N ILE C 602 -56.48 -4.71 79.97
CA ILE C 602 -55.72 -4.59 81.22
C ILE C 602 -54.23 -4.83 80.94
N SER C 603 -53.94 -5.92 80.24
CA SER C 603 -52.56 -6.29 79.93
C SER C 603 -51.83 -5.12 79.27
N VAL C 604 -52.54 -4.39 78.43
CA VAL C 604 -52.02 -3.19 77.79
C VAL C 604 -51.86 -2.08 78.81
N ALA C 605 -52.86 -1.93 79.69
CA ALA C 605 -52.79 -0.96 80.78
C ALA C 605 -51.48 -1.12 81.56
N GLN C 606 -51.24 -2.35 82.01
CA GLN C 606 -50.04 -2.66 82.80
C GLN C 606 -48.76 -2.23 82.08
N HIS C 607 -48.80 -2.26 80.75
CA HIS C 607 -47.67 -1.84 79.95
C HIS C 607 -47.56 -0.33 79.88
N LEU C 608 -48.70 0.35 79.75
CA LEU C 608 -48.71 1.81 79.75
C LEU C 608 -48.34 2.32 81.13
N LEU C 609 -48.99 1.75 82.15
CA LEU C 609 -48.74 2.09 83.56
C LEU C 609 -47.29 1.88 83.95
N ALA C 610 -46.75 0.71 83.62
CA ALA C 610 -45.39 0.36 83.95
C ALA C 610 -44.43 1.26 83.18
N GLN C 611 -44.74 1.52 81.91
CA GLN C 611 -43.87 2.35 81.08
C GLN C 611 -43.67 3.71 81.72
N HIS C 612 -44.74 4.49 81.80
CA HIS C 612 -44.66 5.81 82.41
C HIS C 612 -44.15 5.70 83.86
N GLY C 613 -44.71 4.75 84.62
CA GLY C 613 -44.36 4.56 86.04
C GLY C 613 -45.49 4.89 87.01
N ALA C 614 -46.68 5.14 86.47
CA ALA C 614 -47.86 5.41 87.27
C ALA C 614 -49.07 5.55 86.37
N LEU C 615 -50.19 4.93 86.75
CA LEU C 615 -51.45 5.07 86.01
C LEU C 615 -52.43 5.89 86.84
N SER C 616 -53.10 6.84 86.20
CA SER C 616 -54.04 7.72 86.90
C SER C 616 -55.28 7.97 86.05
N ILE C 617 -56.42 7.47 86.53
CA ILE C 617 -57.68 7.66 85.84
C ILE C 617 -58.55 8.63 86.66
N GLU C 618 -59.03 9.69 86.00
CA GLU C 618 -60.07 10.56 86.54
C GLU C 618 -61.28 9.71 86.86
N ARG C 619 -62.22 10.28 87.59
CA ARG C 619 -63.43 9.58 88.04
C ARG C 619 -64.31 10.55 88.81
N GLY C 620 -65.51 10.12 89.18
CA GLY C 620 -66.42 10.94 89.98
C GLY C 620 -66.79 10.28 91.30
N GLU C 621 -66.73 11.03 92.40
CA GLU C 621 -67.23 10.55 93.69
C GLU C 621 -68.66 10.04 93.48
N ALA C 622 -68.96 8.84 94.00
CA ALA C 622 -70.24 8.17 93.77
C ALA C 622 -70.18 7.20 92.58
N ASN C 623 -69.11 7.28 91.80
CA ASN C 623 -68.76 6.25 90.82
C ASN C 623 -67.32 5.78 91.03
N GLY C 624 -66.80 5.97 92.24
CA GLY C 624 -65.38 5.83 92.55
C GLY C 624 -64.71 7.17 92.78
N GLY C 625 -63.41 7.18 93.02
CA GLY C 625 -62.64 8.43 93.20
C GLY C 625 -61.58 8.61 92.13
N ASN C 626 -60.94 9.78 92.12
CA ASN C 626 -59.81 10.05 91.21
C ASN C 626 -58.62 9.16 91.56
N VAL C 627 -58.72 7.90 91.18
CA VAL C 627 -57.76 6.89 91.62
C VAL C 627 -56.50 6.91 90.76
N SER C 628 -55.36 6.66 91.40
CA SER C 628 -54.08 6.50 90.72
C SER C 628 -53.39 5.25 91.22
N TYR C 629 -53.03 4.37 90.28
CA TYR C 629 -52.42 3.09 90.60
C TYR C 629 -50.93 3.16 90.34
N ASN C 630 -50.16 2.85 91.37
CA ASN C 630 -48.69 2.80 91.29
C ASN C 630 -48.16 1.36 91.13
N THR C 631 -49.06 0.40 91.04
CA THR C 631 -48.67 -1.02 90.92
C THR C 631 -49.75 -1.83 90.20
N PRO C 632 -49.34 -2.85 89.43
CA PRO C 632 -50.31 -3.71 88.73
C PRO C 632 -51.12 -4.61 89.66
N GLU C 633 -50.58 -4.92 90.84
CA GLU C 633 -51.32 -5.66 91.86
C GLU C 633 -52.52 -4.85 92.35
N ALA C 634 -52.41 -3.52 92.31
CA ALA C 634 -53.49 -2.62 92.73
C ALA C 634 -54.63 -2.63 91.72
N LEU C 635 -54.27 -2.50 90.45
CA LEU C 635 -55.25 -2.39 89.37
C LEU C 635 -56.02 -3.69 89.18
N VAL C 636 -55.31 -4.81 89.18
CA VAL C 636 -55.96 -6.12 89.05
C VAL C 636 -57.01 -6.31 90.13
N ALA C 637 -56.71 -5.82 91.34
CA ALA C 637 -57.62 -5.93 92.49
C ALA C 637 -58.92 -5.17 92.22
N ASP C 638 -58.81 -3.90 91.88
CA ASP C 638 -59.99 -3.03 91.73
C ASP C 638 -60.88 -3.41 90.53
N CYS C 639 -60.26 -3.83 89.42
CA CYS C 639 -61.02 -4.28 88.27
C CYS C 639 -61.56 -5.70 88.47
N GLY C 640 -60.79 -6.55 89.17
CA GLY C 640 -61.25 -7.90 89.48
C GLY C 640 -62.38 -7.87 90.48
N SER C 641 -62.09 -7.33 91.66
CA SER C 641 -63.06 -7.22 92.73
C SER C 641 -63.29 -5.75 93.05
N GLY C 642 -64.37 -5.20 92.51
CA GLY C 642 -64.79 -3.86 92.91
C GLY C 642 -64.98 -2.87 91.77
N ALA C 643 -65.19 -1.62 92.17
CA ALA C 643 -65.58 -0.56 91.27
C ALA C 643 -64.40 0.02 90.52
N LEU C 644 -63.86 -0.76 89.58
CA LEU C 644 -63.13 -0.21 88.44
C LEU C 644 -63.76 -0.78 87.17
N HIS C 645 -64.73 -0.05 86.66
CA HIS C 645 -65.56 -0.52 85.56
C HIS C 645 -64.73 -0.58 84.27
N PRO C 646 -64.78 -1.72 83.55
CA PRO C 646 -63.97 -1.86 82.34
C PRO C 646 -64.10 -0.67 81.39
N ALA C 647 -65.27 -0.05 81.39
CA ALA C 647 -65.52 1.19 80.65
C ALA C 647 -64.53 2.28 81.03
N ASP C 648 -64.39 2.52 82.33
CA ASP C 648 -63.47 3.53 82.86
C ASP C 648 -62.02 3.29 82.41
N LEU C 649 -61.59 2.03 82.46
CA LEU C 649 -60.22 1.65 82.10
C LEU C 649 -59.94 1.89 80.62
N LYS C 650 -60.88 1.50 79.76
CA LYS C 650 -60.76 1.72 78.30
C LYS C 650 -60.65 3.20 77.94
N ALA C 651 -61.42 4.03 78.66
CA ALA C 651 -61.34 5.48 78.48
C ALA C 651 -59.92 5.98 78.67
N ALA C 652 -59.32 5.62 79.81
CA ALA C 652 -57.98 6.10 80.17
C ALA C 652 -56.89 5.49 79.30
N VAL C 653 -57.03 4.21 78.97
CA VAL C 653 -56.09 3.53 78.07
C VAL C 653 -56.02 4.21 76.70
N LEU C 654 -57.21 4.46 76.13
CA LEU C 654 -57.37 5.04 74.79
C LEU C 654 -56.75 6.43 74.68
N GLN C 655 -56.98 7.29 75.68
CA GLN C 655 -56.45 8.65 75.66
C GLN C 655 -54.92 8.66 75.74
N LEU C 656 -54.36 7.77 76.54
CA LEU C 656 -52.91 7.61 76.63
C LEU C 656 -52.32 7.18 75.29
N LEU C 657 -52.94 6.18 74.66
CA LEU C 657 -52.51 5.71 73.34
C LEU C 657 -52.56 6.82 72.31
N LEU C 658 -53.61 7.61 72.35
CA LEU C 658 -53.74 8.75 71.43
C LEU C 658 -52.71 9.84 71.71
N ASP C 659 -52.51 10.16 72.98
CA ASP C 659 -51.50 11.16 73.35
C ASP C 659 -50.11 10.67 72.93
N ARG C 660 -49.78 9.43 73.28
CA ARG C 660 -48.48 8.84 72.97
C ARG C 660 -48.13 8.91 71.48
N SER C 661 -49.09 8.49 70.64
CA SER C 661 -48.89 8.37 69.19
C SER C 661 -49.12 9.66 68.42
N ALA C 662 -49.38 10.77 69.12
CA ALA C 662 -49.74 12.04 68.49
C ALA C 662 -48.73 12.52 67.43
N GLN C 663 -47.45 12.51 67.77
CA GLN C 663 -46.39 12.97 66.85
C GLN C 663 -46.29 12.07 65.62
N ALA C 664 -46.32 10.76 65.87
CA ALA C 664 -46.32 9.76 64.80
C ALA C 664 -47.46 10.02 63.83
N ARG C 665 -48.68 10.14 64.37
CA ARG C 665 -49.87 10.29 63.54
C ARG C 665 -49.90 11.59 62.73
N ALA C 666 -49.22 12.63 63.20
CA ALA C 666 -49.11 13.89 62.45
C ALA C 666 -48.28 13.73 61.17
N LEU C 667 -47.43 12.72 61.13
CA LEU C 667 -46.66 12.41 59.92
C LEU C 667 -47.56 11.74 58.88
N LEU C 668 -48.25 10.67 59.28
CA LEU C 668 -49.19 9.96 58.42
C LEU C 668 -49.96 10.95 57.58
N ASN C 669 -50.51 11.94 58.27
CA ASN C 669 -51.34 12.99 57.68
C ASN C 669 -50.57 13.88 56.70
N GLY C 670 -49.32 14.21 57.07
CA GLY C 670 -48.50 15.16 56.32
C GLY C 670 -47.28 14.56 55.65
N GLU C 671 -46.16 14.57 56.35
CA GLU C 671 -44.88 14.19 55.77
C GLU C 671 -44.94 12.93 54.88
N LEU C 672 -45.48 11.85 55.43
CA LEU C 672 -45.45 10.52 54.80
C LEU C 672 -46.69 10.20 53.95
N LYS C 673 -47.59 11.17 53.81
CA LYS C 673 -48.87 11.00 53.09
C LYS C 673 -48.65 10.33 51.73
N LYS C 674 -47.65 10.78 51.00
CA LYS C 674 -47.35 10.29 49.64
C LYS C 674 -46.86 8.83 49.61
N ASN C 675 -46.03 8.45 50.58
CA ASN C 675 -45.55 7.06 50.68
C ASN C 675 -46.64 6.09 51.12
N MET C 676 -47.59 6.58 51.93
CA MET C 676 -48.69 5.75 52.42
C MET C 676 -49.57 5.20 51.29
N THR C 677 -49.73 6.00 50.23
CA THR C 677 -50.42 5.58 49.00
C THR C 677 -49.76 4.34 48.36
N VAL C 678 -48.44 4.24 48.49
CA VAL C 678 -47.71 3.07 48.00
C VAL C 678 -47.96 1.82 48.85
N LEU C 679 -48.24 1.99 50.13
CA LEU C 679 -48.39 0.84 51.01
C LEU C 679 -49.74 0.15 50.82
N ARG C 680 -50.81 0.93 50.81
CA ARG C 680 -52.16 0.36 50.61
C ARG C 680 -52.40 -0.10 49.17
N ASN C 681 -51.55 0.29 48.23
CA ASN C 681 -51.49 -0.39 46.93
C ASN C 681 -51.01 -1.82 47.13
N ALA C 682 -49.91 -1.96 47.89
CA ALA C 682 -49.34 -3.25 48.21
C ALA C 682 -50.39 -4.14 48.87
N GLU C 683 -51.10 -3.57 49.84
CA GLU C 683 -52.21 -4.25 50.54
C GLU C 683 -53.22 -4.83 49.53
N LYS C 684 -53.49 -4.06 48.47
CA LYS C 684 -54.39 -4.49 47.40
C LYS C 684 -53.80 -5.60 46.53
N LYS C 685 -52.48 -5.54 46.28
CA LYS C 685 -51.79 -6.61 45.54
C LYS C 685 -51.65 -7.87 46.38
N MET C 686 -51.31 -7.71 47.66
CA MET C 686 -51.20 -8.83 48.60
C MET C 686 -52.55 -9.53 48.75
N ALA C 687 -53.61 -8.73 48.89
CA ALA C 687 -54.95 -9.27 48.93
C ALA C 687 -55.28 -10.08 47.68
N LYS C 688 -54.93 -9.52 46.51
CA LYS C 688 -55.28 -10.11 45.20
C LYS C 688 -56.70 -10.71 45.20
N HIS D 7 -6.87 1.83 39.10
CA HIS D 7 -6.97 1.40 37.66
C HIS D 7 -8.40 1.51 37.18
N HIS D 8 -9.33 1.03 38.01
CA HIS D 8 -10.71 0.81 37.59
C HIS D 8 -11.63 1.98 37.90
N MET D 9 -11.92 2.77 36.86
CA MET D 9 -12.56 4.08 36.99
C MET D 9 -13.91 4.07 37.69
N ASN D 10 -14.23 5.18 38.32
CA ASN D 10 -15.58 5.42 38.83
C ASN D 10 -16.47 5.80 37.65
N THR D 11 -17.78 5.86 37.89
CA THR D 11 -18.78 6.21 36.87
C THR D 11 -18.51 7.58 36.22
N ASP D 12 -18.08 8.55 37.01
CA ASP D 12 -17.85 9.92 36.54
C ASP D 12 -16.64 9.98 35.61
N GLU D 13 -15.54 9.36 36.03
CA GLU D 13 -14.30 9.33 35.26
C GLU D 13 -14.51 8.66 33.91
N ARG D 14 -15.34 7.63 33.88
CA ARG D 14 -15.70 6.99 32.62
C ARG D 14 -16.28 8.06 31.69
N TYR D 15 -17.36 8.71 32.13
CA TYR D 15 -18.01 9.75 31.33
C TYR D 15 -17.02 10.84 30.91
N LYS D 16 -16.22 11.30 31.86
CA LYS D 16 -15.19 12.32 31.59
C LYS D 16 -14.26 11.89 30.48
N LEU D 17 -13.88 10.62 30.52
CA LEU D 17 -12.95 10.04 29.53
C LEU D 17 -13.63 9.89 28.19
N LEU D 18 -14.80 9.27 28.18
CA LEU D 18 -15.57 9.09 26.96
C LEU D 18 -15.97 10.43 26.34
N ARG D 19 -16.23 11.42 27.19
CA ARG D 19 -16.58 12.75 26.69
C ARG D 19 -15.38 13.45 26.05
N SER D 20 -14.18 13.17 26.54
CA SER D 20 -12.94 13.76 25.98
C SER D 20 -12.67 13.36 24.52
N VAL D 21 -13.29 12.27 24.06
CA VAL D 21 -13.19 11.83 22.67
C VAL D 21 -13.83 12.81 21.69
N GLY D 22 -14.90 13.47 22.11
CA GLY D 22 -15.67 14.33 21.21
C GLY D 22 -15.28 15.79 21.23
N GLU D 23 -15.00 16.34 20.05
CA GLU D 23 -14.91 17.79 19.87
C GLU D 23 -16.29 18.36 20.11
N GLU D 24 -17.30 17.54 19.83
CA GLU D 24 -18.71 17.85 20.07
C GLU D 24 -19.43 16.60 20.58
N CYS D 25 -20.30 16.76 21.58
CA CYS D 25 -21.16 15.66 22.04
C CYS D 25 -22.62 16.08 22.00
N ILE D 26 -23.41 15.43 21.15
CA ILE D 26 -24.81 15.75 21.05
C ILE D 26 -25.51 15.16 22.26
N GLN D 27 -26.01 16.06 23.11
CA GLN D 27 -26.68 15.69 24.35
C GLN D 27 -25.73 14.91 25.26
N GLU D 28 -25.02 15.65 26.10
CA GLU D 28 -24.21 15.06 27.16
C GLU D 28 -25.10 14.25 28.11
N SER D 29 -26.34 14.69 28.27
CA SER D 29 -27.30 13.99 29.12
C SER D 29 -27.59 12.57 28.64
N GLU D 30 -27.62 12.37 27.32
CA GLU D 30 -27.84 11.05 26.71
C GLU D 30 -26.62 10.15 26.87
N LEU D 31 -25.45 10.75 26.73
CA LEU D 31 -24.19 10.06 26.96
C LEU D 31 -24.12 9.57 28.40
N ARG D 32 -24.39 10.47 29.35
CA ARG D 32 -24.33 10.16 30.79
C ARG D 32 -25.27 9.01 31.13
N ASN D 33 -26.47 9.07 30.59
CA ASN D 33 -27.44 7.99 30.79
C ASN D 33 -26.87 6.66 30.31
N LEU D 34 -26.18 6.67 29.18
CA LEU D 34 -25.62 5.46 28.62
C LEU D 34 -24.60 4.89 29.60
N ILE D 35 -23.65 5.74 29.99
CA ILE D 35 -22.58 5.36 30.90
C ILE D 35 -23.14 4.79 32.20
N GLU D 36 -24.16 5.45 32.76
CA GLU D 36 -24.74 5.04 34.04
C GLU D 36 -25.54 3.74 33.96
N LYS D 37 -26.35 3.62 32.91
CA LYS D 37 -27.30 2.52 32.82
C LYS D 37 -26.82 1.35 31.95
N LYS D 38 -26.29 1.63 30.75
CA LYS D 38 -26.00 0.55 29.80
C LYS D 38 -24.60 -0.04 29.97
N PRO D 39 -24.54 -1.38 30.06
CA PRO D 39 -23.26 -2.09 30.07
C PRO D 39 -22.39 -1.93 28.78
N LEU D 40 -22.76 -2.57 27.68
CA LEU D 40 -21.89 -2.59 26.48
C LEU D 40 -22.36 -1.63 25.41
N ILE D 41 -21.90 -0.39 25.54
CA ILE D 41 -22.35 0.71 24.67
C ILE D 41 -21.72 0.57 23.29
N ARG D 42 -22.54 0.61 22.24
CA ARG D 42 -22.03 0.48 20.88
C ARG D 42 -21.50 1.79 20.32
N CYS D 43 -20.18 1.91 20.28
CA CYS D 43 -19.55 2.92 19.45
C CYS D 43 -19.30 2.34 18.09
N TYR D 44 -19.68 3.05 17.03
CA TYR D 44 -19.33 2.59 15.70
C TYR D 44 -18.70 3.72 14.91
N ASP D 45 -17.77 3.34 14.04
CA ASP D 45 -17.19 4.25 13.06
C ASP D 45 -17.03 3.46 11.78
N GLY D 46 -17.07 4.15 10.66
CA GLY D 46 -17.05 3.52 9.35
C GLY D 46 -16.13 4.25 8.41
N PHE D 47 -15.62 3.52 7.43
CA PHE D 47 -14.66 4.06 6.48
C PHE D 47 -14.61 3.23 5.21
N GLU D 48 -14.35 3.92 4.10
CA GLU D 48 -14.24 3.31 2.78
C GLU D 48 -12.77 3.17 2.48
N PRO D 49 -12.27 1.94 2.33
CA PRO D 49 -10.84 1.75 2.08
C PRO D 49 -10.29 2.48 0.84
N SER D 50 -9.44 3.47 1.08
CA SER D 50 -8.65 4.09 0.02
C SER D 50 -7.44 3.22 -0.26
N GLY D 51 -6.63 3.00 0.78
CA GLY D 51 -5.43 2.15 0.69
C GLY D 51 -4.17 2.75 1.30
N ARG D 52 -4.15 4.07 1.45
CA ARG D 52 -3.03 4.77 2.06
C ARG D 52 -3.52 5.36 3.37
N MET D 53 -3.20 4.74 4.49
CA MET D 53 -3.78 5.17 5.77
C MET D 53 -3.07 6.38 6.33
N HIS D 54 -3.82 7.48 6.45
CA HIS D 54 -3.28 8.73 6.97
C HIS D 54 -3.32 8.72 8.50
N ILE D 55 -2.39 9.44 9.11
CA ILE D 55 -2.03 9.27 10.52
C ILE D 55 -3.23 9.37 11.48
N ALA D 56 -4.19 10.21 11.11
CA ALA D 56 -5.43 10.36 11.87
C ALA D 56 -6.29 9.10 11.86
N GLN D 57 -6.31 8.41 10.72
CA GLN D 57 -7.06 7.16 10.61
C GLN D 57 -6.40 6.03 11.42
N GLY D 58 -5.08 6.05 11.49
CA GLY D 58 -4.34 5.01 12.20
C GLY D 58 -4.16 5.34 13.66
N ILE D 59 -3.26 6.27 13.93
CA ILE D 59 -2.82 6.56 15.29
C ILE D 59 -3.90 7.19 16.15
N PHE D 60 -4.45 8.32 15.69
CA PHE D 60 -5.42 9.07 16.49
C PHE D 60 -6.67 8.24 16.79
N LYS D 61 -7.14 7.50 15.80
CA LYS D 61 -8.33 6.65 15.93
C LYS D 61 -8.17 5.66 17.07
N ALA D 62 -7.04 4.96 17.09
CA ALA D 62 -6.74 3.97 18.12
C ALA D 62 -6.86 4.54 19.54
N VAL D 63 -6.35 5.75 19.73
CA VAL D 63 -6.42 6.42 21.04
C VAL D 63 -7.87 6.64 21.44
N ASN D 64 -8.66 7.17 20.49
CA ASN D 64 -10.08 7.40 20.74
C ASN D 64 -10.83 6.08 20.94
N VAL D 65 -10.44 5.05 20.21
CA VAL D 65 -11.00 3.72 20.42
C VAL D 65 -10.63 3.21 21.80
N ASN D 66 -9.35 3.31 22.14
CA ASN D 66 -8.86 2.91 23.46
C ASN D 66 -9.61 3.60 24.60
N LYS D 67 -9.87 4.89 24.42
CA LYS D 67 -10.60 5.66 25.42
C LYS D 67 -12.02 5.11 25.57
N CYS D 68 -12.70 4.88 24.45
CA CYS D 68 -14.02 4.26 24.43
C CYS D 68 -14.01 2.89 25.08
N THR D 69 -13.23 1.96 24.53
CA THR D 69 -13.13 0.62 25.09
C THR D 69 -12.85 0.72 26.58
N ALA D 70 -11.82 1.50 26.95
CA ALA D 70 -11.48 1.77 28.35
C ALA D 70 -12.71 2.15 29.19
N ALA D 71 -13.49 3.12 28.70
CA ALA D 71 -14.68 3.59 29.39
C ALA D 71 -15.81 2.56 29.43
N GLY D 72 -15.62 1.42 28.78
CA GLY D 72 -16.57 0.29 28.85
C GLY D 72 -17.43 0.08 27.62
N CYS D 73 -16.95 0.49 26.46
CA CYS D 73 -17.71 0.40 25.20
C CYS D 73 -17.32 -0.81 24.39
N GLU D 74 -18.06 -1.02 23.32
CA GLU D 74 -17.77 -2.00 22.29
C GLU D 74 -17.68 -1.21 20.99
N PHE D 75 -16.48 -1.12 20.43
CA PHE D 75 -16.24 -0.26 19.28
C PHE D 75 -16.30 -1.04 17.96
N VAL D 76 -17.41 -0.88 17.24
CA VAL D 76 -17.65 -1.58 16.00
C VAL D 76 -17.08 -0.80 14.82
N PHE D 77 -16.27 -1.46 14.01
CA PHE D 77 -15.74 -0.86 12.80
C PHE D 77 -16.54 -1.31 11.57
N TRP D 78 -17.14 -0.35 10.88
CA TRP D 78 -17.92 -0.61 9.69
C TRP D 78 -17.01 -0.35 8.50
N VAL D 79 -16.59 -1.42 7.83
CA VAL D 79 -15.76 -1.29 6.64
C VAL D 79 -16.67 -1.09 5.43
N ALA D 80 -16.80 0.16 5.01
CA ALA D 80 -17.81 0.58 4.02
C ALA D 80 -17.38 0.24 2.61
N ASP D 81 -17.34 -1.06 2.32
CA ASP D 81 -16.83 -1.53 1.03
C ASP D 81 -17.73 -1.13 -0.14
N TRP D 82 -19.04 -1.14 0.06
CA TRP D 82 -19.98 -0.67 -0.98
C TRP D 82 -19.98 0.84 -1.14
N PHE D 83 -19.65 1.56 -0.07
CA PHE D 83 -19.76 3.02 -0.04
C PHE D 83 -18.63 3.67 -0.87
N ALA D 84 -17.41 3.18 -0.68
CA ALA D 84 -16.29 3.52 -1.56
C ALA D 84 -16.70 3.38 -3.03
N LEU D 85 -17.40 2.30 -3.34
CA LEU D 85 -17.83 1.99 -4.70
C LEU D 85 -18.70 3.10 -5.31
N MET D 86 -19.63 3.64 -4.51
CA MET D 86 -20.44 4.79 -4.92
C MET D 86 -19.59 6.03 -5.05
N ASN D 87 -18.70 6.21 -4.06
CA ASN D 87 -17.78 7.35 -4.01
C ASN D 87 -16.71 7.37 -5.11
N ASP D 88 -16.57 6.27 -5.85
CA ASP D 88 -15.60 6.15 -6.96
C ASP D 88 -14.15 6.32 -6.49
N LYS D 89 -13.82 5.60 -5.41
CA LYS D 89 -12.56 5.76 -4.67
C LYS D 89 -11.37 4.98 -5.27
N VAL D 90 -11.56 3.69 -5.54
CA VAL D 90 -10.51 2.81 -6.07
C VAL D 90 -10.88 2.27 -7.45
N GLY D 91 -11.30 3.15 -8.34
CA GLY D 91 -11.59 2.81 -9.74
C GLY D 91 -12.85 2.00 -10.02
N GLY D 92 -13.69 1.82 -9.00
CA GLY D 92 -14.93 1.02 -9.14
C GLY D 92 -14.75 -0.49 -9.12
N GLU D 93 -13.54 -0.95 -8.71
CA GLU D 93 -13.23 -2.38 -8.60
C GLU D 93 -13.38 -2.85 -7.15
N LEU D 94 -14.59 -3.33 -6.82
CA LEU D 94 -14.95 -3.74 -5.46
C LEU D 94 -14.12 -4.97 -5.00
N GLU D 95 -14.08 -5.98 -5.86
CA GLU D 95 -13.24 -7.16 -5.68
C GLU D 95 -11.86 -6.81 -5.12
N LYS D 96 -11.28 -5.72 -5.62
CA LYS D 96 -9.96 -5.25 -5.21
C LYS D 96 -9.90 -4.65 -3.80
N ILE D 97 -10.96 -3.97 -3.40
CA ILE D 97 -10.97 -3.20 -2.14
C ILE D 97 -10.83 -4.06 -0.87
N ARG D 98 -11.20 -5.33 -0.95
CA ARG D 98 -11.38 -6.15 0.26
C ARG D 98 -10.06 -6.43 0.99
N ILE D 99 -9.02 -6.75 0.24
CA ILE D 99 -7.67 -6.84 0.81
C ILE D 99 -7.23 -5.47 1.34
N VAL D 100 -7.62 -4.39 0.66
CA VAL D 100 -7.30 -3.01 1.10
C VAL D 100 -7.76 -2.77 2.53
N GLY D 101 -8.94 -3.30 2.86
CA GLY D 101 -9.48 -3.22 4.22
C GLY D 101 -8.70 -4.05 5.22
N ARG D 102 -8.11 -5.15 4.74
CA ARG D 102 -7.36 -6.06 5.61
C ARG D 102 -6.03 -5.45 6.04
N TYR D 103 -5.42 -4.68 5.13
CA TYR D 103 -4.22 -3.89 5.44
C TYR D 103 -4.53 -2.97 6.60
N LEU D 104 -5.65 -2.27 6.47
CA LEU D 104 -6.08 -1.29 7.46
C LEU D 104 -6.32 -1.96 8.81
N ILE D 105 -6.97 -3.13 8.78
CA ILE D 105 -7.18 -3.92 10.00
C ILE D 105 -5.85 -4.36 10.60
N GLU D 106 -4.98 -4.93 9.75
CA GLU D 106 -3.65 -5.37 10.20
C GLU D 106 -2.74 -4.23 10.64
N VAL D 107 -3.07 -3.00 10.23
CA VAL D 107 -2.41 -1.80 10.72
C VAL D 107 -2.80 -1.54 12.18
N TRP D 108 -4.10 -1.52 12.45
CA TRP D 108 -4.58 -1.23 13.80
C TRP D 108 -4.11 -2.24 14.83
N LYS D 109 -4.09 -3.51 14.44
CA LYS D 109 -3.62 -4.57 15.35
C LYS D 109 -2.20 -4.31 15.85
N ALA D 110 -1.34 -3.83 14.96
CA ALA D 110 0.03 -3.45 15.33
C ALA D 110 0.09 -2.03 15.91
N ALA D 111 -0.89 -1.20 15.54
CA ALA D 111 -0.98 0.19 16.01
C ALA D 111 -1.01 0.30 17.53
N GLY D 112 -1.62 -0.68 18.18
CA GLY D 112 -1.69 -0.74 19.65
C GLY D 112 -3.09 -0.74 20.21
N MET D 113 -4.09 -0.92 19.35
CA MET D 113 -5.50 -0.99 19.77
C MET D 113 -5.77 -2.19 20.67
N ASP D 114 -6.52 -1.95 21.74
CA ASP D 114 -6.95 -3.02 22.62
C ASP D 114 -8.15 -3.73 21.97
N MET D 115 -7.87 -4.88 21.34
CA MET D 115 -8.86 -5.61 20.55
C MET D 115 -9.84 -6.47 21.37
N ASP D 116 -9.77 -6.36 22.69
CA ASP D 116 -10.71 -7.03 23.58
C ASP D 116 -12.18 -6.75 23.25
N LYS D 117 -12.47 -5.52 22.83
CA LYS D 117 -13.85 -5.10 22.61
C LYS D 117 -13.95 -4.29 21.31
N VAL D 118 -13.16 -4.67 20.31
CA VAL D 118 -13.19 -4.03 19.02
C VAL D 118 -13.54 -5.06 17.97
N LEU D 119 -14.56 -4.77 17.16
CA LEU D 119 -15.01 -5.67 16.11
C LEU D 119 -14.74 -5.08 14.74
N PHE D 120 -14.78 -5.94 13.72
CA PHE D 120 -14.65 -5.49 12.34
C PHE D 120 -15.74 -6.08 11.45
N LEU D 121 -16.57 -5.21 10.86
CA LEU D 121 -17.74 -5.63 10.09
C LEU D 121 -17.66 -5.20 8.62
N TRP D 122 -17.99 -6.15 7.74
CA TRP D 122 -17.97 -5.90 6.29
C TRP D 122 -19.40 -5.71 5.78
N SER D 123 -19.72 -4.46 5.43
CA SER D 123 -21.07 -4.09 5.01
C SER D 123 -21.63 -5.14 4.08
N SER D 124 -20.88 -5.42 3.02
CA SER D 124 -21.30 -6.39 2.02
C SER D 124 -21.76 -7.69 2.68
N GLU D 125 -20.97 -8.24 3.61
CA GLU D 125 -21.37 -9.47 4.29
C GLU D 125 -22.62 -9.22 5.10
N GLU D 126 -22.58 -8.20 5.94
CA GLU D 126 -23.68 -7.95 6.86
C GLU D 126 -24.98 -7.60 6.15
N ILE D 127 -24.91 -6.69 5.18
CA ILE D 127 -26.11 -6.22 4.50
C ILE D 127 -26.77 -7.35 3.75
N THR D 128 -26.08 -7.92 2.76
CA THR D 128 -26.63 -9.02 1.97
C THR D 128 -27.37 -10.04 2.84
N SER D 129 -26.83 -10.31 4.03
CA SER D 129 -27.41 -11.29 4.95
C SER D 129 -28.69 -10.82 5.61
N HIS D 130 -29.01 -9.53 5.54
CA HIS D 130 -30.33 -9.03 5.94
C HIS D 130 -30.79 -7.92 5.01
N ALA D 131 -30.72 -8.22 3.71
CA ALA D 131 -30.94 -7.23 2.67
C ALA D 131 -32.28 -6.52 2.85
N ASP D 132 -33.34 -7.31 2.97
CA ASP D 132 -34.70 -6.77 3.08
C ASP D 132 -34.79 -5.70 4.15
N THR D 133 -34.54 -6.09 5.40
CA THR D 133 -34.58 -5.20 6.54
C THR D 133 -33.82 -3.91 6.26
N TYR D 134 -32.60 -4.06 5.75
CA TYR D 134 -31.72 -2.93 5.48
C TYR D 134 -32.28 -2.01 4.40
N TRP D 135 -32.51 -2.56 3.23
CA TRP D 135 -32.95 -1.76 2.09
C TRP D 135 -34.36 -1.17 2.29
N ARG D 136 -35.24 -1.88 2.98
CA ARG D 136 -36.57 -1.34 3.28
C ARG D 136 -36.43 -0.06 4.08
N MET D 137 -35.52 -0.06 5.06
CA MET D 137 -35.27 1.12 5.90
C MET D 137 -34.62 2.24 5.11
N VAL D 138 -33.72 1.88 4.19
CA VAL D 138 -33.02 2.89 3.39
C VAL D 138 -34.03 3.72 2.63
N LEU D 139 -34.97 3.04 1.98
CA LEU D 139 -36.00 3.68 1.18
C LEU D 139 -36.86 4.59 2.06
N ASP D 140 -37.26 4.08 3.23
CA ASP D 140 -38.15 4.81 4.12
C ASP D 140 -37.52 6.12 4.61
N ILE D 141 -36.23 6.11 4.87
CA ILE D 141 -35.52 7.34 5.23
C ILE D 141 -35.63 8.33 4.05
N GLY D 142 -35.41 7.83 2.83
CA GLY D 142 -35.53 8.64 1.62
C GLY D 142 -36.96 9.09 1.34
N ARG D 143 -37.92 8.23 1.64
CA ARG D 143 -39.34 8.58 1.50
C ARG D 143 -39.69 9.81 2.35
N GLN D 144 -39.32 9.76 3.62
CA GLN D 144 -39.74 10.78 4.58
C GLN D 144 -38.86 12.05 4.58
N ASN D 145 -37.92 12.17 3.65
CA ASN D 145 -37.03 13.33 3.60
C ASN D 145 -37.08 14.09 2.28
N THR D 146 -37.03 15.42 2.37
CA THR D 146 -36.93 16.29 1.21
C THR D 146 -35.54 16.14 0.62
N ILE D 147 -35.46 16.21 -0.71
CA ILE D 147 -34.18 16.01 -1.40
C ILE D 147 -33.15 17.08 -1.05
N ALA D 148 -33.61 18.30 -0.78
CA ALA D 148 -32.74 19.38 -0.32
C ALA D 148 -31.99 18.99 0.96
N ARG D 149 -32.67 18.26 1.85
CA ARG D 149 -32.05 17.81 3.10
C ARG D 149 -30.96 16.80 2.82
N ILE D 150 -31.22 15.85 1.91
CA ILE D 150 -30.25 14.80 1.61
C ILE D 150 -29.10 15.34 0.76
N LYS D 151 -29.38 16.36 -0.04
CA LYS D 151 -28.33 17.09 -0.72
C LYS D 151 -27.32 17.63 0.31
N LYS D 152 -27.82 18.21 1.40
CA LYS D 152 -26.94 18.79 2.43
C LYS D 152 -25.99 17.78 3.09
N CYS D 153 -26.30 16.50 2.98
CA CYS D 153 -25.42 15.43 3.46
C CYS D 153 -24.30 15.11 2.45
N CYS D 154 -24.14 15.95 1.42
CA CYS D 154 -23.05 15.82 0.46
C CYS D 154 -21.69 15.74 1.15
N THR D 155 -21.50 16.58 2.17
CA THR D 155 -20.22 16.67 2.88
C THR D 155 -19.75 15.33 3.47
N ILE D 156 -20.69 14.40 3.66
CA ILE D 156 -20.38 13.01 3.99
C ILE D 156 -19.38 12.45 2.99
N MET D 157 -19.74 12.49 1.71
CA MET D 157 -18.86 12.06 0.62
C MET D 157 -17.63 12.99 0.47
N GLY D 158 -17.81 14.27 0.77
CA GLY D 158 -16.76 15.28 0.61
C GLY D 158 -16.98 16.13 -0.63
N LYS D 159 -17.85 15.65 -1.52
CA LYS D 159 -18.14 16.32 -2.78
C LYS D 159 -19.07 17.52 -2.56
N THR D 160 -19.10 18.41 -3.55
CA THR D 160 -19.94 19.61 -3.51
C THR D 160 -21.40 19.23 -3.59
N GLU D 161 -22.22 19.89 -2.77
CA GLU D 161 -23.66 19.65 -2.75
C GLU D 161 -24.30 20.07 -4.07
N GLY D 162 -23.95 21.26 -4.53
CA GLY D 162 -24.70 21.96 -5.56
C GLY D 162 -24.65 21.34 -6.94
N THR D 163 -25.68 20.56 -7.26
CA THR D 163 -26.01 20.13 -8.63
C THR D 163 -24.95 19.28 -9.34
N LEU D 164 -23.92 18.86 -8.61
CA LEU D 164 -22.81 18.10 -9.18
C LEU D 164 -22.71 16.79 -8.42
N THR D 165 -23.80 16.03 -8.42
CA THR D 165 -23.83 14.76 -7.71
C THR D 165 -24.38 13.66 -8.59
N ALA D 166 -23.71 12.51 -8.55
CA ALA D 166 -24.20 11.29 -9.16
C ALA D 166 -25.38 10.81 -8.32
N ALA D 167 -25.72 9.53 -8.41
CA ALA D 167 -26.68 8.97 -7.45
C ALA D 167 -25.91 8.69 -6.17
N GLN D 168 -25.34 9.76 -5.64
CA GLN D 168 -24.63 9.72 -4.38
C GLN D 168 -25.58 10.23 -3.32
N VAL D 169 -26.83 10.47 -3.71
CA VAL D 169 -27.86 10.84 -2.76
C VAL D 169 -28.31 9.57 -2.04
N LEU D 170 -28.06 8.44 -2.67
CA LEU D 170 -28.31 7.14 -2.07
C LEU D 170 -27.32 6.83 -0.94
N TYR D 171 -26.15 7.45 -1.05
CA TYR D 171 -25.03 7.25 -0.13
C TYR D 171 -25.36 7.62 1.32
N PRO D 172 -25.85 8.85 1.56
CA PRO D 172 -26.26 9.24 2.91
C PRO D 172 -27.27 8.28 3.55
N LEU D 173 -28.20 7.81 2.73
CA LEU D 173 -29.32 7.03 3.23
C LEU D 173 -28.80 5.72 3.80
N MET D 174 -28.00 5.03 3.02
CA MET D 174 -27.36 3.80 3.48
C MET D 174 -26.56 4.06 4.74
N GLN D 175 -25.80 5.15 4.75
CA GLN D 175 -25.02 5.49 5.92
C GLN D 175 -25.93 5.70 7.11
N CYS D 176 -26.94 6.55 6.94
CA CYS D 176 -27.92 6.82 7.99
C CYS D 176 -28.59 5.54 8.50
N CYS D 177 -28.76 4.56 7.61
CA CYS D 177 -29.37 3.27 7.95
C CYS D 177 -28.43 2.39 8.76
N ASP D 178 -27.14 2.45 8.46
CA ASP D 178 -26.15 1.65 9.19
C ASP D 178 -26.26 1.90 10.69
N ILE D 179 -26.50 3.16 11.05
CA ILE D 179 -26.63 3.56 12.43
C ILE D 179 -27.69 2.71 13.14
N PHE D 180 -28.83 2.54 12.46
CA PHE D 180 -29.96 1.77 12.98
C PHE D 180 -29.78 0.29 12.72
N PHE D 181 -29.13 -0.02 11.60
CA PHE D 181 -28.82 -1.40 11.25
C PHE D 181 -27.96 -2.02 12.33
N LEU D 182 -26.87 -1.32 12.69
CA LEU D 182 -25.92 -1.79 13.70
C LEU D 182 -26.42 -1.64 15.13
N LYS D 183 -27.51 -0.90 15.33
CA LYS D 183 -27.99 -0.54 16.66
C LYS D 183 -26.85 0.15 17.45
N ALA D 184 -26.23 1.12 16.79
CA ALA D 184 -25.20 1.96 17.42
C ALA D 184 -25.82 2.82 18.49
N ASP D 185 -25.17 2.91 19.65
CA ASP D 185 -25.58 3.85 20.69
C ASP D 185 -24.89 5.20 20.48
N ILE D 186 -23.58 5.15 20.24
CA ILE D 186 -22.79 6.33 19.96
C ILE D 186 -22.32 6.29 18.51
N CYS D 187 -22.40 7.44 17.84
CA CYS D 187 -21.83 7.60 16.51
C CYS D 187 -20.52 8.35 16.62
N GLN D 188 -19.43 7.60 16.75
CA GLN D 188 -18.10 8.15 16.89
C GLN D 188 -17.50 8.23 15.50
N LEU D 189 -17.68 9.39 14.85
CA LEU D 189 -17.19 9.61 13.49
C LEU D 189 -16.63 11.02 13.32
N GLY D 190 -16.11 11.30 12.13
CA GLY D 190 -15.58 12.63 11.83
C GLY D 190 -16.60 13.75 12.00
N LEU D 191 -16.09 14.95 12.29
CA LEU D 191 -16.93 16.13 12.36
C LEU D 191 -17.62 16.34 11.02
N ASP D 192 -16.87 16.16 9.93
CA ASP D 192 -17.42 16.35 8.58
C ASP D 192 -18.44 15.27 8.18
N GLN D 193 -18.56 14.21 8.97
CA GLN D 193 -19.66 13.25 8.81
C GLN D 193 -20.97 13.69 9.48
N ARG D 194 -20.88 14.63 10.42
CA ARG D 194 -21.98 14.94 11.36
C ARG D 194 -23.41 15.06 10.79
N LYS D 195 -23.54 15.60 9.58
CA LYS D 195 -24.87 15.86 9.01
C LYS D 195 -25.65 14.59 8.67
N VAL D 196 -24.96 13.48 8.46
CA VAL D 196 -25.62 12.19 8.25
C VAL D 196 -26.07 11.61 9.59
N ASN D 197 -25.33 11.90 10.65
CA ASN D 197 -25.69 11.48 12.01
C ASN D 197 -26.89 12.23 12.56
N MET D 198 -26.94 13.54 12.32
CA MET D 198 -28.12 14.34 12.69
C MET D 198 -29.36 13.88 11.93
N LEU D 199 -29.19 13.56 10.65
CA LEU D 199 -30.25 13.00 9.82
C LEU D 199 -30.79 11.71 10.43
N ALA D 200 -29.92 10.94 11.08
CA ALA D 200 -30.37 9.77 11.83
C ALA D 200 -31.23 10.19 13.01
N ARG D 201 -30.71 11.10 13.83
CA ARG D 201 -31.48 11.64 14.97
C ARG D 201 -32.83 12.19 14.51
N GLU D 202 -32.82 12.89 13.38
CA GLU D 202 -34.05 13.42 12.82
C GLU D 202 -35.02 12.31 12.40
N TYR D 203 -34.48 11.13 12.09
CA TYR D 203 -35.31 10.01 11.63
C TYR D 203 -35.91 9.26 12.82
N CYS D 204 -35.24 9.29 13.97
CA CYS D 204 -35.83 8.76 15.19
C CYS D 204 -37.14 9.49 15.52
N ASP D 205 -37.19 10.79 15.26
CA ASP D 205 -38.41 11.59 15.44
C ASP D 205 -39.53 11.21 14.47
N LEU D 206 -39.15 10.88 13.24
CA LEU D 206 -40.12 10.61 12.16
C LEU D 206 -40.81 9.25 12.30
N ILE D 207 -40.11 8.25 12.84
CA ILE D 207 -40.77 6.98 13.17
C ILE D 207 -41.48 7.11 14.50
N GLY D 208 -40.83 7.77 15.46
CA GLY D 208 -41.40 7.99 16.80
C GLY D 208 -40.60 7.35 17.92
N ARG D 209 -39.35 7.01 17.65
CA ARG D 209 -38.51 6.37 18.64
C ARG D 209 -37.90 7.47 19.53
N LYS D 210 -38.03 7.32 20.84
CA LYS D 210 -37.50 8.34 21.76
C LYS D 210 -36.00 8.21 21.99
N LEU D 211 -35.46 6.99 21.84
CA LEU D 211 -34.06 6.72 22.20
C LEU D 211 -33.11 6.95 21.03
N LYS D 212 -32.52 8.13 21.00
CA LYS D 212 -31.68 8.56 19.88
C LYS D 212 -30.25 8.06 20.01
N PRO D 213 -29.51 8.03 18.90
CA PRO D 213 -28.09 7.74 18.95
C PRO D 213 -27.28 8.97 19.32
N VAL D 214 -26.39 8.87 20.31
CA VAL D 214 -25.52 10.00 20.67
C VAL D 214 -24.45 10.20 19.61
N ILE D 215 -24.26 11.43 19.16
CA ILE D 215 -23.23 11.77 18.17
C ILE D 215 -22.01 12.34 18.89
N LEU D 216 -20.91 11.60 18.83
CA LEU D 216 -19.67 11.95 19.53
C LEU D 216 -18.53 12.21 18.54
N SER D 217 -18.70 13.21 17.70
CA SER D 217 -17.79 13.44 16.57
C SER D 217 -16.37 13.83 17.00
N HIS D 218 -15.37 13.14 16.45
CA HIS D 218 -13.98 13.49 16.74
C HIS D 218 -13.50 14.66 15.88
N HIS D 219 -12.29 15.13 16.18
CA HIS D 219 -11.70 16.31 15.55
C HIS D 219 -10.98 15.96 14.26
N MET D 220 -11.24 16.72 13.19
CA MET D 220 -10.57 16.52 11.91
C MET D 220 -9.18 17.14 11.95
N LEU D 221 -8.15 16.29 11.90
CA LEU D 221 -6.75 16.73 11.94
C LEU D 221 -6.42 17.65 10.75
N ALA D 222 -5.59 18.65 11.00
CA ALA D 222 -5.29 19.66 9.99
C ALA D 222 -4.28 19.18 8.95
N GLY D 223 -4.29 19.83 7.79
CA GLY D 223 -3.29 19.58 6.75
C GLY D 223 -1.95 20.22 7.09
N LEU D 224 -0.87 19.60 6.63
CA LEU D 224 0.49 20.01 7.01
C LEU D 224 0.95 21.31 6.34
N LYS D 225 0.49 21.58 5.12
CA LYS D 225 0.82 22.82 4.42
C LYS D 225 -0.27 23.86 4.63
N GLN D 226 -0.01 25.09 4.19
CA GLN D 226 -0.93 26.20 4.39
C GLN D 226 -2.16 26.08 3.49
N GLY D 227 -3.27 26.65 3.93
CA GLY D 227 -4.48 26.73 3.13
C GLY D 227 -5.20 25.39 2.92
N GLN D 228 -4.88 24.40 3.74
CA GLN D 228 -5.53 23.09 3.68
C GLN D 228 -5.90 22.60 5.08
N ALA D 229 -7.19 22.58 5.36
CA ALA D 229 -7.71 22.27 6.70
C ALA D 229 -7.80 20.77 6.98
N LYS D 230 -7.86 19.98 5.92
CA LYS D 230 -7.97 18.53 6.03
C LYS D 230 -6.87 17.90 5.20
N MET D 231 -6.52 16.64 5.51
CA MET D 231 -5.51 15.93 4.72
C MET D 231 -6.05 15.69 3.31
N SER D 232 -5.22 15.97 2.31
CA SER D 232 -5.65 16.04 0.91
C SER D 232 -5.22 14.82 0.10
N LYS D 233 -6.17 14.26 -0.65
CA LYS D 233 -5.87 13.16 -1.57
C LYS D 233 -4.87 13.59 -2.65
N SER D 234 -5.06 14.80 -3.17
CA SER D 234 -4.24 15.31 -4.27
C SER D 234 -2.81 15.72 -3.87
N ASP D 235 -2.57 15.92 -2.58
CA ASP D 235 -1.23 16.27 -2.10
C ASP D 235 -0.73 15.22 -1.09
N PRO D 236 0.15 14.30 -1.54
CA PRO D 236 0.66 13.26 -0.65
C PRO D 236 1.37 13.79 0.59
N ASP D 237 2.01 14.95 0.47
CA ASP D 237 2.75 15.57 1.57
C ASP D 237 1.84 16.31 2.57
N SER D 238 0.53 16.30 2.34
CA SER D 238 -0.42 17.00 3.22
C SER D 238 -0.68 16.33 4.57
N ALA D 239 -0.27 15.07 4.71
CA ALA D 239 -0.40 14.35 5.98
C ALA D 239 0.56 13.16 6.04
N ILE D 240 0.71 12.60 7.23
CA ILE D 240 1.57 11.43 7.42
C ILE D 240 0.77 10.17 7.13
N PHE D 241 1.41 9.19 6.50
CA PHE D 241 0.83 7.87 6.30
C PHE D 241 1.56 6.84 7.15
N MET D 242 0.88 5.76 7.48
CA MET D 242 1.39 4.76 8.43
C MET D 242 2.60 4.01 7.89
N GLU D 243 2.68 3.90 6.57
CA GLU D 243 3.78 3.21 5.89
C GLU D 243 5.04 4.06 5.73
N ASP D 244 4.89 5.38 5.72
CA ASP D 244 6.01 6.31 5.48
C ASP D 244 7.26 5.99 6.28
N THR D 245 8.39 5.79 5.59
CA THR D 245 9.67 5.51 6.26
C THR D 245 10.15 6.73 7.04
N GLU D 246 10.93 6.50 8.09
CA GLU D 246 11.32 7.58 9.01
C GLU D 246 11.97 8.79 8.31
N GLU D 247 12.58 8.56 7.16
CA GLU D 247 13.11 9.64 6.33
C GLU D 247 11.98 10.45 5.68
N ASP D 248 10.92 9.77 5.27
CA ASP D 248 9.74 10.44 4.72
C ASP D 248 9.03 11.26 5.80
N VAL D 249 8.96 10.72 7.02
CA VAL D 249 8.31 11.40 8.14
C VAL D 249 8.95 12.75 8.42
N ALA D 250 10.26 12.72 8.61
CA ALA D 250 11.04 13.94 8.88
C ALA D 250 10.79 15.00 7.80
N ARG D 251 10.83 14.57 6.54
CA ARG D 251 10.66 15.46 5.40
C ARG D 251 9.37 16.26 5.49
N LYS D 252 8.25 15.56 5.66
CA LYS D 252 6.93 16.19 5.66
C LYS D 252 6.75 17.19 6.80
N ILE D 253 7.32 16.87 7.95
CA ILE D 253 7.22 17.74 9.13
C ILE D 253 8.10 18.98 8.99
N ARG D 254 9.29 18.81 8.41
CA ARG D 254 10.25 19.93 8.29
C ARG D 254 9.68 21.07 7.46
N GLN D 255 8.98 20.70 6.38
CA GLN D 255 8.31 21.68 5.51
C GLN D 255 6.87 21.92 5.95
N ALA D 256 6.56 21.62 7.21
CA ALA D 256 5.21 21.75 7.74
C ALA D 256 4.93 23.19 8.15
N TYR D 257 3.84 23.74 7.63
CA TYR D 257 3.36 25.07 8.02
C TYR D 257 3.19 25.12 9.53
N CYS D 258 3.71 26.18 10.17
CA CYS D 258 3.72 26.26 11.63
C CYS D 258 3.77 27.70 12.14
N PRO D 259 2.60 28.35 12.28
CA PRO D 259 2.49 29.68 12.88
C PRO D 259 2.79 29.71 14.37
N ARG D 260 3.51 30.74 14.80
CA ARG D 260 3.76 30.99 16.23
C ARG D 260 2.56 31.75 16.80
N VAL D 261 1.47 31.02 16.98
CA VAL D 261 0.24 31.58 17.53
C VAL D 261 -0.44 30.54 18.39
N LYS D 262 -1.03 30.97 19.51
CA LYS D 262 -1.70 30.09 20.44
C LYS D 262 -3.01 29.57 19.84
N GLN D 263 -3.20 28.25 19.88
CA GLN D 263 -4.38 27.59 19.29
C GLN D 263 -5.58 27.64 20.23
N SER D 264 -6.73 28.04 19.70
CA SER D 264 -8.00 27.88 20.39
C SER D 264 -8.81 26.83 19.66
N ALA D 265 -10.01 26.57 20.14
CA ALA D 265 -10.95 25.68 19.46
C ALA D 265 -11.68 26.47 18.37
N SER D 266 -11.87 25.84 17.21
CA SER D 266 -12.56 26.47 16.08
C SER D 266 -14.08 26.24 16.17
N ALA D 267 -14.85 27.33 16.09
CA ALA D 267 -16.31 27.30 16.19
C ALA D 267 -16.90 26.30 15.18
N ILE D 268 -17.72 25.39 15.68
CA ILE D 268 -18.21 24.26 14.89
C ILE D 268 -19.24 24.68 13.85
N THR D 269 -18.89 24.50 12.58
CA THR D 269 -19.78 24.86 11.49
C THR D 269 -20.91 23.84 11.36
N ASP D 270 -22.00 24.29 10.76
CA ASP D 270 -23.19 23.46 10.51
C ASP D 270 -22.81 22.30 9.60
N ASP D 271 -22.02 22.62 8.59
CA ASP D 271 -21.51 21.64 7.63
C ASP D 271 -20.70 20.51 8.28
N GLY D 272 -19.91 20.88 9.28
CA GLY D 272 -18.91 19.99 9.86
C GLY D 272 -17.56 20.13 9.16
N ALA D 273 -17.49 21.02 8.17
CA ALA D 273 -16.29 21.21 7.37
C ALA D 273 -15.19 21.90 8.16
N PRO D 274 -14.02 21.24 8.31
CA PRO D 274 -12.88 21.93 8.91
C PRO D 274 -12.38 23.05 8.01
N VAL D 275 -12.24 24.24 8.57
CA VAL D 275 -11.84 25.43 7.82
C VAL D 275 -10.44 25.87 8.22
N ALA D 276 -9.52 25.88 7.25
CA ALA D 276 -8.14 26.28 7.51
C ALA D 276 -8.08 27.78 7.71
N THR D 277 -7.55 28.20 8.85
CA THR D 277 -7.22 29.60 9.08
C THR D 277 -5.71 29.72 9.22
N ASP D 278 -5.20 30.92 9.06
CA ASP D 278 -3.76 31.17 9.22
C ASP D 278 -3.28 30.94 10.66
N ASP D 279 -4.22 30.87 11.60
CA ASP D 279 -3.90 30.63 13.01
C ASP D 279 -3.81 29.15 13.39
N ARG D 280 -4.34 28.26 12.57
CA ARG D 280 -4.29 26.83 12.89
C ARG D 280 -2.93 26.24 12.55
N ASN D 281 -2.30 25.59 13.52
CA ASN D 281 -0.94 25.07 13.40
C ASN D 281 -0.96 23.53 13.45
N PRO D 282 -0.81 22.88 12.28
CA PRO D 282 -0.86 21.41 12.27
C PRO D 282 0.16 20.76 13.20
N VAL D 283 1.37 21.30 13.25
CA VAL D 283 2.43 20.75 14.10
C VAL D 283 1.92 20.62 15.53
N LEU D 284 1.38 21.72 16.07
CA LEU D 284 0.77 21.72 17.40
C LEU D 284 -0.43 20.78 17.44
N ASP D 285 -1.24 20.83 16.40
CA ASP D 285 -2.45 20.01 16.32
C ASP D 285 -2.10 18.53 16.28
N TYR D 286 -1.01 18.20 15.59
CA TYR D 286 -0.51 16.82 15.56
C TYR D 286 -0.14 16.38 16.97
N PHE D 287 0.54 17.27 17.69
CA PHE D 287 0.87 17.02 19.10
C PHE D 287 -0.39 16.78 19.93
N GLN D 288 -1.37 17.67 19.77
CA GLN D 288 -2.55 17.65 20.62
C GLN D 288 -3.34 16.34 20.53
N CYS D 289 -3.44 15.79 19.32
CA CYS D 289 -4.25 14.60 19.06
C CYS D 289 -3.46 13.29 19.14
N VAL D 290 -2.18 13.33 18.80
CA VAL D 290 -1.38 12.12 18.67
C VAL D 290 -0.50 11.80 19.88
N VAL D 291 0.10 12.84 20.47
CA VAL D 291 1.05 12.66 21.58
C VAL D 291 0.38 12.85 22.94
N TYR D 292 -0.20 14.03 23.17
CA TYR D 292 -0.79 14.37 24.47
C TYR D 292 -2.15 13.73 24.70
N ALA D 293 -2.90 13.45 23.63
CA ALA D 293 -4.18 12.76 23.76
C ALA D 293 -4.00 11.34 24.29
N ARG D 294 -2.83 10.75 24.06
CA ARG D 294 -2.48 9.45 24.65
C ARG D 294 -2.27 9.64 26.16
N PRO D 295 -2.94 8.80 26.99
CA PRO D 295 -3.21 9.13 28.40
C PRO D 295 -1.99 9.50 29.24
N GLY D 296 -0.96 8.64 29.25
CA GLY D 296 0.22 8.85 30.10
C GLY D 296 1.40 9.47 29.38
N ALA D 297 1.17 9.96 28.17
CA ALA D 297 2.24 10.46 27.32
C ALA D 297 2.50 11.94 27.53
N ALA D 298 3.75 12.33 27.28
CA ALA D 298 4.16 13.73 27.23
C ALA D 298 5.46 13.82 26.43
N ALA D 299 5.76 15.00 25.90
CA ALA D 299 6.96 15.20 25.06
C ALA D 299 8.22 15.48 25.90
N THR D 300 9.38 15.47 25.23
CA THR D 300 10.66 15.81 25.87
C THR D 300 11.51 16.67 24.94
N ILE D 301 12.02 17.79 25.46
CA ILE D 301 12.94 18.67 24.72
C ILE D 301 13.95 19.32 25.69
N ASP D 302 15.21 19.37 25.29
CA ASP D 302 16.28 19.97 26.11
C ASP D 302 16.19 19.47 27.56
N GLY D 303 16.04 18.16 27.71
CA GLY D 303 15.90 17.56 29.03
C GLY D 303 14.51 17.74 29.63
N THR D 304 14.06 18.99 29.72
CA THR D 304 12.77 19.32 30.34
C THR D 304 11.62 18.58 29.65
N THR D 305 10.67 18.08 30.44
CA THR D 305 9.51 17.37 29.92
C THR D 305 8.26 18.14 30.27
N TYR D 306 7.44 18.42 29.25
CA TYR D 306 6.20 19.16 29.42
C TYR D 306 5.02 18.22 29.67
N ALA D 307 4.41 18.32 30.84
CA ALA D 307 3.36 17.40 31.26
C ALA D 307 2.09 17.50 30.40
N THR D 308 1.70 18.72 30.07
CA THR D 308 0.48 18.97 29.28
C THR D 308 0.80 19.60 27.93
N TYR D 309 -0.19 19.58 27.03
CA TYR D 309 -0.07 20.26 25.74
C TYR D 309 0.20 21.76 25.93
N GLU D 310 -0.61 22.39 26.78
CA GLU D 310 -0.52 23.85 27.03
C GLU D 310 0.89 24.27 27.37
N ASP D 311 1.53 23.50 28.26
CA ASP D 311 2.89 23.81 28.72
C ASP D 311 3.90 23.77 27.58
N LEU D 312 3.65 22.91 26.59
CA LEU D 312 4.47 22.88 25.39
C LEU D 312 4.14 24.08 24.50
N GLU D 313 2.84 24.40 24.36
CA GLU D 313 2.41 25.58 23.61
C GLU D 313 2.95 26.86 24.25
N GLN D 314 2.84 26.92 25.57
CA GLN D 314 3.38 28.03 26.35
C GLN D 314 4.84 28.30 26.00
N ALA D 315 5.64 27.24 25.98
CA ALA D 315 7.08 27.34 25.70
C ALA D 315 7.36 27.82 24.28
N PHE D 316 6.59 27.31 23.31
CA PHE D 316 6.80 27.62 21.89
C PHE D 316 6.51 29.09 21.57
N VAL D 317 5.37 29.59 22.02
CA VAL D 317 4.99 30.98 21.78
C VAL D 317 5.87 31.94 22.57
N SER D 318 6.28 31.51 23.78
CA SER D 318 7.27 32.24 24.58
C SER D 318 8.63 32.27 23.89
N ASP D 319 8.92 31.22 23.12
CA ASP D 319 10.16 31.06 22.36
C ASP D 319 11.27 30.38 23.19
N GLU D 320 10.87 29.59 24.18
CA GLU D 320 11.81 28.76 24.94
C GLU D 320 12.28 27.59 24.08
N VAL D 321 11.33 26.95 23.40
CA VAL D 321 11.61 25.88 22.44
C VAL D 321 11.48 26.40 21.01
N SER D 322 12.48 26.09 20.20
CA SER D 322 12.54 26.60 18.83
C SER D 322 11.57 25.85 17.93
N GLU D 323 11.34 26.40 16.74
CA GLU D 323 10.52 25.76 15.72
C GLU D 323 11.15 24.43 15.28
N ASP D 324 12.47 24.45 15.13
CA ASP D 324 13.26 23.27 14.75
C ASP D 324 13.18 22.18 15.83
N ALA D 325 13.35 22.60 17.09
CA ALA D 325 13.30 21.69 18.24
C ALA D 325 11.89 21.13 18.47
N LEU D 326 10.86 21.92 18.15
CA LEU D 326 9.48 21.46 18.23
C LEU D 326 9.23 20.36 17.20
N LYS D 327 9.57 20.65 15.95
CA LYS D 327 9.41 19.68 14.86
C LYS D 327 10.24 18.42 15.12
N SER D 328 11.50 18.60 15.51
CA SER D 328 12.39 17.48 15.85
C SER D 328 11.81 16.57 16.94
N CYS D 329 11.22 17.18 17.97
CA CYS D 329 10.53 16.43 19.01
C CYS D 329 9.36 15.66 18.41
N LEU D 330 8.61 16.32 17.53
CA LEU D 330 7.48 15.70 16.86
C LEU D 330 7.90 14.53 15.99
N ILE D 331 8.91 14.75 15.16
CA ILE D 331 9.38 13.72 14.24
C ILE D 331 9.88 12.51 15.02
N ASP D 332 10.70 12.77 16.04
CA ASP D 332 11.22 11.70 16.90
C ASP D 332 10.12 11.02 17.70
N GLU D 333 9.03 11.75 17.97
CA GLU D 333 7.86 11.19 18.68
C GLU D 333 6.95 10.37 17.75
N VAL D 334 6.74 10.86 16.54
CA VAL D 334 5.94 10.14 15.55
C VAL D 334 6.65 8.86 15.15
N ASN D 335 7.90 8.99 14.71
CA ASN D 335 8.72 7.82 14.34
C ASN D 335 8.70 6.72 15.41
N ALA D 336 8.71 7.13 16.67
CA ALA D 336 8.61 6.19 17.79
C ALA D 336 7.31 5.38 17.74
N LEU D 337 6.20 6.05 17.45
CA LEU D 337 4.90 5.39 17.40
C LEU D 337 4.73 4.45 16.20
N LEU D 338 5.35 4.80 15.08
CA LEU D 338 5.16 4.04 13.82
C LEU D 338 6.08 2.83 13.66
N GLU D 339 7.26 2.88 14.29
CA GLU D 339 8.28 1.82 14.19
C GLU D 339 7.82 0.40 14.56
N PRO D 340 6.89 0.27 15.53
CA PRO D 340 6.27 -1.03 15.78
C PRO D 340 5.52 -1.56 14.56
N VAL D 341 4.57 -0.78 14.05
CA VAL D 341 3.76 -1.15 12.88
C VAL D 341 4.63 -1.58 11.70
N ARG D 342 5.71 -0.84 11.46
CA ARG D 342 6.65 -1.17 10.39
C ARG D 342 7.24 -2.55 10.61
N GLN D 343 7.75 -2.80 11.81
CA GLN D 343 8.37 -4.08 12.15
C GLN D 343 7.36 -5.22 12.06
N HIS D 344 6.14 -4.97 12.52
CA HIS D 344 5.05 -5.93 12.38
C HIS D 344 4.72 -6.19 10.91
N PHE D 345 5.00 -5.22 10.05
CA PHE D 345 4.89 -5.41 8.60
C PHE D 345 6.13 -6.07 8.01
N ALA D 346 7.30 -5.66 8.48
CA ALA D 346 8.54 -6.28 8.03
C ALA D 346 8.53 -7.78 8.34
N SER D 347 8.06 -8.14 9.54
CA SER D 347 8.17 -9.52 10.03
C SER D 347 6.98 -10.40 9.61
N ASN D 348 5.76 -9.94 9.88
CA ASN D 348 4.55 -10.71 9.55
C ASN D 348 4.41 -10.90 8.04
N GLU D 349 4.80 -12.08 7.56
CA GLU D 349 4.84 -12.38 6.13
C GLU D 349 3.53 -12.00 5.45
N GLU D 350 2.44 -12.65 5.87
CA GLU D 350 1.12 -12.44 5.28
C GLU D 350 0.70 -10.97 5.31
N ALA D 351 1.14 -10.25 6.34
CA ALA D 351 0.91 -8.81 6.43
C ALA D 351 1.68 -8.08 5.34
N HIS D 352 2.99 -8.33 5.27
CA HIS D 352 3.83 -7.70 4.23
C HIS D 352 3.19 -7.86 2.85
N GLU D 353 2.75 -9.07 2.55
CA GLU D 353 2.13 -9.38 1.26
C GLU D 353 0.87 -8.56 1.03
N LEU D 354 0.14 -8.24 2.09
CA LEU D 354 -0.99 -7.31 2.00
C LEU D 354 -0.49 -5.93 1.57
N LEU D 355 0.54 -5.43 2.23
CA LEU D 355 1.09 -4.11 1.90
C LEU D 355 1.73 -4.10 0.52
N GLU D 356 2.34 -5.23 0.13
CA GLU D 356 2.82 -5.40 -1.24
C GLU D 356 1.63 -5.54 -2.17
N ALA D 357 0.55 -6.15 -1.69
CA ALA D 357 -0.71 -6.16 -2.42
C ALA D 357 -1.26 -4.75 -2.55
N VAL D 358 -1.21 -3.97 -1.47
CA VAL D 358 -1.69 -2.59 -1.50
C VAL D 358 -0.70 -1.69 -2.24
N LYS D 359 0.59 -2.01 -2.12
CA LYS D 359 1.60 -1.37 -2.95
C LYS D 359 1.36 -1.72 -4.42
N SER D 360 0.87 -2.93 -4.69
CA SER D 360 0.62 -3.35 -6.07
C SER D 360 -0.56 -2.60 -6.70
N TYR D 361 -1.47 -2.12 -5.86
CA TYR D 361 -2.52 -1.21 -6.34
C TYR D 361 -1.87 0.12 -6.73
N ARG D 362 -1.36 0.86 -5.73
CA ARG D 362 -0.68 2.15 -5.96
C ARG D 362 -0.85 2.70 -7.38
N ALA D 374 -20.54 -1.25 -16.77
CA ALA D 374 -21.30 -2.45 -16.46
C ALA D 374 -22.69 -2.42 -17.11
N LEU D 375 -22.84 -3.08 -18.26
CA LEU D 375 -24.12 -3.10 -19.00
C LEU D 375 -24.45 -4.46 -19.64
N PRO D 376 -25.60 -5.08 -19.27
CA PRO D 376 -26.05 -6.36 -19.84
C PRO D 376 -26.70 -6.29 -21.23
N ALA D 377 -26.92 -7.47 -21.81
CA ALA D 377 -27.27 -7.64 -23.25
C ALA D 377 -28.78 -7.66 -23.55
N ALA D 378 -29.11 -7.79 -24.84
CA ALA D 378 -30.49 -7.70 -25.33
C ALA D 378 -31.24 -9.03 -25.27
N PRO D 379 -32.58 -8.98 -25.35
CA PRO D 379 -33.41 -10.18 -25.32
C PRO D 379 -33.72 -10.77 -26.69
N ALA D 380 -33.29 -12.01 -26.92
CA ALA D 380 -33.48 -12.69 -28.21
C ALA D 380 -34.90 -12.53 -28.74
N LYS D 381 -35.87 -12.66 -27.84
CA LYS D 381 -37.26 -12.39 -28.16
C LYS D 381 -37.72 -11.11 -27.46
N PRO D 382 -38.66 -10.38 -28.08
CA PRO D 382 -39.23 -9.19 -27.44
C PRO D 382 -39.83 -9.48 -26.08
N HIS D 383 -39.83 -8.48 -25.20
CA HIS D 383 -40.36 -8.61 -23.85
C HIS D 383 -40.76 -7.24 -23.29
N ALA D 384 -42.07 -7.01 -23.25
CA ALA D 384 -42.63 -5.75 -22.77
C ALA D 384 -42.63 -5.68 -21.24
N CYS D 385 -42.87 -4.47 -20.72
CA CYS D 385 -42.80 -4.23 -19.28
C CYS D 385 -43.69 -3.04 -18.92
N MET D 386 -44.60 -3.25 -17.98
CA MET D 386 -45.57 -2.24 -17.56
C MET D 386 -45.62 -2.23 -16.06
N TRP D 387 -45.69 -1.04 -15.46
CA TRP D 387 -45.76 -0.91 -14.00
C TRP D 387 -47.17 -0.56 -13.55
N MET D 388 -47.73 -1.39 -12.67
CA MET D 388 -49.05 -1.16 -12.12
C MET D 388 -49.05 0.13 -11.30
N PRO D 389 -50.07 0.99 -11.51
CA PRO D 389 -50.16 2.22 -10.74
C PRO D 389 -50.40 1.98 -9.27
N ALA D 390 -49.61 2.64 -8.43
CA ALA D 390 -49.81 2.56 -6.98
C ALA D 390 -50.87 3.57 -6.57
N LEU D 391 -52.11 3.31 -7.01
CA LEU D 391 -53.24 4.18 -6.74
C LEU D 391 -54.35 3.38 -6.08
N LEU D 392 -54.99 4.02 -5.10
CA LEU D 392 -56.07 3.41 -4.33
C LEU D 392 -57.24 3.10 -5.26
N LYS D 393 -57.65 4.11 -6.03
CA LYS D 393 -58.63 3.92 -7.09
C LYS D 393 -57.97 4.15 -8.44
N VAL D 394 -58.05 3.14 -9.31
CA VAL D 394 -57.45 3.16 -10.63
C VAL D 394 -58.52 3.54 -11.65
N PRO D 395 -58.36 4.68 -12.34
CA PRO D 395 -59.35 5.15 -13.31
C PRO D 395 -59.54 4.23 -14.51
N LEU D 396 -60.79 3.89 -14.80
CA LEU D 396 -61.12 2.95 -15.87
C LEU D 396 -60.36 3.29 -17.16
N ASP D 397 -60.21 4.58 -17.44
CA ASP D 397 -59.50 5.06 -18.65
C ASP D 397 -58.08 4.52 -18.71
N VAL D 398 -57.38 4.63 -17.59
CA VAL D 398 -56.05 4.07 -17.46
C VAL D 398 -56.16 2.56 -17.62
N ALA D 399 -57.13 1.98 -16.93
CA ALA D 399 -57.31 0.52 -16.91
C ALA D 399 -57.40 -0.06 -18.32
N GLU D 400 -58.31 0.49 -19.13
CA GLU D 400 -58.49 0.03 -20.50
C GLU D 400 -57.23 0.27 -21.33
N GLY D 401 -56.61 1.42 -21.11
CA GLY D 401 -55.36 1.78 -21.78
C GLY D 401 -54.33 0.68 -21.61
N MET D 402 -54.13 0.26 -20.36
CA MET D 402 -53.19 -0.81 -20.04
C MET D 402 -53.55 -2.14 -20.73
N ILE D 403 -54.84 -2.48 -20.73
CA ILE D 403 -55.31 -3.67 -21.41
C ILE D 403 -55.09 -3.58 -22.92
N LYS D 404 -55.46 -2.45 -23.52
CA LYS D 404 -55.34 -2.27 -24.97
C LYS D 404 -53.90 -2.37 -25.45
N VAL D 405 -52.98 -1.75 -24.73
CA VAL D 405 -51.56 -1.80 -25.06
C VAL D 405 -51.06 -3.24 -25.05
N THR D 406 -51.36 -3.96 -23.97
CA THR D 406 -50.96 -5.36 -23.84
C THR D 406 -51.49 -6.22 -24.98
N LYS D 407 -52.73 -5.94 -25.41
CA LYS D 407 -53.34 -6.64 -26.53
C LYS D 407 -52.65 -6.28 -27.85
N ASP D 408 -52.52 -4.98 -28.09
CA ASP D 408 -51.86 -4.46 -29.30
C ASP D 408 -50.43 -4.97 -29.43
N PHE D 409 -49.75 -5.15 -28.30
CA PHE D 409 -48.36 -5.59 -28.29
C PHE D 409 -48.25 -7.04 -28.76
N ILE D 410 -49.01 -7.93 -28.14
CA ILE D 410 -48.96 -9.35 -28.46
C ILE D 410 -49.44 -9.62 -29.89
N ALA D 411 -50.34 -8.76 -30.38
CA ALA D 411 -50.72 -8.79 -31.79
C ALA D 411 -49.51 -8.54 -32.68
N ALA D 412 -48.76 -7.49 -32.36
CA ALA D 412 -47.58 -7.10 -33.15
C ALA D 412 -46.33 -7.94 -32.87
N HIS D 413 -46.31 -8.69 -31.75
CA HIS D 413 -45.17 -9.56 -31.41
C HIS D 413 -45.64 -10.89 -30.78
N PRO D 414 -46.26 -11.79 -31.58
CA PRO D 414 -46.82 -13.03 -31.01
C PRO D 414 -45.79 -13.93 -30.33
N GLU D 415 -44.55 -13.88 -30.81
CA GLU D 415 -43.44 -14.62 -30.20
C GLU D 415 -42.95 -13.99 -28.89
N GLY D 416 -43.27 -12.72 -28.66
CA GLY D 416 -42.83 -11.98 -27.48
C GLY D 416 -43.69 -12.14 -26.24
N THR D 417 -43.28 -11.47 -25.17
CA THR D 417 -43.90 -11.60 -23.84
C THR D 417 -44.23 -10.24 -23.23
N VAL D 418 -45.21 -10.21 -22.32
CA VAL D 418 -45.49 -9.02 -21.51
C VAL D 418 -45.35 -9.37 -20.03
N THR D 419 -44.99 -8.39 -19.22
CA THR D 419 -44.88 -8.59 -17.76
C THR D 419 -45.35 -7.36 -16.98
N LEU D 420 -46.34 -7.55 -16.11
CA LEU D 420 -46.83 -6.47 -15.26
C LEU D 420 -46.10 -6.49 -13.94
N VAL D 421 -45.51 -5.36 -13.58
CA VAL D 421 -44.82 -5.23 -12.30
C VAL D 421 -45.74 -4.58 -11.25
N LEU D 422 -45.76 -5.14 -10.05
CA LEU D 422 -46.44 -4.52 -8.93
C LEU D 422 -45.38 -3.90 -8.03
N PRO D 423 -45.20 -2.57 -8.11
CA PRO D 423 -44.06 -1.95 -7.47
C PRO D 423 -44.25 -1.81 -5.97
N ASP D 424 -44.17 -2.93 -5.27
CA ASP D 424 -44.40 -2.96 -3.81
C ASP D 424 -43.21 -2.48 -2.96
N TRP D 425 -42.12 -2.08 -3.61
CA TRP D 425 -40.99 -1.43 -2.92
C TRP D 425 -40.84 0.02 -3.36
N SER D 426 -40.65 0.23 -4.66
CA SER D 426 -40.47 1.57 -5.23
C SER D 426 -41.66 2.52 -5.00
N ALA D 427 -42.86 1.97 -4.89
CA ALA D 427 -44.03 2.78 -4.58
C ALA D 427 -43.99 3.32 -3.16
N VAL D 428 -43.57 2.47 -2.21
CA VAL D 428 -43.43 2.92 -0.81
C VAL D 428 -42.37 4.01 -0.74
N ALA D 429 -41.31 3.87 -1.52
CA ALA D 429 -40.23 4.84 -1.55
C ALA D 429 -40.73 6.23 -1.93
N SER D 430 -41.51 6.30 -3.01
CA SER D 430 -41.99 7.58 -3.56
C SER D 430 -43.11 8.26 -2.73
N ASP D 431 -43.59 7.58 -1.69
CA ASP D 431 -44.61 8.11 -0.78
C ASP D 431 -45.98 8.17 -1.44
N GLU D 432 -46.29 7.13 -2.19
CA GLU D 432 -47.57 7.03 -2.87
C GLU D 432 -48.61 6.54 -1.85
N ILE D 433 -49.85 7.00 -2.01
CA ILE D 433 -50.92 6.66 -1.10
C ILE D 433 -50.44 7.10 0.29
N THR D 434 -50.64 6.28 1.32
CA THR D 434 -50.21 6.61 2.67
C THR D 434 -48.71 6.61 2.78
N GLY D 435 -48.07 5.82 1.91
CA GLY D 435 -46.62 5.61 1.96
C GLY D 435 -46.29 4.52 2.97
N VAL D 436 -47.17 3.53 3.06
CA VAL D 436 -46.98 2.40 3.97
C VAL D 436 -47.04 1.09 3.18
N GLU D 437 -46.20 0.14 3.58
CA GLU D 437 -46.03 -1.11 2.84
C GLU D 437 -47.31 -1.91 2.72
N LYS D 438 -47.98 -2.15 3.86
CA LYS D 438 -49.17 -2.98 3.87
C LYS D 438 -50.28 -2.39 2.99
N ASP D 439 -50.46 -1.08 3.07
CA ASP D 439 -51.49 -0.38 2.30
C ASP D 439 -51.25 -0.53 0.78
N ILE D 440 -49.99 -0.36 0.40
CA ILE D 440 -49.59 -0.35 -0.99
C ILE D 440 -49.62 -1.75 -1.56
N SER D 441 -49.24 -2.75 -0.77
CA SER D 441 -49.29 -4.13 -1.26
C SER D 441 -50.75 -4.54 -1.48
N ALA D 442 -51.62 -4.14 -0.55
CA ALA D 442 -53.07 -4.37 -0.69
C ALA D 442 -53.68 -3.53 -1.82
N ALA D 443 -53.23 -2.29 -1.95
CA ALA D 443 -53.67 -1.40 -3.04
C ALA D 443 -53.40 -2.02 -4.40
N LEU D 444 -52.25 -2.67 -4.53
CA LEU D 444 -51.86 -3.24 -5.79
C LEU D 444 -52.50 -4.59 -6.05
N GLN D 445 -52.51 -5.50 -5.08
CA GLN D 445 -53.05 -6.84 -5.34
C GLN D 445 -54.55 -6.81 -5.69
N VAL D 446 -55.27 -5.88 -5.09
CA VAL D 446 -56.68 -5.68 -5.42
C VAL D 446 -56.85 -5.10 -6.82
N ASN D 447 -56.22 -3.96 -7.07
CA ASN D 447 -56.37 -3.30 -8.34
C ASN D 447 -55.79 -4.11 -9.49
N CYS D 448 -54.73 -4.88 -9.24
CA CYS D 448 -54.25 -5.83 -10.25
C CYS D 448 -55.25 -6.95 -10.47
N ALA D 449 -55.74 -7.55 -9.39
CA ALA D 449 -56.75 -8.61 -9.49
C ALA D 449 -57.97 -8.16 -10.31
N LEU D 450 -58.34 -6.88 -10.18
CA LEU D 450 -59.44 -6.31 -10.94
C LEU D 450 -59.12 -6.22 -12.43
N LEU D 451 -57.95 -5.69 -12.76
CA LEU D 451 -57.53 -5.52 -14.15
C LEU D 451 -57.58 -6.83 -14.92
N LYS D 452 -57.04 -7.90 -14.33
CA LYS D 452 -57.17 -9.26 -14.88
C LYS D 452 -58.61 -9.62 -15.23
N ALA D 453 -59.49 -9.52 -14.23
CA ALA D 453 -60.90 -9.83 -14.40
C ALA D 453 -61.60 -8.86 -15.36
N TYR D 454 -61.04 -7.65 -15.49
CA TYR D 454 -61.57 -6.66 -16.42
C TYR D 454 -61.14 -6.94 -17.88
N GLY D 455 -60.29 -7.94 -18.08
CA GLY D 455 -59.94 -8.39 -19.43
C GLY D 455 -58.49 -8.18 -19.86
N LEU D 456 -57.57 -8.16 -18.90
CA LEU D 456 -56.15 -8.25 -19.21
C LEU D 456 -55.89 -9.71 -19.54
N PRO D 457 -55.12 -9.99 -20.60
CA PRO D 457 -54.92 -11.39 -20.97
C PRO D 457 -54.22 -12.25 -19.90
N SER D 458 -54.55 -13.53 -19.87
CA SER D 458 -53.88 -14.52 -19.01
C SER D 458 -52.40 -14.56 -19.33
N SER D 459 -52.08 -14.48 -20.63
CA SER D 459 -50.70 -14.46 -21.14
C SER D 459 -49.73 -13.60 -20.31
N VAL D 460 -50.23 -12.45 -19.84
CA VAL D 460 -49.41 -11.51 -19.10
C VAL D 460 -48.87 -12.12 -17.81
N LYS D 461 -47.56 -12.00 -17.62
CA LYS D 461 -46.89 -12.49 -16.41
C LYS D 461 -46.88 -11.40 -15.36
N ILE D 462 -47.34 -11.74 -14.15
CA ILE D 462 -47.38 -10.80 -13.05
C ILE D 462 -46.26 -11.10 -12.08
N VAL D 463 -45.58 -10.02 -11.66
CA VAL D 463 -44.44 -10.12 -10.77
C VAL D 463 -44.45 -8.91 -9.85
N THR D 464 -43.96 -9.10 -8.62
CA THR D 464 -43.89 -8.02 -7.64
C THR D 464 -42.43 -7.68 -7.38
N GLU D 465 -42.13 -6.40 -7.18
CA GLU D 465 -40.74 -5.96 -7.00
C GLU D 465 -40.02 -6.79 -5.93
N ASN D 466 -40.76 -7.19 -4.91
CA ASN D 466 -40.26 -8.12 -3.91
C ASN D 466 -39.79 -9.42 -4.57
N GLU D 467 -40.67 -9.96 -5.42
CA GLU D 467 -40.41 -11.23 -6.11
C GLU D 467 -39.12 -11.18 -6.91
N VAL D 468 -38.92 -10.06 -7.60
CA VAL D 468 -37.71 -9.80 -8.36
C VAL D 468 -36.51 -9.69 -7.41
N ILE D 469 -36.60 -8.78 -6.44
CA ILE D 469 -35.49 -8.52 -5.53
C ILE D 469 -35.03 -9.80 -4.84
N LEU D 470 -35.96 -10.55 -4.26
CA LEU D 470 -35.60 -11.80 -3.61
C LEU D 470 -34.98 -12.81 -4.59
N GLY D 471 -35.44 -12.80 -5.83
CA GLY D 471 -34.92 -13.68 -6.86
C GLY D 471 -33.44 -13.48 -7.13
N ASN D 472 -33.02 -12.21 -7.19
CA ASN D 472 -31.62 -11.82 -7.39
C ASN D 472 -31.28 -10.57 -6.58
N CYS D 473 -31.19 -10.73 -5.26
CA CYS D 473 -31.07 -9.58 -4.34
C CYS D 473 -29.72 -8.88 -4.41
N ASP D 474 -28.67 -9.67 -4.52
CA ASP D 474 -27.31 -9.14 -4.45
C ASP D 474 -27.05 -8.26 -5.66
N ASP D 475 -27.48 -8.75 -6.82
CA ASP D 475 -27.21 -8.07 -8.10
C ASP D 475 -28.16 -6.88 -8.34
N PHE D 476 -29.38 -6.96 -7.82
CA PHE D 476 -30.35 -5.90 -8.01
C PHE D 476 -29.86 -4.57 -7.45
N TRP D 477 -29.39 -4.59 -6.21
CA TRP D 477 -28.95 -3.36 -5.54
C TRP D 477 -27.59 -2.87 -6.07
N VAL D 478 -26.72 -3.79 -6.44
CA VAL D 478 -25.47 -3.43 -7.13
C VAL D 478 -25.74 -2.75 -8.48
N SER D 479 -26.81 -3.17 -9.16
CA SER D 479 -27.23 -2.54 -10.41
C SER D 479 -27.77 -1.13 -10.14
N VAL D 480 -28.62 -1.00 -9.13
CA VAL D 480 -29.21 0.30 -8.77
C VAL D 480 -28.14 1.36 -8.51
N ILE D 481 -27.06 0.96 -7.83
CA ILE D 481 -25.95 1.86 -7.55
C ILE D 481 -25.15 2.15 -8.81
N GLY D 482 -24.91 1.10 -9.59
CA GLY D 482 -24.17 1.19 -10.84
C GLY D 482 -24.84 2.12 -11.84
N ILE D 483 -26.17 2.05 -11.90
CA ILE D 483 -26.96 2.98 -12.69
C ILE D 483 -26.83 4.35 -12.05
N ALA D 484 -27.01 4.36 -10.73
CA ALA D 484 -26.88 5.56 -9.92
C ALA D 484 -25.71 6.42 -10.35
N ARG D 485 -24.53 5.82 -10.33
CA ARG D 485 -23.27 6.54 -10.54
C ARG D 485 -23.13 7.16 -11.92
N LYS D 486 -23.79 6.59 -12.93
CA LYS D 486 -23.68 7.06 -14.31
C LYS D 486 -24.67 8.19 -14.65
N ASN D 487 -25.42 8.66 -13.66
CA ASN D 487 -26.44 9.70 -13.89
C ASN D 487 -26.45 10.80 -12.83
N LEU D 488 -26.41 12.04 -13.29
CA LEU D 488 -26.40 13.22 -12.42
C LEU D 488 -27.76 13.41 -11.79
N LEU D 489 -27.78 13.98 -10.59
CA LEU D 489 -29.02 14.19 -9.84
C LEU D 489 -29.98 15.11 -10.57
N SER D 490 -29.44 16.15 -11.21
CA SER D 490 -30.23 17.07 -12.00
C SER D 490 -31.03 16.33 -13.07
N HIS D 491 -30.35 15.41 -13.77
CA HIS D 491 -30.95 14.62 -14.86
C HIS D 491 -32.16 13.79 -14.40
N VAL D 492 -32.12 13.25 -13.19
CA VAL D 492 -33.25 12.51 -12.63
C VAL D 492 -34.40 13.45 -12.25
N GLU D 493 -34.08 14.58 -11.63
CA GLU D 493 -35.07 15.60 -11.31
C GLU D 493 -35.85 16.04 -12.56
N GLU D 494 -35.15 16.19 -13.69
CA GLU D 494 -35.76 16.59 -14.97
C GLU D 494 -36.85 15.61 -15.42
N LEU D 495 -36.61 14.32 -15.21
CA LEU D 495 -37.63 13.31 -15.49
C LEU D 495 -38.90 13.58 -14.68
N TYR D 496 -38.74 14.06 -13.44
CA TYR D 496 -39.86 14.39 -12.55
C TYR D 496 -40.41 15.81 -12.72
N GLY D 497 -40.00 16.51 -13.77
CA GLY D 497 -40.51 17.84 -14.08
C GLY D 497 -39.80 18.92 -13.29
N GLY D 498 -38.48 18.78 -13.16
CA GLY D 498 -37.63 19.79 -12.51
C GLY D 498 -37.64 19.73 -11.00
N GLU D 499 -38.61 19.03 -10.43
CA GLU D 499 -38.80 18.98 -8.98
C GLU D 499 -39.14 17.55 -8.55
N VAL D 500 -38.48 17.10 -7.47
CA VAL D 500 -38.85 15.86 -6.80
C VAL D 500 -39.49 16.15 -5.44
N ARG D 501 -40.63 15.48 -5.19
CA ARG D 501 -41.36 15.54 -3.93
C ARG D 501 -40.47 15.18 -2.74
N ASN D 502 -39.85 14.00 -2.81
CA ASN D 502 -38.96 13.48 -1.77
C ASN D 502 -37.74 12.82 -2.42
N ALA D 503 -36.77 12.45 -1.60
CA ALA D 503 -35.56 11.76 -2.08
C ALA D 503 -35.84 10.33 -2.55
N GLY D 504 -36.94 9.76 -2.08
CA GLY D 504 -37.35 8.41 -2.50
C GLY D 504 -37.64 8.31 -3.99
N GLN D 505 -38.27 9.35 -4.54
CA GLN D 505 -38.58 9.38 -5.97
C GLN D 505 -37.36 9.11 -6.84
N VAL D 506 -36.21 9.68 -6.43
CA VAL D 506 -34.92 9.40 -7.09
C VAL D 506 -34.61 7.91 -7.14
N ILE D 507 -34.75 7.24 -6.00
CA ILE D 507 -34.47 5.81 -5.91
C ILE D 507 -35.44 5.01 -6.78
N ALA D 508 -36.72 5.37 -6.74
CA ALA D 508 -37.74 4.65 -7.49
C ALA D 508 -37.34 4.56 -8.97
N ALA D 509 -36.94 5.70 -9.55
CA ALA D 509 -36.53 5.75 -10.95
C ALA D 509 -35.38 4.77 -11.22
N LEU D 510 -34.40 4.75 -10.32
CA LEU D 510 -33.29 3.81 -10.41
C LEU D 510 -33.83 2.38 -10.41
N MET D 511 -34.60 2.06 -9.39
CA MET D 511 -35.18 0.72 -9.25
C MET D 511 -35.91 0.26 -10.52
N ARG D 512 -36.62 1.18 -11.17
CA ARG D 512 -37.35 0.85 -12.41
C ARG D 512 -36.41 0.41 -13.53
N VAL D 513 -35.33 1.18 -13.74
CA VAL D 513 -34.34 0.81 -14.75
C VAL D 513 -33.67 -0.48 -14.31
N ALA D 514 -33.35 -0.58 -13.02
CA ALA D 514 -32.82 -1.81 -12.44
C ALA D 514 -33.72 -3.00 -12.79
N THR D 515 -35.01 -2.81 -12.58
CA THR D 515 -35.97 -3.87 -12.86
C THR D 515 -36.02 -4.18 -14.33
N ALA D 516 -36.14 -3.13 -15.14
CA ALA D 516 -36.16 -3.29 -16.60
C ALA D 516 -35.01 -4.19 -17.05
N LEU D 517 -33.80 -3.87 -16.59
CA LEU D 517 -32.62 -4.62 -16.98
C LEU D 517 -32.71 -6.06 -16.51
N MET D 518 -32.94 -6.25 -15.22
CA MET D 518 -33.07 -7.61 -14.68
C MET D 518 -34.20 -8.41 -15.35
N LEU D 519 -35.30 -7.73 -15.68
CA LEU D 519 -36.40 -8.39 -16.36
C LEU D 519 -36.03 -8.80 -17.79
N SER D 520 -34.99 -8.20 -18.36
CA SER D 520 -34.53 -8.56 -19.69
C SER D 520 -35.57 -8.03 -20.67
N VAL D 521 -35.70 -6.71 -20.70
CA VAL D 521 -36.81 -6.05 -21.38
C VAL D 521 -36.39 -5.36 -22.68
N SER D 522 -37.25 -5.45 -23.69
CA SER D 522 -37.06 -4.74 -24.97
C SER D 522 -37.95 -3.51 -25.09
N HIS D 523 -39.09 -3.51 -24.40
CA HIS D 523 -40.00 -2.37 -24.42
C HIS D 523 -40.48 -2.01 -23.01
N VAL D 524 -40.51 -0.72 -22.71
CA VAL D 524 -41.13 -0.24 -21.48
C VAL D 524 -42.44 0.49 -21.84
N ILE D 525 -43.49 0.16 -21.10
CA ILE D 525 -44.84 0.72 -21.32
C ILE D 525 -45.16 1.79 -20.28
N SER D 526 -45.41 3.00 -20.75
CA SER D 526 -45.76 4.10 -19.85
C SER D 526 -47.26 4.36 -19.88
N THR D 527 -47.86 4.43 -18.70
CA THR D 527 -49.19 4.97 -18.56
C THR D 527 -49.03 6.49 -18.60
N SER D 528 -50.12 7.22 -18.35
CA SER D 528 -50.03 8.67 -18.22
C SER D 528 -49.46 9.00 -16.85
N LEU D 529 -49.76 8.14 -15.89
CA LEU D 529 -49.36 8.33 -14.49
C LEU D 529 -47.85 8.17 -14.28
N ASP D 530 -47.23 7.37 -15.14
CA ASP D 530 -45.78 7.20 -15.12
C ASP D 530 -45.12 8.47 -15.63
N GLY D 531 -45.63 8.98 -16.74
CA GLY D 531 -45.06 10.16 -17.39
C GLY D 531 -43.69 9.83 -17.95
N HIS D 532 -42.73 10.71 -17.65
CA HIS D 532 -41.36 10.58 -18.18
C HIS D 532 -40.43 9.73 -17.32
N ILE D 533 -40.96 9.18 -16.22
CA ILE D 533 -40.19 8.27 -15.36
C ILE D 533 -39.53 7.15 -16.17
N ASN D 534 -40.35 6.45 -16.95
CA ASN D 534 -39.90 5.27 -17.70
C ASN D 534 -38.82 5.54 -18.73
N ALA D 535 -38.86 6.72 -19.35
CA ALA D 535 -37.90 7.09 -20.40
C ALA D 535 -36.46 6.98 -19.90
N PHE D 536 -36.28 6.99 -18.59
CA PHE D 536 -34.97 6.80 -18.01
C PHE D 536 -34.34 5.49 -18.46
N ALA D 537 -35.15 4.43 -18.52
CA ALA D 537 -34.66 3.13 -18.99
C ALA D 537 -34.16 3.17 -20.44
N ARG D 538 -34.81 3.95 -21.29
CA ARG D 538 -34.45 4.07 -22.71
C ARG D 538 -33.14 4.85 -22.91
N GLU D 539 -32.94 5.89 -22.10
CA GLU D 539 -31.69 6.68 -22.17
C GLU D 539 -30.53 5.83 -21.69
N TYR D 540 -30.72 5.22 -20.53
CA TYR D 540 -29.68 4.38 -19.93
C TYR D 540 -29.25 3.23 -20.85
N THR D 541 -30.21 2.47 -21.37
CA THR D 541 -29.90 1.41 -22.34
C THR D 541 -29.40 1.97 -23.69
N LYS D 542 -29.27 3.30 -23.77
CA LYS D 542 -28.77 3.99 -24.96
C LYS D 542 -29.64 3.71 -26.18
N GLU D 543 -30.94 3.93 -26.02
CA GLU D 543 -31.93 3.82 -27.11
C GLU D 543 -32.14 2.37 -27.60
N ARG D 544 -31.67 1.39 -26.84
CA ARG D 544 -31.93 -0.02 -27.13
C ARG D 544 -33.38 -0.35 -26.77
N ILE D 545 -33.76 -0.02 -25.55
CA ILE D 545 -35.14 -0.19 -25.10
C ILE D 545 -36.00 0.90 -25.72
N ASP D 546 -37.02 0.49 -26.45
CA ASP D 546 -37.97 1.42 -27.07
C ASP D 546 -38.99 1.80 -26.02
N CYS D 547 -39.70 2.91 -26.23
CA CYS D 547 -40.75 3.35 -25.29
C CYS D 547 -42.15 3.28 -25.90
N VAL D 548 -43.06 2.60 -25.19
CA VAL D 548 -44.44 2.43 -25.64
C VAL D 548 -45.39 3.23 -24.76
N GLN D 549 -46.14 4.14 -25.38
CA GLN D 549 -47.12 4.95 -24.66
C GLN D 549 -48.52 4.38 -24.79
N THR D 550 -49.26 4.44 -23.70
CA THR D 550 -50.60 3.92 -23.63
C THR D 550 -51.58 4.92 -24.25
N LEU D 551 -52.66 4.41 -24.84
CA LEU D 551 -53.67 5.25 -25.46
C LEU D 551 -54.84 5.47 -24.51
N GLU D 552 -54.84 6.63 -23.86
CA GLU D 552 -55.87 6.99 -22.89
C GLU D 552 -56.63 8.20 -23.42
N GLY D 553 -57.59 8.69 -22.64
CA GLY D 553 -58.54 9.70 -23.13
C GLY D 553 -59.69 9.08 -23.90
N ARG D 554 -59.79 7.75 -23.85
CA ARG D 554 -60.90 7.02 -24.45
C ARG D 554 -62.16 7.11 -23.58
N ILE D 555 -61.97 7.01 -22.26
CA ILE D 555 -63.05 7.25 -21.28
C ILE D 555 -62.75 8.51 -20.47
N PRO D 556 -63.52 9.59 -20.68
CA PRO D 556 -63.26 10.85 -19.98
C PRO D 556 -63.96 10.95 -18.63
N ALA D 557 -63.80 12.11 -18.00
CA ALA D 557 -64.57 12.46 -16.81
C ALA D 557 -66.03 12.77 -17.20
N LEU D 558 -66.94 12.47 -16.30
CA LEU D 558 -68.37 12.52 -16.60
C LEU D 558 -68.99 13.92 -16.52
N HIS D 559 -68.32 14.85 -15.85
CA HIS D 559 -68.85 16.22 -15.71
C HIS D 559 -68.80 16.99 -17.03
N ARG D 560 -69.59 18.06 -17.11
CA ARG D 560 -69.67 18.89 -18.30
C ARG D 560 -68.32 19.56 -18.58
N PRO D 561 -68.03 19.86 -19.86
CA PRO D 561 -66.90 20.76 -20.15
C PRO D 561 -67.19 22.19 -19.68
N GLY D 562 -66.34 22.71 -18.81
CA GLY D 562 -66.52 24.04 -18.23
C GLY D 562 -66.21 24.08 -16.74
N ALA D 570 -65.28 15.78 -5.93
CA ALA D 570 -64.80 15.57 -7.30
C ALA D 570 -64.73 14.08 -7.66
N ASP D 571 -65.87 13.39 -7.53
CA ASP D 571 -65.97 11.95 -7.83
C ASP D 571 -66.89 11.71 -9.04
N ASP D 572 -66.29 11.79 -10.22
CA ASP D 572 -67.00 11.66 -11.49
C ASP D 572 -66.24 10.82 -12.56
N VAL D 573 -65.18 10.12 -12.18
CA VAL D 573 -64.48 9.22 -13.13
C VAL D 573 -64.73 7.76 -12.75
N LEU D 574 -64.88 6.90 -13.75
CA LEU D 574 -65.09 5.46 -13.51
C LEU D 574 -63.80 4.84 -13.01
N TYR D 575 -63.86 4.13 -11.89
CA TYR D 575 -62.71 3.42 -11.35
C TYR D 575 -62.93 1.90 -11.39
N LEU D 576 -61.83 1.14 -11.39
CA LEU D 576 -61.91 -0.32 -11.42
C LEU D 576 -62.73 -0.91 -10.29
N ASP D 577 -62.51 -0.40 -9.09
CA ASP D 577 -63.20 -0.93 -7.89
C ASP D 577 -64.65 -0.44 -7.73
N ASP D 578 -65.18 0.27 -8.73
CA ASP D 578 -66.59 0.68 -8.72
C ASP D 578 -67.51 -0.53 -8.67
N ASN D 579 -68.34 -0.60 -7.61
CA ASN D 579 -69.39 -1.61 -7.50
C ASN D 579 -70.65 -1.16 -8.25
N ASP D 580 -71.68 -1.98 -8.21
CA ASP D 580 -72.94 -1.74 -8.94
C ASP D 580 -73.51 -0.35 -8.69
N MET D 581 -73.63 0.02 -7.42
CA MET D 581 -74.26 1.29 -7.04
C MET D 581 -73.45 2.51 -7.48
N ASP D 582 -72.12 2.41 -7.38
CA ASP D 582 -71.20 3.52 -7.73
C ASP D 582 -71.28 3.94 -9.20
N ILE D 583 -71.49 2.97 -10.09
CA ILE D 583 -71.57 3.24 -11.52
C ILE D 583 -72.87 3.96 -11.83
N ARG D 584 -73.98 3.34 -11.44
CA ARG D 584 -75.32 3.89 -11.65
C ARG D 584 -75.43 5.34 -11.20
N ARG D 585 -74.83 5.64 -10.06
CA ARG D 585 -74.82 6.99 -9.52
C ARG D 585 -74.03 7.90 -10.46
N LYS D 586 -72.85 7.45 -10.86
CA LYS D 586 -71.93 8.26 -11.67
C LYS D 586 -72.48 8.58 -13.06
N ILE D 587 -73.16 7.60 -13.67
CA ILE D 587 -73.83 7.83 -14.96
C ILE D 587 -74.99 8.82 -14.79
N LYS D 588 -75.74 8.70 -13.70
CA LYS D 588 -76.87 9.60 -13.43
C LYS D 588 -76.44 11.06 -13.43
N LYS D 589 -75.26 11.34 -12.86
CA LYS D 589 -74.71 12.69 -12.84
C LYS D 589 -74.07 13.10 -14.17
N ALA D 590 -73.60 12.14 -14.94
CA ALA D 590 -72.84 12.40 -16.18
C ALA D 590 -73.55 13.36 -17.13
N TYR D 591 -72.79 14.31 -17.68
CA TYR D 591 -73.37 15.41 -18.48
C TYR D 591 -73.84 14.96 -19.87
N SER D 592 -75.05 15.40 -20.22
CA SER D 592 -75.56 15.23 -21.58
C SER D 592 -76.66 16.27 -21.83
N ALA D 593 -76.97 16.49 -23.09
CA ALA D 593 -78.07 17.38 -23.47
C ALA D 593 -78.71 16.91 -24.76
N PRO D 594 -80.01 17.20 -24.95
CA PRO D 594 -80.62 16.88 -26.24
C PRO D 594 -80.02 17.71 -27.37
N ASN D 595 -80.12 17.18 -28.59
CA ASN D 595 -79.64 17.87 -29.79
C ASN D 595 -78.15 18.24 -29.72
N GLU D 596 -77.37 17.38 -29.07
CA GLU D 596 -75.92 17.59 -28.95
C GLU D 596 -75.18 16.53 -29.75
N GLU D 597 -74.09 16.94 -30.38
CA GLU D 597 -73.23 16.03 -31.12
C GLU D 597 -72.28 15.30 -30.17
N ALA D 598 -71.56 16.05 -29.34
CA ALA D 598 -70.50 15.48 -28.50
C ALA D 598 -70.72 15.75 -27.00
N ASN D 599 -70.48 14.73 -26.19
CA ASN D 599 -70.59 14.81 -24.74
C ASN D 599 -69.90 13.59 -24.15
N PRO D 600 -69.68 13.56 -22.81
CA PRO D 600 -69.07 12.40 -22.16
C PRO D 600 -69.82 11.07 -22.39
N VAL D 601 -71.14 11.07 -22.24
CA VAL D 601 -71.92 9.84 -22.47
C VAL D 601 -71.70 9.30 -23.88
N ILE D 602 -71.60 10.21 -24.86
CA ILE D 602 -71.36 9.85 -26.25
C ILE D 602 -69.97 9.24 -26.44
N SER D 603 -68.94 9.98 -26.03
CA SER D 603 -67.59 9.46 -26.07
C SER D 603 -67.58 8.04 -25.54
N VAL D 604 -68.07 7.87 -24.31
CA VAL D 604 -68.08 6.56 -23.67
C VAL D 604 -68.73 5.57 -24.63
N ALA D 605 -69.98 5.84 -24.98
CA ALA D 605 -70.72 5.00 -25.93
C ALA D 605 -69.83 4.58 -27.08
N GLN D 606 -69.15 5.54 -27.70
CA GLN D 606 -68.32 5.25 -28.87
C GLN D 606 -67.24 4.23 -28.54
N HIS D 607 -66.51 4.46 -27.46
CA HIS D 607 -65.43 3.54 -27.07
C HIS D 607 -65.90 2.10 -26.93
N LEU D 608 -67.10 1.91 -26.39
CA LEU D 608 -67.63 0.57 -26.13
C LEU D 608 -68.06 -0.11 -27.43
N LEU D 609 -68.85 0.60 -28.24
CA LEU D 609 -69.20 0.13 -29.60
C LEU D 609 -67.94 -0.31 -30.34
N ALA D 610 -66.86 0.46 -30.18
CA ALA D 610 -65.55 0.12 -30.71
C ALA D 610 -65.02 -1.15 -30.05
N GLN D 611 -65.14 -1.19 -28.73
CA GLN D 611 -64.52 -2.25 -27.93
C GLN D 611 -65.18 -3.61 -28.17
N HIS D 612 -66.49 -3.65 -28.05
CA HIS D 612 -67.26 -4.83 -28.48
C HIS D 612 -67.17 -4.96 -30.01
N GLY D 613 -67.71 -3.97 -30.71
CA GLY D 613 -67.88 -4.03 -32.17
C GLY D 613 -69.30 -3.70 -32.64
N ALA D 614 -70.18 -3.37 -31.69
CA ALA D 614 -71.60 -3.10 -31.99
C ALA D 614 -72.36 -2.74 -30.71
N LEU D 615 -73.30 -1.80 -30.83
CA LEU D 615 -74.11 -1.33 -29.72
C LEU D 615 -75.58 -1.42 -30.07
N SER D 616 -76.37 -2.09 -29.23
CA SER D 616 -77.82 -2.16 -29.41
C SER D 616 -78.50 -1.48 -28.22
N ILE D 617 -79.44 -0.59 -28.51
CA ILE D 617 -80.12 0.17 -27.45
C ILE D 617 -81.63 -0.08 -27.45
N GLU D 618 -82.21 -0.18 -26.26
CA GLU D 618 -83.60 -0.61 -26.11
C GLU D 618 -84.59 0.55 -25.99
N ARG D 619 -85.57 0.58 -26.89
CA ARG D 619 -86.69 1.53 -26.82
C ARG D 619 -88.04 0.87 -27.12
N GLY D 620 -89.10 1.41 -26.53
CA GLY D 620 -90.45 0.85 -26.68
C GLY D 620 -91.09 1.12 -28.02
N GLU D 621 -92.34 0.68 -28.17
CA GLU D 621 -93.09 0.82 -29.42
C GLU D 621 -93.34 2.28 -29.75
N ALA D 622 -93.39 2.58 -31.05
CA ALA D 622 -93.64 3.94 -31.56
C ALA D 622 -92.53 4.93 -31.19
N ASN D 623 -92.10 4.91 -29.94
CA ASN D 623 -91.00 5.76 -29.46
C ASN D 623 -89.62 5.21 -29.85
N GLY D 624 -89.38 5.11 -31.17
CA GLY D 624 -88.10 4.66 -31.71
C GLY D 624 -88.02 3.17 -31.96
N GLY D 625 -88.39 2.37 -30.97
CA GLY D 625 -88.28 0.91 -31.05
C GLY D 625 -86.86 0.46 -30.82
N ASN D 626 -86.68 -0.83 -30.53
CA ASN D 626 -85.33 -1.37 -30.38
C ASN D 626 -84.52 -1.12 -31.64
N VAL D 627 -83.28 -0.68 -31.46
CA VAL D 627 -82.42 -0.29 -32.56
C VAL D 627 -80.97 -0.44 -32.15
N SER D 628 -80.12 -0.85 -33.10
CA SER D 628 -78.71 -1.03 -32.82
C SER D 628 -77.87 0.01 -33.57
N TYR D 629 -76.59 0.05 -33.23
CA TYR D 629 -75.64 0.96 -33.87
C TYR D 629 -74.32 0.24 -34.17
N ASN D 630 -73.95 0.27 -35.45
CA ASN D 630 -72.78 -0.46 -35.96
C ASN D 630 -71.58 0.45 -36.23
N THR D 631 -71.79 1.75 -36.11
CA THR D 631 -70.79 2.75 -36.52
C THR D 631 -70.86 4.01 -35.66
N PRO D 632 -69.71 4.70 -35.47
CA PRO D 632 -69.69 5.96 -34.70
C PRO D 632 -70.44 7.13 -35.37
N GLU D 633 -70.23 7.30 -36.67
CA GLU D 633 -70.85 8.38 -37.45
C GLU D 633 -72.38 8.34 -37.33
N ALA D 634 -72.94 7.13 -37.42
CA ALA D 634 -74.39 6.91 -37.33
C ALA D 634 -74.95 7.33 -35.97
N LEU D 635 -74.18 7.04 -34.92
CA LEU D 635 -74.56 7.40 -33.56
C LEU D 635 -74.57 8.92 -33.38
N VAL D 636 -73.45 9.56 -33.72
CA VAL D 636 -73.33 11.02 -33.55
C VAL D 636 -74.44 11.79 -34.29
N ALA D 637 -74.78 11.34 -35.50
CA ALA D 637 -75.77 12.03 -36.32
C ALA D 637 -77.21 11.85 -35.84
N ASP D 638 -77.46 10.81 -35.05
CA ASP D 638 -78.81 10.55 -34.53
C ASP D 638 -79.09 11.22 -33.18
N CYS D 639 -78.06 11.44 -32.37
CA CYS D 639 -78.21 12.17 -31.11
C CYS D 639 -78.13 13.68 -31.31
N GLY D 640 -77.26 14.12 -32.20
CA GLY D 640 -77.08 15.55 -32.51
C GLY D 640 -78.29 16.20 -33.15
N SER D 641 -79.00 15.42 -33.97
CA SER D 641 -80.28 15.83 -34.50
C SER D 641 -81.09 14.58 -34.83
N GLY D 642 -82.16 14.37 -34.07
CA GLY D 642 -83.02 13.20 -34.26
C GLY D 642 -83.24 12.45 -32.96
N ALA D 643 -84.23 11.56 -32.98
CA ALA D 643 -84.64 10.82 -31.78
C ALA D 643 -83.71 9.65 -31.50
N LEU D 644 -82.57 9.98 -30.91
CA LEU D 644 -81.86 9.08 -30.00
C LEU D 644 -81.71 9.91 -28.73
N HIS D 645 -82.64 9.72 -27.80
CA HIS D 645 -82.67 10.51 -26.57
C HIS D 645 -81.50 10.16 -25.64
N PRO D 646 -80.92 11.17 -24.96
CA PRO D 646 -79.81 10.92 -24.03
C PRO D 646 -80.15 9.87 -22.96
N ALA D 647 -81.42 9.81 -22.56
CA ALA D 647 -81.90 8.80 -21.62
C ALA D 647 -81.65 7.39 -22.15
N ASP D 648 -82.12 7.14 -23.36
CA ASP D 648 -82.06 5.80 -23.95
C ASP D 648 -80.63 5.31 -24.20
N LEU D 649 -79.71 6.24 -24.41
CA LEU D 649 -78.29 5.93 -24.61
C LEU D 649 -77.60 5.61 -23.29
N LYS D 650 -77.87 6.42 -22.26
CA LYS D 650 -77.32 6.18 -20.94
C LYS D 650 -77.80 4.82 -20.41
N ALA D 651 -79.07 4.51 -20.58
CA ALA D 651 -79.58 3.19 -20.22
C ALA D 651 -78.70 2.10 -20.82
N ALA D 652 -78.49 2.17 -22.13
CA ALA D 652 -77.71 1.18 -22.87
C ALA D 652 -76.23 1.21 -22.51
N VAL D 653 -75.70 2.40 -22.21
CA VAL D 653 -74.30 2.55 -21.79
C VAL D 653 -74.08 1.90 -20.43
N LEU D 654 -74.88 2.33 -19.45
CA LEU D 654 -74.86 1.80 -18.08
C LEU D 654 -74.94 0.28 -18.01
N GLN D 655 -75.85 -0.32 -18.78
CA GLN D 655 -76.08 -1.77 -18.71
C GLN D 655 -74.88 -2.57 -19.21
N LEU D 656 -74.19 -2.05 -20.23
CA LEU D 656 -72.98 -2.68 -20.74
C LEU D 656 -71.81 -2.58 -19.75
N LEU D 657 -71.62 -1.39 -19.16
CA LEU D 657 -70.59 -1.21 -18.15
C LEU D 657 -70.75 -2.22 -17.00
N LEU D 658 -72.00 -2.50 -16.64
CA LEU D 658 -72.30 -3.50 -15.62
C LEU D 658 -71.90 -4.89 -16.11
N ASP D 659 -72.43 -5.29 -17.27
CA ASP D 659 -72.09 -6.57 -17.90
C ASP D 659 -70.59 -6.84 -17.87
N ARG D 660 -69.83 -5.88 -18.39
CA ARG D 660 -68.37 -5.98 -18.47
C ARG D 660 -67.72 -6.21 -17.13
N SER D 661 -68.09 -5.38 -16.14
CA SER D 661 -67.46 -5.44 -14.80
C SER D 661 -67.88 -6.66 -13.97
N ALA D 662 -68.94 -7.35 -14.41
CA ALA D 662 -69.48 -8.54 -13.73
C ALA D 662 -68.45 -9.23 -12.84
N GLN D 663 -67.36 -9.69 -13.45
CA GLN D 663 -66.35 -10.46 -12.76
C GLN D 663 -65.64 -9.63 -11.69
N ALA D 664 -65.34 -8.39 -12.03
CA ALA D 664 -64.59 -7.49 -11.15
C ALA D 664 -65.34 -7.24 -9.85
N ARG D 665 -66.58 -6.77 -9.99
CA ARG D 665 -67.42 -6.42 -8.84
C ARG D 665 -67.76 -7.65 -7.99
N ALA D 666 -67.77 -8.82 -8.63
CA ALA D 666 -67.95 -10.10 -7.96
C ALA D 666 -66.77 -10.45 -7.05
N LEU D 667 -65.57 -10.06 -7.45
CA LEU D 667 -64.38 -10.27 -6.61
C LEU D 667 -64.37 -9.32 -5.41
N LEU D 668 -64.76 -8.06 -5.61
CA LEU D 668 -64.80 -7.05 -4.55
C LEU D 668 -65.56 -7.56 -3.34
N ASN D 669 -66.75 -8.10 -3.60
CA ASN D 669 -67.64 -8.58 -2.55
C ASN D 669 -67.27 -9.99 -2.04
N GLY D 670 -66.39 -10.69 -2.74
CA GLY D 670 -66.08 -12.08 -2.43
C GLY D 670 -64.64 -12.31 -1.99
N GLU D 671 -63.75 -12.42 -2.98
CA GLU D 671 -62.34 -12.73 -2.73
C GLU D 671 -61.65 -11.60 -1.96
N LEU D 672 -61.78 -10.38 -2.48
CA LEU D 672 -60.95 -9.24 -2.08
C LEU D 672 -61.53 -8.42 -0.92
N LYS D 673 -62.48 -9.01 -0.20
CA LYS D 673 -63.15 -8.32 0.92
C LYS D 673 -62.18 -7.97 2.03
N LYS D 674 -61.42 -8.97 2.49
CA LYS D 674 -60.42 -8.74 3.54
C LYS D 674 -59.52 -7.56 3.17
N ASN D 675 -58.98 -7.56 1.95
CA ASN D 675 -58.15 -6.48 1.50
C ASN D 675 -58.91 -5.16 1.38
N MET D 676 -60.13 -5.22 0.85
CA MET D 676 -60.91 -4.01 0.59
C MET D 676 -61.14 -3.16 1.85
N THR D 677 -61.15 -3.79 3.02
CA THR D 677 -61.23 -3.03 4.28
C THR D 677 -59.94 -2.23 4.49
N VAL D 678 -58.80 -2.89 4.27
CA VAL D 678 -57.49 -2.22 4.40
C VAL D 678 -57.46 -0.90 3.63
N LEU D 679 -57.90 -0.96 2.38
CA LEU D 679 -57.94 0.22 1.53
C LEU D 679 -58.71 1.38 2.18
N ARG D 680 -60.02 1.22 2.41
CA ARG D 680 -60.83 2.33 2.93
C ARG D 680 -60.38 2.85 4.31
N ASN D 681 -59.56 2.07 5.01
CA ASN D 681 -58.86 2.56 6.20
C ASN D 681 -57.71 3.49 5.81
N ALA D 682 -56.98 3.10 4.78
CA ALA D 682 -55.98 3.98 4.18
C ALA D 682 -56.64 5.32 3.85
N GLU D 683 -57.71 5.26 3.06
CA GLU D 683 -58.45 6.47 2.67
C GLU D 683 -58.75 7.34 3.90
N LYS D 684 -59.22 6.71 4.97
CA LYS D 684 -59.57 7.45 6.20
C LYS D 684 -58.37 8.13 6.88
N LYS D 685 -57.17 7.55 6.75
CA LYS D 685 -55.97 8.19 7.26
C LYS D 685 -55.71 9.48 6.47
N MET D 686 -55.53 9.31 5.15
CA MET D 686 -55.20 10.42 4.25
C MET D 686 -56.18 11.57 4.38
N ALA D 687 -57.46 11.22 4.55
CA ALA D 687 -58.50 12.22 4.76
C ALA D 687 -58.05 13.26 5.79
N LYS D 688 -57.44 12.78 6.88
CA LYS D 688 -56.96 13.66 7.94
C LYS D 688 -55.83 14.57 7.44
N LYS D 689 -54.86 13.97 6.76
CA LYS D 689 -53.63 14.65 6.37
C LYS D 689 -52.91 13.92 5.23
#